data_8FHY
#
_entry.id   8FHY
#
_cell.length_a   118.919
_cell.length_b   84.127
_cell.length_c   119.859
_cell.angle_alpha   90.00
_cell.angle_beta   113.68
_cell.angle_gamma   90.00
#
_symmetry.space_group_name_H-M   'P 1 21 1'
#
loop_
_entity.id
_entity.type
_entity.pdbx_description
1 polymer 'Spike protein S1'
2 polymer 'WRAIR-5021 Fab Light chain'
3 polymer 'WRAIR-5021 Fab Heavy chain'
4 non-polymer GLYCEROL
5 non-polymer 2-acetamido-2-deoxy-beta-D-glucopyranose
6 non-polymer 'MALONATE ION'
7 water water
#
loop_
_entity_poly.entity_id
_entity_poly.type
_entity_poly.pdbx_seq_one_letter_code
_entity_poly.pdbx_strand_id
1 'polypeptide(L)'
;NITNLCPFGEVFNATRFASVYAWNRKRISNCVADYSVLYNSASFSTFKCYGVSPTKLNDLCFTNVYADSFVIRGDEVRQI
APGQTGKIADYNYKLPDDFTGCVIAWNSNNLDSKVGGNYNYLYRLFRKSNLKPFERDISTEIYQAGSTPCNGVEGFNCYF
PLQSYGFQPTNGVGYQPYRVVVLSFELLHAPATVCGPGSHHHHHH
;
I,A,D
2 'polypeptide(L)'
;DIQMTQSPSSLSASVGDTVTITCRASQGISNFLNWYQQKPGKAPKLLIYDASRLESGVPSRFSGSGSGTEFTLTISSLQP
EDFATYHCLQYDSDPFIFGPGTKVDIKRTVAAPSVFIFPPSDEQLKSGTASVVCLLNNFYPREAKVQWKVDNALQSGNSQ
ESVTEQDSKDSTYSLSSTLTLSKADYEKHKVYACEVTHQGLSSPVTKSFNRGEC
;
L,B,E
3 'polypeptide(L)'
;QVQLQESGPGLVKPSETLSLTCAVSGYSISSGYYWGWIRQPPGKGLEYIGYFSGTTGSTYYNPSLKSRVTISKDTSKNQF
SLKLNSVTAADTAVYYCARQPPRFDVWGPGVLVTVSTASTKGPSVFPLAPSSRSTSESTAALGCLVKDYFPEPVTVSWNS
GSLTSGVHTFPAVLQSSGLYSLSSVVTVPSSSLGTQTYVCNVNHKPSNTKVDKRVEIKTC
;
H,C,F
#
loop_
_chem_comp.id
_chem_comp.type
_chem_comp.name
_chem_comp.formula
GOL non-polymer GLYCEROL 'C3 H8 O3'
MLI non-polymer 'MALONATE ION' 'C3 H2 O4 -2'
NAG D-saccharide, beta linking 2-acetamido-2-deoxy-beta-D-glucopyranose 'C8 H15 N O6'
#
# COMPACT_ATOMS: atom_id res chain seq x y z
N ASN A 4 25.99 60.27 30.00
CA ASN A 4 26.78 59.17 30.56
C ASN A 4 25.89 58.04 31.10
N LEU A 5 24.57 58.20 30.95
CA LEU A 5 23.62 57.23 31.45
C LEU A 5 23.30 56.19 30.39
N CYS A 6 23.04 54.96 30.85
CA CYS A 6 22.73 53.89 29.93
C CYS A 6 21.38 54.13 29.25
N PRO A 7 21.24 53.74 27.98
CA PRO A 7 20.00 54.03 27.23
C PRO A 7 18.89 53.02 27.50
N PHE A 8 18.53 52.86 28.78
CA PHE A 8 17.44 51.95 29.12
C PHE A 8 16.10 52.49 28.64
N GLY A 9 15.92 53.81 28.63
CA GLY A 9 14.67 54.37 28.13
C GLY A 9 14.44 54.03 26.66
N GLU A 10 15.50 53.98 25.87
CA GLU A 10 15.35 53.64 24.45
C GLU A 10 14.73 52.27 24.27
N VAL A 11 14.94 51.36 25.22
CA VAL A 11 14.42 50.00 25.10
C VAL A 11 13.03 49.89 25.69
N PHE A 12 12.84 50.36 26.92
CA PHE A 12 11.55 50.19 27.59
C PHE A 12 10.47 51.04 26.96
N ASN A 13 10.81 52.27 26.57
CA ASN A 13 9.83 53.23 26.06
C ASN A 13 9.77 53.25 24.54
N ALA A 14 10.37 52.27 23.87
CA ALA A 14 10.33 52.23 22.42
C ALA A 14 8.90 52.15 21.92
N THR A 15 8.59 52.93 20.88
CA THR A 15 7.23 52.93 20.33
C THR A 15 6.99 51.57 19.71
N ARG A 16 7.94 51.08 18.92
CA ARG A 16 7.79 49.80 18.20
C ARG A 16 8.50 48.68 18.95
N PHE A 17 7.93 47.47 18.97
CA PHE A 17 8.47 46.28 19.59
C PHE A 17 8.55 45.17 18.55
N ALA A 18 9.57 44.33 18.67
CA ALA A 18 9.77 43.26 17.73
C ALA A 18 8.91 42.05 18.06
N SER A 19 8.67 41.24 17.04
CA SER A 19 8.07 39.93 17.25
C SER A 19 9.05 39.02 18.00
N VAL A 20 8.50 38.08 18.76
CA VAL A 20 9.33 37.24 19.62
C VAL A 20 10.31 36.43 18.78
N TYR A 21 9.88 35.91 17.62
CA TYR A 21 10.77 35.11 16.80
C TYR A 21 11.93 35.93 16.25
N ALA A 22 11.76 37.25 16.11
CA ALA A 22 12.81 38.12 15.60
C ALA A 22 13.21 39.13 16.66
N TRP A 23 13.39 38.65 17.89
CA TRP A 23 13.57 39.53 19.04
C TRP A 23 14.75 40.47 18.84
N ASN A 24 14.58 41.71 19.28
CA ASN A 24 15.64 42.71 19.23
C ASN A 24 16.60 42.53 20.39
N ARG A 25 17.87 42.85 20.12
CA ARG A 25 18.89 42.86 21.15
C ARG A 25 19.62 44.20 21.12
N LYS A 26 19.67 44.86 22.27
CA LYS A 26 20.38 46.13 22.43
C LYS A 26 21.60 45.89 23.30
N ARG A 27 22.78 46.08 22.72
CA ARG A 27 24.02 45.98 23.48
C ARG A 27 24.30 47.30 24.17
N ILE A 28 24.59 47.24 25.47
CA ILE A 28 24.74 48.43 26.30
C ILE A 28 26.13 48.42 26.91
N SER A 29 26.87 49.51 26.71
CA SER A 29 28.23 49.61 27.21
C SER A 29 28.60 51.08 27.37
N ASN A 30 29.64 51.32 28.17
CA ASN A 30 30.19 52.65 28.38
C ASN A 30 29.11 53.60 28.91
N CYS A 31 28.59 53.27 30.10
CA CYS A 31 27.58 54.09 30.73
C CYS A 31 27.41 53.65 32.17
N VAL A 32 26.83 54.54 32.98
CA VAL A 32 26.37 54.19 34.32
C VAL A 32 24.90 53.81 34.22
N ALA A 33 24.53 52.71 34.87
CA ALA A 33 23.21 52.11 34.70
C ALA A 33 22.32 52.51 35.87
N ASP A 34 21.35 53.38 35.60
CA ASP A 34 20.38 53.80 36.62
C ASP A 34 19.24 52.80 36.64
N TYR A 35 19.35 51.81 37.53
CA TYR A 35 18.28 50.85 37.72
C TYR A 35 17.19 51.37 38.66
N SER A 36 17.41 52.54 39.28
CA SER A 36 16.39 53.10 40.16
C SER A 36 15.10 53.38 39.40
N VAL A 37 15.21 53.90 38.18
CA VAL A 37 14.03 54.21 37.39
C VAL A 37 13.20 52.97 37.14
N LEU A 38 13.82 51.79 37.16
CA LEU A 38 13.10 50.57 36.81
C LEU A 38 12.19 50.12 37.95
N TYR A 39 12.75 49.80 39.12
CA TYR A 39 11.95 49.27 40.20
C TYR A 39 11.28 50.35 41.04
N ASN A 40 11.50 51.63 40.73
CA ASN A 40 10.63 52.66 41.28
C ASN A 40 9.24 52.58 40.67
N SER A 41 9.14 52.11 39.43
CA SER A 41 7.86 52.03 38.75
C SER A 41 7.00 50.92 39.37
N ALA A 42 5.69 51.05 39.15
CA ALA A 42 4.72 50.04 39.55
C ALA A 42 3.96 49.47 38.36
N SER A 43 4.48 49.67 37.15
CA SER A 43 3.80 49.28 35.92
C SER A 43 4.20 47.91 35.40
N PHE A 44 5.11 47.20 36.09
CA PHE A 44 5.62 45.93 35.62
C PHE A 44 4.91 44.79 36.35
N SER A 45 4.21 43.94 35.58
CA SER A 45 3.57 42.76 36.15
C SER A 45 4.55 41.64 36.43
N THR A 46 5.73 41.66 35.80
CA THR A 46 6.77 40.66 36.00
C THR A 46 8.10 41.36 36.20
N PHE A 47 8.80 40.98 37.27
CA PHE A 47 10.16 41.46 37.51
C PHE A 47 10.89 40.34 38.27
N LYS A 48 11.54 39.46 37.52
CA LYS A 48 12.18 38.28 38.05
C LYS A 48 13.67 38.37 37.79
N CYS A 49 14.48 38.19 38.84
CA CYS A 49 15.93 38.32 38.74
C CYS A 49 16.58 37.00 39.14
N TYR A 50 17.51 36.53 38.29
CA TYR A 50 18.20 35.26 38.50
C TYR A 50 19.69 35.53 38.69
N GLY A 51 20.26 34.96 39.74
CA GLY A 51 21.67 35.11 40.02
C GLY A 51 22.14 36.53 40.32
N VAL A 52 21.26 37.52 40.22
CA VAL A 52 21.61 38.90 40.45
C VAL A 52 20.46 39.57 41.18
N SER A 53 20.77 40.61 41.95
CA SER A 53 19.79 41.35 42.72
C SER A 53 19.97 42.84 42.48
N PRO A 54 18.92 43.63 42.71
CA PRO A 54 19.06 45.08 42.55
C PRO A 54 20.15 45.69 43.43
N THR A 55 20.41 45.12 44.60
CA THR A 55 21.51 45.61 45.42
C THR A 55 22.84 45.37 44.73
N LYS A 56 23.06 44.16 44.24
CA LYS A 56 24.30 43.89 43.51
C LYS A 56 24.30 44.63 42.17
N LEU A 57 23.13 44.83 41.57
CA LEU A 57 23.05 45.64 40.37
C LEU A 57 23.53 47.06 40.63
N ASN A 58 23.33 47.57 41.84
CA ASN A 58 23.73 48.93 42.16
C ASN A 58 25.24 49.07 42.26
N ASP A 59 25.92 48.02 42.73
CA ASP A 59 27.34 48.09 43.05
C ASP A 59 28.25 47.50 41.97
N LEU A 60 27.81 46.43 41.31
CA LEU A 60 28.71 45.66 40.46
C LEU A 60 28.89 46.31 39.09
N CYS A 61 29.91 45.83 38.37
CA CYS A 61 30.22 46.27 37.02
C CYS A 61 30.32 45.06 36.11
N PHE A 62 29.90 45.23 34.87
CA PHE A 62 29.85 44.14 33.90
C PHE A 62 30.52 44.55 32.61
N THR A 63 31.12 43.56 31.92
CA THR A 63 31.79 43.83 30.65
C THR A 63 30.79 44.32 29.61
N ASN A 64 29.70 43.58 29.41
CA ASN A 64 28.61 44.01 28.57
C ASN A 64 27.30 43.50 29.17
N VAL A 65 26.24 44.27 28.99
CA VAL A 65 24.89 43.88 29.35
C VAL A 65 24.02 43.99 28.11
N TYR A 66 23.14 43.02 27.92
CA TYR A 66 22.25 42.97 26.78
C TYR A 66 20.81 43.17 27.23
N ALA A 67 20.04 43.89 26.42
CA ALA A 67 18.63 44.14 26.69
C ALA A 67 17.85 43.58 25.49
N ASP A 68 17.26 42.41 25.68
CA ASP A 68 16.43 41.79 24.64
C ASP A 68 14.97 42.16 24.88
N SER A 69 14.27 42.51 23.80
CA SER A 69 12.89 42.93 23.91
C SER A 69 12.05 42.28 22.82
N PHE A 70 10.81 41.97 23.16
CA PHE A 70 9.88 41.35 22.23
C PHE A 70 8.48 41.41 22.84
N VAL A 71 7.50 40.88 22.10
CA VAL A 71 6.11 40.86 22.52
C VAL A 71 5.61 39.42 22.46
N ILE A 72 4.95 38.98 23.54
CA ILE A 72 4.26 37.70 23.60
C ILE A 72 2.93 37.93 24.31
N ARG A 73 2.09 36.90 24.32
CA ARG A 73 0.80 37.00 24.98
C ARG A 73 0.94 36.69 26.47
N GLY A 74 -0.12 37.00 27.22
CA GLY A 74 -0.07 37.00 28.67
C GLY A 74 0.47 35.72 29.30
N ASP A 75 -0.13 34.58 28.99
CA ASP A 75 0.25 33.36 29.68
C ASP A 75 1.53 32.74 29.15
N GLU A 76 2.21 33.38 28.19
CA GLU A 76 3.50 32.92 27.71
C GLU A 76 4.67 33.54 28.47
N VAL A 77 4.43 34.54 29.32
CA VAL A 77 5.53 35.20 30.02
C VAL A 77 6.23 34.24 30.95
N ARG A 78 5.51 33.26 31.49
CA ARG A 78 6.13 32.24 32.33
C ARG A 78 7.19 31.45 31.58
N GLN A 79 7.14 31.44 30.25
CA GLN A 79 8.11 30.71 29.44
C GLN A 79 9.43 31.45 29.28
N ILE A 80 9.49 32.74 29.60
CA ILE A 80 10.75 33.50 29.52
C ILE A 80 11.42 33.31 30.88
N ALA A 81 12.09 32.18 31.03
CA ALA A 81 12.74 31.81 32.27
C ALA A 81 13.60 30.58 32.03
N PRO A 82 14.61 30.34 32.86
CA PRO A 82 15.43 29.15 32.69
C PRO A 82 14.61 27.87 32.83
N GLY A 83 14.99 26.87 32.03
CA GLY A 83 14.39 25.55 32.17
C GLY A 83 12.91 25.48 31.90
N GLN A 84 12.43 26.25 30.94
CA GLN A 84 11.02 26.26 30.58
C GLN A 84 10.82 25.59 29.22
N THR A 85 9.62 25.04 29.01
CA THR A 85 9.24 24.41 27.76
C THR A 85 7.99 25.07 27.23
N GLY A 86 7.80 24.95 25.91
CA GLY A 86 6.67 25.55 25.25
C GLY A 86 7.03 26.15 23.91
N LYS A 87 6.04 26.68 23.21
CA LYS A 87 6.27 27.20 21.87
C LYS A 87 7.29 28.33 21.88
N ILE A 88 7.21 29.23 22.87
CA ILE A 88 8.12 30.37 22.91
C ILE A 88 9.52 29.93 23.34
N ALA A 89 9.60 29.17 24.43
CA ALA A 89 10.92 28.78 24.94
C ALA A 89 11.65 27.86 23.95
N ASP A 90 10.93 26.91 23.35
CA ASP A 90 11.58 25.93 22.50
C ASP A 90 11.91 26.49 21.11
N TYR A 91 11.03 27.34 20.56
CA TYR A 91 11.14 27.74 19.16
C TYR A 91 11.37 29.23 18.92
N ASN A 92 11.23 30.08 19.92
CA ASN A 92 11.31 31.52 19.69
C ASN A 92 12.39 32.21 20.51
N TYR A 93 12.45 31.97 21.82
CA TYR A 93 13.43 32.65 22.67
C TYR A 93 13.72 31.77 23.88
N LYS A 94 14.94 31.22 23.93
CA LYS A 94 15.34 30.32 24.99
C LYS A 94 16.37 30.99 25.88
N LEU A 95 16.16 30.92 27.19
CA LEU A 95 17.15 31.39 28.15
C LEU A 95 17.99 30.23 28.65
N PRO A 96 19.29 30.42 28.90
CA PRO A 96 20.11 29.32 29.41
C PRO A 96 19.76 28.98 30.85
N ASP A 97 20.11 27.74 31.22
CA ASP A 97 19.82 27.27 32.58
C ASP A 97 20.59 28.06 33.63
N ASP A 98 21.78 28.55 33.28
CA ASP A 98 22.58 29.37 34.18
C ASP A 98 22.37 30.86 33.94
N PHE A 99 21.17 31.23 33.49
CA PHE A 99 20.90 32.63 33.17
C PHE A 99 21.18 33.53 34.35
N THR A 100 21.92 34.61 34.10
CA THR A 100 22.17 35.66 35.08
C THR A 100 21.59 36.95 34.52
N GLY A 101 20.50 37.41 35.11
CA GLY A 101 19.85 38.62 34.64
C GLY A 101 18.46 38.75 35.24
N CYS A 102 17.66 39.62 34.64
CA CYS A 102 16.31 39.88 35.11
C CYS A 102 15.35 39.88 33.94
N VAL A 103 14.14 39.39 34.18
CA VAL A 103 13.07 39.36 33.19
C VAL A 103 11.99 40.34 33.64
N ILE A 104 11.65 41.27 32.76
CA ILE A 104 10.66 42.31 33.06
C ILE A 104 9.60 42.28 31.96
N ALA A 105 8.34 42.29 32.35
CA ALA A 105 7.24 42.28 31.41
C ALA A 105 6.09 43.12 31.94
N TRP A 106 5.36 43.77 31.04
CA TRP A 106 4.18 44.53 31.41
C TRP A 106 3.11 44.38 30.34
N ASN A 107 1.85 44.50 30.76
CA ASN A 107 0.74 44.41 29.83
C ASN A 107 0.74 45.62 28.91
N SER A 108 0.58 45.36 27.61
CA SER A 108 0.54 46.40 26.59
C SER A 108 -0.71 46.26 25.74
N ASN A 109 -1.83 45.90 26.37
CA ASN A 109 -3.09 45.83 25.64
C ASN A 109 -3.44 47.18 25.01
N ASN A 110 -3.10 48.28 25.69
CA ASN A 110 -3.42 49.59 25.15
C ASN A 110 -2.66 49.88 23.87
N LEU A 111 -1.44 49.35 23.72
CA LEU A 111 -0.58 49.68 22.60
C LEU A 111 -0.64 48.63 21.48
N ASP A 112 -0.55 47.35 21.83
CA ASP A 112 -0.31 46.30 20.85
C ASP A 112 -1.56 45.54 20.45
N SER A 113 -2.74 46.03 20.81
CA SER A 113 -4.00 45.42 20.40
C SER A 113 -4.83 46.45 19.65
N LYS A 114 -5.48 46.00 18.58
CA LYS A 114 -6.23 46.86 17.68
C LYS A 114 -7.64 46.31 17.51
N VAL A 115 -8.61 47.23 17.38
CA VAL A 115 -9.98 46.80 17.12
C VAL A 115 -10.01 46.04 15.81
N GLY A 116 -10.64 44.86 15.83
CA GLY A 116 -10.56 43.95 14.72
C GLY A 116 -9.33 43.07 14.72
N GLY A 117 -8.43 43.24 15.68
CA GLY A 117 -7.27 42.38 15.81
C GLY A 117 -6.01 42.95 15.19
N ASN A 118 -4.91 42.90 15.95
CA ASN A 118 -3.59 43.30 15.45
C ASN A 118 -2.79 42.05 15.13
N TYR A 119 -2.42 41.89 13.86
CA TYR A 119 -1.77 40.68 13.38
C TYR A 119 -0.31 40.90 12.99
N ASN A 120 0.28 42.02 13.43
CA ASN A 120 1.67 42.30 13.08
C ASN A 120 2.65 41.44 13.86
N TYR A 121 2.31 41.06 15.08
CA TYR A 121 3.24 40.32 15.93
C TYR A 121 3.16 38.83 15.61
N LEU A 122 4.31 38.25 15.28
CA LEU A 122 4.39 36.85 14.86
C LEU A 122 5.14 36.03 15.89
N TYR A 123 4.94 34.71 15.81
CA TYR A 123 5.70 33.76 16.60
C TYR A 123 5.91 32.50 15.78
N ARG A 124 6.98 31.77 16.08
CA ARG A 124 7.28 30.54 15.36
C ARG A 124 6.49 29.39 16.00
N LEU A 125 5.65 28.74 15.20
CA LEU A 125 4.82 27.64 15.68
C LEU A 125 5.47 26.28 15.49
N PHE A 126 6.33 26.14 14.49
CA PHE A 126 6.92 24.86 14.13
C PHE A 126 8.42 25.01 13.95
N ARG A 127 9.16 24.00 14.40
CA ARG A 127 10.60 23.95 14.19
C ARG A 127 11.08 22.52 14.34
N LYS A 128 12.11 22.16 13.56
CA LYS A 128 12.63 20.80 13.59
C LYS A 128 13.21 20.47 14.97
N SER A 129 13.91 21.43 15.58
CA SER A 129 14.56 21.21 16.87
C SER A 129 14.37 22.43 17.75
N ASN A 130 14.78 22.30 19.01
CA ASN A 130 14.67 23.40 19.95
C ASN A 130 15.76 24.43 19.71
N LEU A 131 15.44 25.68 20.01
CA LEU A 131 16.41 26.76 19.91
C LEU A 131 17.49 26.59 20.98
N LYS A 132 18.72 26.92 20.61
CA LYS A 132 19.77 27.04 21.59
C LYS A 132 19.57 28.33 22.38
N PRO A 133 20.20 28.45 23.55
CA PRO A 133 20.05 29.70 24.31
C PRO A 133 20.50 30.90 23.49
N PHE A 134 19.72 31.96 23.56
CA PHE A 134 20.01 33.22 22.87
C PHE A 134 20.17 33.02 21.37
N GLU A 135 19.41 32.09 20.80
CA GLU A 135 19.36 31.89 19.36
C GLU A 135 18.17 32.63 18.78
N ARG A 136 18.36 33.19 17.59
CA ARG A 136 17.35 33.98 16.90
C ARG A 136 17.16 33.38 15.51
N ASP A 137 16.07 32.63 15.32
CA ASP A 137 15.77 31.98 14.06
C ASP A 137 14.71 32.80 13.33
N ILE A 138 15.10 33.38 12.19
CA ILE A 138 14.20 34.17 11.38
C ILE A 138 13.88 33.46 10.06
N SER A 139 14.09 32.14 10.00
CA SER A 139 13.79 31.39 8.79
C SER A 139 12.28 31.33 8.56
N THR A 140 11.89 31.41 7.28
CA THR A 140 10.49 31.32 6.89
C THR A 140 10.24 30.15 5.94
N GLU A 141 11.10 29.13 5.96
CA GLU A 141 10.91 27.97 5.11
C GLU A 141 9.68 27.18 5.54
N ILE A 142 8.99 26.60 4.56
CA ILE A 142 7.83 25.79 4.86
C ILE A 142 8.24 24.63 5.75
N TYR A 143 7.36 24.25 6.67
CA TYR A 143 7.67 23.23 7.67
C TYR A 143 7.04 21.91 7.26
N GLN A 144 7.89 20.89 7.13
CA GLN A 144 7.45 19.54 6.79
C GLN A 144 7.10 18.82 8.08
N ALA A 145 5.81 18.71 8.38
CA ALA A 145 5.36 18.10 9.63
C ALA A 145 5.45 16.58 9.60
N GLY A 146 5.36 15.97 8.43
CA GLY A 146 5.36 14.53 8.33
C GLY A 146 6.44 13.99 7.41
N SER A 147 6.20 12.82 6.82
CA SER A 147 7.18 12.21 5.94
C SER A 147 7.05 12.69 4.50
N THR A 148 5.86 13.07 4.07
CA THR A 148 5.69 13.54 2.70
C THR A 148 6.42 14.87 2.51
N PRO A 149 7.20 15.04 1.45
CA PRO A 149 8.02 16.24 1.33
C PRO A 149 7.23 17.43 0.81
N CYS A 150 7.70 18.61 1.21
CA CYS A 150 7.19 19.87 0.68
C CYS A 150 8.23 20.41 -0.29
N ASN A 151 7.81 20.66 -1.52
CA ASN A 151 8.72 21.19 -2.54
C ASN A 151 8.76 22.72 -2.49
N GLY A 152 9.04 23.24 -1.28
CA GLY A 152 8.98 24.66 -1.04
C GLY A 152 7.58 25.24 -1.10
N VAL A 153 6.55 24.40 -1.11
CA VAL A 153 5.18 24.79 -1.36
C VAL A 153 4.29 24.21 -0.27
N GLU A 154 3.08 24.74 -0.17
CA GLU A 154 2.13 24.29 0.83
C GLU A 154 1.58 22.90 0.49
N GLY A 155 2.45 21.89 0.47
CA GLY A 155 2.02 20.53 0.23
C GLY A 155 1.24 19.99 1.42
N PHE A 156 0.84 18.73 1.30
CA PHE A 156 0.12 18.10 2.39
C PHE A 156 0.99 18.03 3.63
N ASN A 157 0.39 18.35 4.79
CA ASN A 157 1.10 18.34 6.07
C ASN A 157 2.30 19.28 6.04
N CYS A 158 2.18 20.38 5.31
CA CYS A 158 3.23 21.40 5.20
C CYS A 158 2.63 22.76 5.50
N TYR A 159 3.29 23.52 6.39
CA TYR A 159 2.69 24.73 6.95
C TYR A 159 3.73 25.83 7.08
N PHE A 160 3.25 27.06 6.97
CA PHE A 160 4.09 28.24 7.16
C PHE A 160 4.47 28.34 8.64
N PRO A 161 5.76 28.38 8.99
CA PRO A 161 6.13 28.26 10.41
C PRO A 161 5.70 29.44 11.27
N LEU A 162 5.52 30.62 10.70
CA LEU A 162 5.25 31.82 11.48
C LEU A 162 3.76 32.12 11.45
N GLN A 163 3.17 32.28 12.63
CA GLN A 163 1.76 32.62 12.78
C GLN A 163 1.64 33.83 13.68
N SER A 164 0.60 34.62 13.44
CA SER A 164 0.43 35.91 14.09
C SER A 164 -0.55 35.80 15.25
N TYR A 165 -0.25 36.51 16.34
CA TYR A 165 -1.21 36.67 17.40
C TYR A 165 -2.40 37.50 16.91
N GLY A 166 -3.60 37.08 17.32
CA GLY A 166 -4.78 37.87 17.04
C GLY A 166 -5.11 38.81 18.19
N PHE A 167 -4.27 39.83 18.40
CA PHE A 167 -4.39 40.68 19.58
C PHE A 167 -5.59 41.61 19.42
N GLN A 168 -6.68 41.31 20.12
CA GLN A 168 -7.85 42.16 20.19
C GLN A 168 -7.93 42.82 21.56
N PRO A 169 -8.49 44.02 21.65
CA PRO A 169 -8.57 44.69 22.97
C PRO A 169 -9.34 43.89 24.01
N THR A 170 -10.35 43.14 23.59
CA THR A 170 -11.25 42.43 24.51
C THR A 170 -10.75 41.03 24.85
N ASN A 171 -9.53 40.69 24.45
CA ASN A 171 -9.00 39.37 24.75
C ASN A 171 -8.86 39.18 26.26
N GLY A 172 -8.81 37.91 26.67
CA GLY A 172 -8.52 37.61 28.05
C GLY A 172 -7.10 38.00 28.41
N VAL A 173 -6.88 38.14 29.72
CA VAL A 173 -5.59 38.64 30.20
C VAL A 173 -4.46 37.73 29.75
N GLY A 174 -4.64 36.42 29.89
CA GLY A 174 -3.60 35.48 29.48
C GLY A 174 -3.29 35.51 28.00
N TYR A 175 -4.18 36.09 27.19
CA TYR A 175 -3.97 36.20 25.76
C TYR A 175 -3.69 37.63 25.31
N GLN A 176 -3.69 38.58 26.22
CA GLN A 176 -3.41 39.96 25.85
C GLN A 176 -1.91 40.13 25.57
N PRO A 177 -1.54 41.11 24.76
CA PRO A 177 -0.11 41.33 24.48
C PRO A 177 0.63 41.84 25.70
N TYR A 178 1.83 41.31 25.89
CA TYR A 178 2.71 41.75 26.96
C TYR A 178 4.07 42.06 26.36
N ARG A 179 4.58 43.27 26.62
CA ARG A 179 5.92 43.63 26.20
C ARG A 179 6.91 43.11 27.23
N VAL A 180 7.96 42.45 26.75
CA VAL A 180 8.94 41.79 27.60
C VAL A 180 10.31 42.37 27.31
N VAL A 181 11.06 42.67 28.36
CA VAL A 181 12.45 43.09 28.25
C VAL A 181 13.27 42.20 29.16
N VAL A 182 14.31 41.59 28.60
CA VAL A 182 15.18 40.67 29.32
C VAL A 182 16.56 41.30 29.40
N LEU A 183 17.04 41.55 30.61
CA LEU A 183 18.37 42.09 30.85
C LEU A 183 19.32 40.96 31.19
N SER A 184 20.42 40.87 30.46
CA SER A 184 21.46 39.86 30.67
C SER A 184 22.75 40.57 31.03
N PHE A 185 23.42 40.10 32.08
CA PHE A 185 24.65 40.72 32.57
C PHE A 185 25.75 39.68 32.46
N GLU A 186 26.79 40.04 31.70
CA GLU A 186 27.94 39.16 31.45
C GLU A 186 29.20 39.83 31.98
N LEU A 187 30.04 39.09 32.67
CA LEU A 187 31.28 39.59 33.25
C LEU A 187 32.43 38.79 32.66
N LEU A 188 32.96 39.26 31.52
CA LEU A 188 34.11 38.64 30.91
C LEU A 188 35.39 39.10 31.60
N HIS A 189 36.50 38.42 31.29
CA HIS A 189 37.81 38.76 31.87
C HIS A 189 38.43 39.91 31.08
N ALA A 190 37.73 41.05 31.12
CA ALA A 190 38.14 42.27 30.46
C ALA A 190 37.60 43.44 31.27
N PRO A 191 38.19 44.63 31.12
CA PRO A 191 37.67 45.78 31.86
C PRO A 191 36.18 46.00 31.58
N ALA A 192 35.44 46.31 32.64
CA ALA A 192 33.99 46.35 32.59
C ALA A 192 33.52 47.79 32.47
N THR A 193 32.73 48.06 31.43
CA THR A 193 32.31 49.41 31.09
C THR A 193 30.87 49.73 31.52
N VAL A 194 30.15 48.75 32.05
CA VAL A 194 28.78 48.94 32.51
C VAL A 194 28.80 48.84 34.03
N CYS A 195 28.51 49.95 34.70
CA CYS A 195 28.62 50.04 36.15
C CYS A 195 27.38 50.66 36.74
N GLY A 196 27.06 50.24 37.96
CA GLY A 196 25.94 50.78 38.69
C GLY A 196 26.35 52.02 39.47
N PRO A 197 25.36 52.74 40.00
CA PRO A 197 25.68 53.96 40.76
C PRO A 197 26.56 53.71 41.97
N GLY A 198 26.39 52.57 42.64
CA GLY A 198 27.14 52.30 43.85
C GLY A 198 28.53 51.75 43.59
N SER A 199 29.29 52.41 42.72
CA SER A 199 30.63 51.97 42.37
C SER A 199 31.52 53.16 42.04
N ASP B 1 -3.49 3.60 3.68
CA ASP B 1 -3.88 4.20 4.99
C ASP B 1 -3.15 3.50 6.13
N ILE B 2 -2.46 4.28 6.96
CA ILE B 2 -1.75 3.72 8.11
C ILE B 2 -2.78 3.45 9.19
N GLN B 3 -2.85 2.21 9.64
CA GLN B 3 -3.83 1.80 10.63
C GLN B 3 -3.23 1.92 12.02
N MET B 4 -3.93 2.62 12.90
CA MET B 4 -3.50 2.84 14.27
C MET B 4 -4.38 2.04 15.22
N THR B 5 -3.74 1.32 16.13
CA THR B 5 -4.44 0.48 17.10
C THR B 5 -3.93 0.79 18.50
N GLN B 6 -4.80 0.63 19.49
CA GLN B 6 -4.47 0.83 20.89
C GLN B 6 -4.68 -0.48 21.63
N SER B 7 -3.63 -0.96 22.32
CA SER B 7 -3.69 -2.31 22.87
C SER B 7 -4.62 -2.42 24.06
N PRO B 8 -4.48 -1.62 25.12
CA PRO B 8 -5.36 -1.80 26.28
C PRO B 8 -6.82 -1.76 25.88
N SER B 9 -7.25 -0.64 25.32
CA SER B 9 -8.61 -0.44 24.80
C SER B 9 -9.64 -0.33 25.92
N SER B 10 -9.23 -0.65 27.15
CA SER B 10 -10.04 -0.42 28.34
C SER B 10 -9.22 -0.84 29.55
N LEU B 11 -9.28 -0.06 30.63
CA LEU B 11 -8.58 -0.43 31.85
C LEU B 11 -9.16 0.38 33.00
N SER B 12 -8.93 -0.13 34.21
CA SER B 12 -9.38 0.51 35.44
C SER B 12 -8.19 0.79 36.34
N ALA B 13 -8.24 1.91 37.05
CA ALA B 13 -7.16 2.30 37.94
C ALA B 13 -7.72 3.16 39.06
N SER B 14 -6.94 3.28 40.12
CA SER B 14 -7.29 4.08 41.28
C SER B 14 -6.51 5.39 41.28
N VAL B 15 -7.04 6.37 42.02
CA VAL B 15 -6.34 7.65 42.14
C VAL B 15 -4.99 7.41 42.79
N GLY B 16 -3.95 8.03 42.21
CA GLY B 16 -2.60 7.83 42.66
C GLY B 16 -1.86 6.69 41.98
N ASP B 17 -2.50 5.99 41.04
CA ASP B 17 -1.85 4.91 40.32
C ASP B 17 -1.03 5.47 39.15
N THR B 18 -0.26 4.57 38.53
CA THR B 18 0.46 4.86 37.30
C THR B 18 0.00 3.88 36.23
N VAL B 19 -0.34 4.40 35.04
CA VAL B 19 -0.88 3.59 33.97
C VAL B 19 -0.09 3.87 32.69
N THR B 20 -0.11 2.89 31.79
CA THR B 20 0.58 2.98 30.51
C THR B 20 -0.38 2.53 29.40
N ILE B 21 -0.56 3.39 28.40
CA ILE B 21 -1.41 3.11 27.25
C ILE B 21 -0.51 2.96 26.03
N THR B 22 -0.72 1.87 25.28
CA THR B 22 0.09 1.55 24.12
C THR B 22 -0.71 1.78 22.85
N CYS B 23 -0.11 2.46 21.89
CA CYS B 23 -0.71 2.70 20.57
C CYS B 23 0.32 2.31 19.52
N ARG B 24 -0.10 1.52 18.53
CA ARG B 24 0.78 1.02 17.49
C ARG B 24 0.33 1.50 16.11
N ALA B 25 1.27 1.52 15.19
CA ALA B 25 1.02 1.89 13.80
C ALA B 25 1.31 0.70 12.89
N SER B 26 0.56 0.64 11.78
CA SER B 26 0.73 -0.44 10.82
C SER B 26 2.06 -0.35 10.08
N GLN B 27 2.76 0.77 10.15
CA GLN B 27 4.07 0.92 9.55
C GLN B 27 4.80 2.05 10.27
N GLY B 28 6.07 2.22 9.92
CA GLY B 28 6.87 3.26 10.53
C GLY B 28 6.29 4.65 10.36
N ILE B 29 6.18 5.40 11.46
CA ILE B 29 5.72 6.78 11.41
C ILE B 29 6.66 7.67 12.22
N SER B 30 7.91 7.22 12.38
CA SER B 30 8.92 7.99 13.11
C SER B 30 8.40 8.41 14.47
N ASN B 31 8.27 9.72 14.71
CA ASN B 31 7.67 10.25 15.93
C ASN B 31 6.49 11.18 15.61
N PHE B 32 5.87 11.00 14.43
CA PHE B 32 4.69 11.78 14.04
C PHE B 32 3.45 11.20 14.72
N LEU B 33 3.39 11.40 16.03
CA LEU B 33 2.34 10.82 16.86
C LEU B 33 1.81 11.87 17.83
N ASN B 34 0.49 11.97 17.92
CA ASN B 34 -0.18 12.88 18.85
C ASN B 34 -0.99 12.06 19.86
N TRP B 35 -1.12 12.59 21.07
CA TRP B 35 -1.96 12.01 22.12
C TRP B 35 -3.03 13.00 22.52
N TYR B 36 -4.28 12.53 22.58
CA TYR B 36 -5.43 13.36 22.90
C TYR B 36 -6.20 12.77 24.06
N GLN B 37 -6.84 13.65 24.84
CA GLN B 37 -7.74 13.25 25.92
C GLN B 37 -9.14 13.74 25.60
N GLN B 38 -10.11 12.82 25.63
CA GLN B 38 -11.50 13.15 25.38
C GLN B 38 -12.36 12.69 26.54
N LYS B 39 -13.18 13.59 27.04
CA LYS B 39 -14.16 13.28 28.06
C LYS B 39 -15.56 13.22 27.44
N PRO B 40 -16.49 12.52 28.07
CA PRO B 40 -17.81 12.34 27.46
C PRO B 40 -18.49 13.68 27.18
N GLY B 41 -19.11 13.77 26.00
CA GLY B 41 -19.80 14.98 25.59
C GLY B 41 -18.89 16.15 25.28
N LYS B 42 -17.59 15.91 25.11
CA LYS B 42 -16.62 16.98 24.92
C LYS B 42 -15.70 16.65 23.76
N ALA B 43 -15.09 17.68 23.20
CA ALA B 43 -14.10 17.49 22.16
C ALA B 43 -12.79 16.99 22.77
N PRO B 44 -11.96 16.31 21.98
CA PRO B 44 -10.63 15.93 22.48
C PRO B 44 -9.77 17.16 22.75
N LYS B 45 -8.84 17.01 23.69
CA LYS B 45 -7.87 18.05 24.02
C LYS B 45 -6.48 17.50 23.76
N LEU B 46 -5.66 18.31 23.08
CA LEU B 46 -4.30 17.89 22.74
C LEU B 46 -3.45 17.79 24.00
N LEU B 47 -2.73 16.67 24.14
CA LEU B 47 -1.88 16.40 25.29
C LEU B 47 -0.40 16.38 24.92
N ILE B 48 -0.03 15.57 23.93
CA ILE B 48 1.36 15.39 23.54
C ILE B 48 1.44 15.37 22.03
N TYR B 49 2.40 16.11 21.48
CA TYR B 49 2.68 16.09 20.05
C TYR B 49 4.14 15.68 19.84
N ASP B 50 4.44 15.23 18.62
CA ASP B 50 5.75 14.69 18.27
C ASP B 50 6.13 13.51 19.18
N ALA B 51 5.13 12.89 19.80
CA ALA B 51 5.26 11.65 20.55
C ALA B 51 5.92 11.84 21.92
N SER B 52 6.51 13.01 22.17
CA SER B 52 7.07 13.29 23.50
C SER B 52 6.85 14.70 24.00
N ARG B 53 6.49 15.64 23.14
CA ARG B 53 6.41 17.05 23.54
C ARG B 53 5.07 17.31 24.22
N LEU B 54 5.13 17.67 25.50
CA LEU B 54 3.92 17.91 26.27
C LEU B 54 3.42 19.32 26.00
N GLU B 55 2.13 19.42 25.67
CA GLU B 55 1.53 20.70 25.34
C GLU B 55 1.54 21.63 26.56
N SER B 56 1.57 22.93 26.29
CA SER B 56 1.52 23.92 27.36
C SER B 56 0.18 23.85 28.07
N GLY B 57 0.23 23.90 29.40
CA GLY B 57 -0.98 23.80 30.21
C GLY B 57 -1.38 22.39 30.58
N VAL B 58 -0.54 21.40 30.32
CA VAL B 58 -0.84 20.01 30.66
C VAL B 58 0.08 19.60 31.81
N PRO B 59 -0.43 18.90 32.83
CA PRO B 59 0.45 18.49 33.94
C PRO B 59 1.54 17.56 33.48
N SER B 60 2.69 17.63 34.16
CA SER B 60 3.86 16.85 33.80
C SER B 60 3.70 15.36 34.09
N ARG B 61 2.64 14.96 34.81
CA ARG B 61 2.43 13.53 35.03
C ARG B 61 2.14 12.79 33.74
N PHE B 62 1.70 13.50 32.70
CA PHE B 62 1.55 12.91 31.37
C PHE B 62 2.90 12.90 30.66
N SER B 63 3.23 11.76 30.05
CA SER B 63 4.48 11.63 29.32
C SER B 63 4.30 10.64 28.19
N GLY B 64 4.87 10.97 27.03
CA GLY B 64 4.83 10.09 25.87
C GLY B 64 6.22 9.69 25.44
N SER B 65 6.31 8.50 24.86
CA SER B 65 7.57 7.97 24.36
C SER B 65 7.29 6.99 23.24
N GLY B 66 8.33 6.71 22.46
CA GLY B 66 8.22 5.75 21.37
C GLY B 66 8.65 6.30 20.03
N SER B 67 8.96 5.39 19.11
CA SER B 67 9.31 5.76 17.75
C SER B 67 9.02 4.58 16.84
N GLY B 68 8.95 4.86 15.55
CA GLY B 68 8.69 3.81 14.58
C GLY B 68 7.24 3.42 14.54
N THR B 69 6.91 2.25 15.10
CA THR B 69 5.56 1.73 15.06
C THR B 69 4.94 1.48 16.44
N GLU B 70 5.62 1.84 17.52
CA GLU B 70 5.11 1.59 18.87
C GLU B 70 5.29 2.85 19.71
N PHE B 71 4.21 3.25 20.40
CA PHE B 71 4.22 4.43 21.25
C PHE B 71 3.45 4.14 22.52
N THR B 72 3.80 4.84 23.60
CA THR B 72 3.17 4.66 24.89
C THR B 72 2.87 5.99 25.54
N LEU B 73 1.77 6.05 26.27
CA LEU B 73 1.39 7.20 27.08
C LEU B 73 1.36 6.76 28.54
N THR B 74 2.01 7.54 29.41
CA THR B 74 2.15 7.22 30.82
C THR B 74 1.61 8.35 31.65
N ILE B 75 0.80 8.01 32.65
CA ILE B 75 0.22 8.98 33.58
C ILE B 75 0.61 8.53 34.99
N SER B 76 1.31 9.41 35.71
CA SER B 76 1.74 9.12 37.07
C SER B 76 0.85 9.86 38.07
N SER B 77 0.80 9.33 39.28
CA SER B 77 -0.01 9.91 40.36
C SER B 77 -1.40 10.28 39.83
N LEU B 78 -2.13 9.24 39.42
CA LEU B 78 -3.40 9.45 38.75
C LEU B 78 -4.32 10.31 39.61
N GLN B 79 -4.95 11.29 38.99
CA GLN B 79 -5.87 12.21 39.64
C GLN B 79 -7.28 11.96 39.14
N PRO B 80 -8.30 12.38 39.91
CA PRO B 80 -9.68 12.15 39.45
C PRO B 80 -9.96 12.73 38.07
N GLU B 81 -9.41 13.90 37.76
CA GLU B 81 -9.66 14.54 36.48
C GLU B 81 -9.02 13.80 35.31
N ASP B 82 -8.11 12.87 35.57
CA ASP B 82 -7.40 12.18 34.50
C ASP B 82 -8.19 11.03 33.89
N PHE B 83 -9.36 10.71 34.42
CA PHE B 83 -10.13 9.56 33.95
C PHE B 83 -10.98 9.99 32.77
N ALA B 84 -10.68 9.46 31.60
CA ALA B 84 -11.34 9.82 30.36
C ALA B 84 -10.92 8.80 29.30
N THR B 85 -11.28 9.07 28.05
CA THR B 85 -10.84 8.27 26.92
C THR B 85 -9.65 8.98 26.25
N TYR B 86 -8.65 8.19 25.87
CA TYR B 86 -7.44 8.72 25.26
C TYR B 86 -7.30 8.15 23.85
N HIS B 87 -6.93 9.03 22.92
CA HIS B 87 -6.76 8.67 21.51
C HIS B 87 -5.34 9.01 21.07
N CYS B 88 -4.87 8.28 20.06
CA CYS B 88 -3.60 8.58 19.41
C CYS B 88 -3.86 8.92 17.93
N LEU B 89 -2.99 9.75 17.37
CA LEU B 89 -3.11 10.20 15.99
C LEU B 89 -1.75 10.19 15.31
N GLN B 90 -1.72 9.77 14.06
CA GLN B 90 -0.52 9.80 13.25
C GLN B 90 -0.68 10.83 12.13
N TYR B 91 0.38 11.61 11.90
CA TYR B 91 0.40 12.61 10.84
C TYR B 91 1.62 12.39 9.95
N ASP B 92 1.82 11.13 9.55
CA ASP B 92 2.91 10.76 8.66
C ASP B 92 2.49 10.73 7.19
N SER B 93 1.25 10.34 6.90
CA SER B 93 0.79 10.13 5.53
C SER B 93 -0.54 10.86 5.29
N ASP B 94 -0.97 10.87 4.02
CA ASP B 94 -2.04 11.77 3.61
C ASP B 94 -3.30 11.63 4.44
N PRO B 95 -3.83 10.45 4.68
CA PRO B 95 -4.96 10.33 5.61
C PRO B 95 -4.45 10.37 7.05
N PHE B 96 -4.78 11.44 7.76
CA PHE B 96 -4.57 11.45 9.20
C PHE B 96 -5.45 10.37 9.83
N ILE B 97 -4.84 9.50 10.62
CA ILE B 97 -5.52 8.34 11.19
C ILE B 97 -5.42 8.38 12.69
N PHE B 98 -6.56 8.20 13.36
CA PHE B 98 -6.65 8.09 14.80
C PHE B 98 -6.72 6.61 15.20
N GLY B 99 -6.36 6.34 16.45
CA GLY B 99 -6.61 5.05 17.03
C GLY B 99 -8.05 4.89 17.45
N PRO B 100 -8.44 3.65 17.75
CA PRO B 100 -9.82 3.42 18.20
C PRO B 100 -10.15 4.11 19.51
N GLY B 101 -9.15 4.41 20.34
CA GLY B 101 -9.41 5.01 21.63
C GLY B 101 -9.34 4.00 22.76
N THR B 102 -8.83 4.41 23.91
CA THR B 102 -8.75 3.58 25.10
C THR B 102 -9.42 4.32 26.23
N LYS B 103 -10.31 3.63 26.95
CA LYS B 103 -11.09 4.24 28.03
C LYS B 103 -10.53 3.80 29.37
N VAL B 104 -10.23 4.77 30.23
CA VAL B 104 -9.79 4.51 31.60
C VAL B 104 -10.91 4.92 32.54
N ASP B 105 -11.24 4.05 33.48
CA ASP B 105 -12.31 4.28 34.43
C ASP B 105 -11.80 3.98 35.83
N ILE B 106 -12.49 4.54 36.83
CA ILE B 106 -12.03 4.44 38.20
C ILE B 106 -12.25 3.03 38.73
N LYS B 107 -11.21 2.44 39.30
CA LYS B 107 -11.34 1.15 39.95
C LYS B 107 -12.17 1.28 41.22
N ARG B 108 -12.99 0.28 41.48
CA ARG B 108 -13.93 0.34 42.62
C ARG B 108 -14.32 -1.10 42.96
N THR B 109 -14.73 -1.35 44.20
CA THR B 109 -15.17 -2.68 44.61
C THR B 109 -16.34 -3.14 43.74
N VAL B 110 -16.42 -4.44 43.53
CA VAL B 110 -17.42 -5.00 42.63
C VAL B 110 -18.80 -4.82 43.24
N ALA B 111 -19.75 -4.36 42.42
CA ALA B 111 -21.13 -4.15 42.84
C ALA B 111 -22.06 -4.83 41.85
N ALA B 112 -22.92 -5.71 42.35
CA ALA B 112 -23.89 -6.36 41.47
C ALA B 112 -25.01 -5.38 41.13
N PRO B 113 -25.58 -5.49 39.92
CA PRO B 113 -26.71 -4.64 39.57
C PRO B 113 -27.98 -5.07 40.28
N SER B 114 -28.88 -4.10 40.46
CA SER B 114 -30.25 -4.37 40.88
C SER B 114 -31.13 -4.31 39.64
N VAL B 115 -31.78 -5.42 39.32
CA VAL B 115 -32.46 -5.58 38.04
C VAL B 115 -33.94 -5.31 38.23
N PHE B 116 -34.50 -4.50 37.33
CA PHE B 116 -35.93 -4.22 37.29
C PHE B 116 -36.43 -4.39 35.87
N ILE B 117 -37.64 -4.91 35.72
CA ILE B 117 -38.28 -5.11 34.44
C ILE B 117 -39.61 -4.36 34.44
N PHE B 118 -39.89 -3.67 33.34
CA PHE B 118 -41.07 -2.83 33.22
C PHE B 118 -41.95 -3.30 32.07
N PRO B 119 -43.17 -3.76 32.32
CA PRO B 119 -44.06 -4.13 31.22
C PRO B 119 -44.49 -2.90 30.44
N PRO B 120 -44.95 -3.06 29.21
CA PRO B 120 -45.38 -1.89 28.43
C PRO B 120 -46.53 -1.18 29.12
N SER B 121 -46.54 0.15 28.99
CA SER B 121 -47.62 0.95 29.54
C SER B 121 -48.90 0.76 28.74
N ASP B 122 -50.05 0.89 29.42
CA ASP B 122 -51.32 0.80 28.72
C ASP B 122 -51.50 1.88 27.66
N GLU B 123 -50.89 3.05 27.86
CA GLU B 123 -50.96 4.11 26.87
C GLU B 123 -50.21 3.73 25.60
N GLN B 124 -49.02 3.14 25.75
CA GLN B 124 -48.27 2.70 24.58
C GLN B 124 -49.04 1.60 23.89
N LEU B 125 -49.60 0.66 24.64
CA LEU B 125 -50.35 -0.44 24.04
C LEU B 125 -51.50 0.11 23.21
N LYS B 126 -52.21 1.12 23.72
CA LYS B 126 -53.27 1.74 22.94
C LYS B 126 -52.73 2.35 21.65
N SER B 127 -51.44 2.68 21.61
CA SER B 127 -50.82 3.26 20.42
C SER B 127 -50.32 2.21 19.43
N GLY B 128 -50.47 0.93 19.74
CA GLY B 128 -50.18 -0.13 18.80
C GLY B 128 -48.83 -0.79 18.96
N THR B 129 -47.98 -0.30 19.85
CA THR B 129 -46.66 -0.88 20.06
C THR B 129 -46.47 -1.21 21.54
N ALA B 130 -45.54 -2.13 21.80
CA ALA B 130 -45.25 -2.59 23.15
C ALA B 130 -43.75 -2.59 23.36
N SER B 131 -43.28 -1.84 24.36
CA SER B 131 -41.87 -1.77 24.72
C SER B 131 -41.69 -2.36 26.11
N VAL B 132 -40.78 -3.31 26.24
CA VAL B 132 -40.43 -3.92 27.52
C VAL B 132 -39.03 -3.42 27.87
N VAL B 133 -38.90 -2.80 29.05
CA VAL B 133 -37.65 -2.18 29.46
C VAL B 133 -37.10 -2.94 30.66
N CYS B 134 -35.81 -3.30 30.58
CA CYS B 134 -35.09 -3.91 31.68
C CYS B 134 -34.00 -2.95 32.12
N LEU B 135 -33.90 -2.72 33.43
CA LEU B 135 -32.97 -1.75 34.01
C LEU B 135 -31.95 -2.47 34.86
N LEU B 136 -30.68 -2.13 34.66
CA LEU B 136 -29.57 -2.59 35.49
C LEU B 136 -28.96 -1.36 36.15
N ASN B 137 -28.93 -1.35 37.48
CA ASN B 137 -28.59 -0.13 38.21
C ASN B 137 -27.36 -0.35 39.09
N ASN B 138 -26.38 0.53 38.92
CA ASN B 138 -25.25 0.65 39.84
C ASN B 138 -24.47 -0.67 39.96
N PHE B 139 -23.88 -1.07 38.85
CA PHE B 139 -22.92 -2.16 38.80
C PHE B 139 -21.57 -1.58 38.41
N TYR B 140 -20.55 -1.80 39.23
CA TYR B 140 -19.22 -1.16 39.01
C TYR B 140 -18.57 -1.71 37.74
N PRO B 141 -18.39 -3.03 37.56
CA PRO B 141 -17.84 -3.55 36.30
C PRO B 141 -18.79 -3.23 35.15
N ARG B 142 -18.32 -2.39 34.23
CA ARG B 142 -19.20 -1.93 33.15
C ARG B 142 -19.71 -3.10 32.33
N GLU B 143 -18.86 -4.10 32.08
CA GLU B 143 -19.23 -5.19 31.19
C GLU B 143 -20.33 -6.03 31.85
N ALA B 144 -21.44 -6.19 31.15
CA ALA B 144 -22.54 -7.02 31.60
C ALA B 144 -23.34 -7.48 30.39
N LYS B 145 -24.04 -8.60 30.54
CA LYS B 145 -24.83 -9.18 29.48
C LYS B 145 -26.29 -9.23 29.90
N VAL B 146 -27.17 -8.79 29.00
CA VAL B 146 -28.61 -8.84 29.21
C VAL B 146 -29.19 -9.73 28.12
N GLN B 147 -29.92 -10.78 28.53
CA GLN B 147 -30.57 -11.70 27.61
C GLN B 147 -32.07 -11.60 27.80
N TRP B 148 -32.79 -11.29 26.73
CA TRP B 148 -34.24 -11.24 26.74
C TRP B 148 -34.78 -12.64 26.47
N LYS B 149 -35.71 -13.08 27.31
CA LYS B 149 -36.39 -14.36 27.15
C LYS B 149 -37.88 -14.09 26.98
N VAL B 150 -38.48 -14.72 25.97
CA VAL B 150 -39.90 -14.61 25.72
C VAL B 150 -40.45 -16.02 25.54
N ASP B 151 -41.34 -16.43 26.44
CA ASP B 151 -41.86 -17.80 26.45
C ASP B 151 -40.70 -18.80 26.49
N ASN B 152 -39.65 -18.45 27.23
CA ASN B 152 -38.46 -19.25 27.42
C ASN B 152 -37.63 -19.39 26.15
N ALA B 153 -37.85 -18.52 25.17
CA ALA B 153 -37.06 -18.50 23.94
C ALA B 153 -36.09 -17.33 24.01
N LEU B 154 -34.81 -17.60 23.80
CA LEU B 154 -33.82 -16.53 23.79
C LEU B 154 -34.06 -15.61 22.61
N GLN B 155 -34.41 -14.36 22.90
CA GLN B 155 -34.76 -13.39 21.87
C GLN B 155 -33.56 -12.50 21.58
N SER B 156 -33.12 -12.52 20.32
CA SER B 156 -32.05 -11.67 19.84
C SER B 156 -32.49 -10.95 18.58
N GLY B 157 -32.05 -9.69 18.43
CA GLY B 157 -32.27 -8.92 17.23
C GLY B 157 -33.30 -7.82 17.36
N ASN B 158 -34.17 -7.87 18.37
CA ASN B 158 -35.19 -6.85 18.56
C ASN B 158 -35.08 -6.21 19.93
N SER B 159 -33.85 -6.02 20.40
CA SER B 159 -33.57 -5.27 21.61
C SER B 159 -32.42 -4.32 21.36
N GLN B 160 -32.46 -3.18 22.03
CA GLN B 160 -31.39 -2.20 22.01
C GLN B 160 -31.09 -1.79 23.44
N GLU B 161 -29.81 -1.53 23.73
CA GLU B 161 -29.39 -1.20 25.08
C GLU B 161 -28.46 0.01 25.07
N SER B 162 -28.39 0.69 26.21
CA SER B 162 -27.60 1.90 26.35
C SER B 162 -27.11 1.98 27.79
N VAL B 163 -25.88 2.48 27.97
CA VAL B 163 -25.21 2.51 29.26
C VAL B 163 -24.81 3.94 29.58
N THR B 164 -25.07 4.36 30.82
CA THR B 164 -24.64 5.66 31.28
C THR B 164 -23.13 5.68 31.51
N GLU B 165 -22.59 6.89 31.66
CA GLU B 165 -21.17 7.02 31.98
C GLU B 165 -20.95 6.69 33.45
N GLN B 166 -19.69 6.46 33.80
CA GLN B 166 -19.36 6.13 35.18
C GLN B 166 -19.82 7.26 36.10
N ASP B 167 -20.49 6.89 37.19
CA ASP B 167 -21.02 7.87 38.11
C ASP B 167 -19.88 8.59 38.84
N SER B 168 -20.03 9.91 38.97
CA SER B 168 -19.00 10.71 39.63
C SER B 168 -18.99 10.52 41.14
N LYS B 169 -20.09 10.02 41.72
CA LYS B 169 -20.22 9.86 43.17
C LYS B 169 -19.95 8.43 43.61
N ASP B 170 -20.66 7.45 43.04
CA ASP B 170 -20.49 6.05 43.43
C ASP B 170 -19.62 5.25 42.45
N SER B 171 -19.24 5.84 41.31
CA SER B 171 -18.32 5.21 40.37
C SER B 171 -18.90 3.92 39.78
N THR B 172 -20.21 3.87 39.60
CA THR B 172 -20.86 2.70 39.03
C THR B 172 -21.50 3.06 37.69
N TYR B 173 -22.01 2.03 37.02
CA TYR B 173 -22.66 2.17 35.73
C TYR B 173 -24.12 1.73 35.84
N SER B 174 -24.91 2.16 34.86
CA SER B 174 -26.31 1.76 34.76
C SER B 174 -26.63 1.45 33.31
N LEU B 175 -27.38 0.37 33.10
CA LEU B 175 -27.73 -0.10 31.77
C LEU B 175 -29.24 -0.13 31.61
N SER B 176 -29.71 0.24 30.43
CA SER B 176 -31.12 0.15 30.06
C SER B 176 -31.25 -0.63 28.77
N SER B 177 -32.11 -1.63 28.76
CA SER B 177 -32.38 -2.43 27.57
C SER B 177 -33.87 -2.40 27.27
N THR B 178 -34.19 -2.24 25.98
CA THR B 178 -35.57 -2.13 25.54
C THR B 178 -35.85 -3.19 24.49
N LEU B 179 -36.86 -4.01 24.74
CA LEU B 179 -37.36 -4.99 23.78
C LEU B 179 -38.69 -4.46 23.24
N THR B 180 -38.75 -4.28 21.92
CA THR B 180 -39.90 -3.64 21.28
C THR B 180 -40.56 -4.61 20.31
N LEU B 181 -41.88 -4.70 20.39
CA LEU B 181 -42.69 -5.48 19.45
C LEU B 181 -43.91 -4.66 19.08
N SER B 182 -44.74 -5.23 18.22
CA SER B 182 -46.07 -4.68 17.99
C SER B 182 -47.02 -5.20 19.07
N LYS B 183 -48.17 -4.53 19.20
CA LYS B 183 -49.15 -4.99 20.17
C LYS B 183 -49.61 -6.41 19.86
N ALA B 184 -49.82 -6.71 18.57
CA ALA B 184 -50.24 -8.06 18.19
C ALA B 184 -49.16 -9.08 18.51
N ASP B 185 -47.90 -8.77 18.18
CA ASP B 185 -46.82 -9.69 18.51
C ASP B 185 -46.62 -9.80 20.01
N TYR B 186 -46.82 -8.69 20.73
CA TYR B 186 -46.72 -8.72 22.18
C TYR B 186 -47.77 -9.65 22.78
N GLU B 187 -48.99 -9.64 22.23
CA GLU B 187 -50.06 -10.49 22.72
C GLU B 187 -49.90 -11.95 22.32
N LYS B 188 -48.93 -12.27 21.45
CA LYS B 188 -48.72 -13.65 21.06
C LYS B 188 -48.05 -14.46 22.16
N HIS B 189 -47.21 -13.83 22.98
CA HIS B 189 -46.46 -14.50 24.03
C HIS B 189 -46.92 -14.06 25.41
N LYS B 190 -46.82 -14.98 26.37
CA LYS B 190 -47.31 -14.75 27.73
C LYS B 190 -46.22 -14.29 28.69
N VAL B 191 -45.04 -14.88 28.63
CA VAL B 191 -43.99 -14.68 29.64
C VAL B 191 -42.84 -13.86 29.04
N TYR B 192 -42.50 -12.76 29.71
CA TYR B 192 -41.38 -11.92 29.33
C TYR B 192 -40.39 -11.84 30.49
N ALA B 193 -39.13 -12.14 30.19
CA ALA B 193 -38.10 -12.25 31.23
C ALA B 193 -36.83 -11.55 30.77
N CYS B 194 -36.06 -11.10 31.75
CA CYS B 194 -34.79 -10.40 31.52
C CYS B 194 -33.73 -11.10 32.37
N GLU B 195 -32.81 -11.82 31.71
CA GLU B 195 -31.75 -12.55 32.39
C GLU B 195 -30.45 -11.75 32.31
N VAL B 196 -29.84 -11.52 33.47
CA VAL B 196 -28.68 -10.64 33.59
C VAL B 196 -27.50 -11.46 34.12
N THR B 197 -26.38 -11.37 33.43
CA THR B 197 -25.13 -11.99 33.84
C THR B 197 -24.12 -10.89 34.16
N HIS B 198 -23.45 -11.02 35.30
CA HIS B 198 -22.52 -9.99 35.75
C HIS B 198 -21.53 -10.63 36.72
N GLN B 199 -20.36 -10.00 36.84
CA GLN B 199 -19.31 -10.52 37.70
C GLN B 199 -19.75 -10.53 39.16
N GLY B 200 -20.57 -9.57 39.56
CA GLY B 200 -21.05 -9.50 40.93
C GLY B 200 -22.10 -10.52 41.30
N LEU B 201 -22.56 -11.32 40.35
CA LEU B 201 -23.56 -12.35 40.59
C LEU B 201 -22.93 -13.72 40.35
N SER B 202 -23.09 -14.62 41.34
CA SER B 202 -22.58 -15.98 41.17
C SER B 202 -23.38 -16.74 40.13
N SER B 203 -24.67 -16.46 40.00
CA SER B 203 -25.53 -17.06 39.00
C SER B 203 -26.39 -15.98 38.38
N PRO B 204 -26.83 -16.16 37.12
CA PRO B 204 -27.66 -15.13 36.49
C PRO B 204 -28.94 -14.88 37.26
N VAL B 205 -29.36 -13.62 37.29
CA VAL B 205 -30.59 -13.20 37.94
C VAL B 205 -31.61 -12.87 36.85
N THR B 206 -32.81 -13.42 36.99
CA THR B 206 -33.87 -13.24 36.00
C THR B 206 -35.02 -12.48 36.62
N LYS B 207 -35.42 -11.39 35.98
CA LYS B 207 -36.63 -10.66 36.31
C LYS B 207 -37.65 -10.90 35.21
N SER B 208 -38.85 -11.33 35.60
CA SER B 208 -39.86 -11.72 34.65
C SER B 208 -41.23 -11.23 35.10
N PHE B 209 -42.16 -11.22 34.16
CA PHE B 209 -43.56 -10.94 34.45
C PHE B 209 -44.42 -11.71 33.46
N ASN B 210 -45.65 -11.97 33.85
CA ASN B 210 -46.63 -12.63 32.99
C ASN B 210 -47.58 -11.59 32.43
N ARG B 211 -47.67 -11.52 31.11
CA ARG B 211 -48.55 -10.57 30.46
C ARG B 211 -49.98 -10.77 30.94
N GLY B 212 -50.63 -9.66 31.32
CA GLY B 212 -52.00 -9.72 31.79
C GLY B 212 -52.16 -10.15 33.24
N GLU B 213 -51.09 -10.11 34.02
CA GLU B 213 -51.16 -10.49 35.43
C GLU B 213 -50.54 -9.43 36.33
N GLN C 1 -8.29 32.55 23.15
CA GLN C 1 -9.33 33.57 22.83
C GLN C 1 -9.94 33.37 21.46
N VAL C 2 -9.63 32.24 20.83
CA VAL C 2 -10.26 31.85 19.58
C VAL C 2 -11.23 30.72 19.88
N GLN C 3 -12.47 30.88 19.42
CA GLN C 3 -13.54 29.93 19.69
C GLN C 3 -14.13 29.44 18.38
N LEU C 4 -14.45 28.15 18.34
CA LEU C 4 -15.07 27.51 17.18
C LEU C 4 -16.47 27.04 17.54
N GLN C 5 -17.43 27.30 16.66
CA GLN C 5 -18.82 26.91 16.87
C GLN C 5 -19.36 26.28 15.60
N GLU C 6 -19.70 25.00 15.68
CA GLU C 6 -20.35 24.33 14.56
C GLU C 6 -21.81 24.76 14.46
N SER C 7 -22.33 24.75 13.23
CA SER C 7 -23.71 25.12 12.98
C SER C 7 -24.23 24.30 11.81
N GLY C 8 -25.54 24.10 11.79
CA GLY C 8 -26.18 23.33 10.76
C GLY C 8 -27.17 22.34 11.34
N PRO C 9 -28.07 21.84 10.49
CA PRO C 9 -29.08 20.90 10.99
C PRO C 9 -28.48 19.56 11.40
N GLY C 10 -29.16 18.90 12.32
CA GLY C 10 -28.89 17.50 12.62
C GLY C 10 -29.83 16.61 11.83
N LEU C 11 -30.45 17.20 10.80
CA LEU C 11 -31.54 16.58 10.05
C LEU C 11 -31.11 16.50 8.58
N VAL C 12 -30.65 15.32 8.16
CA VAL C 12 -30.26 15.08 6.77
C VAL C 12 -30.73 13.68 6.39
N LYS C 13 -31.28 13.55 5.17
CA LYS C 13 -31.79 12.28 4.70
C LYS C 13 -30.72 11.54 3.90
N PRO C 14 -30.83 10.22 3.79
CA PRO C 14 -29.85 9.46 3.00
C PRO C 14 -29.81 9.93 1.56
N SER C 15 -28.60 9.95 0.99
CA SER C 15 -28.30 10.37 -0.37
C SER C 15 -28.35 11.88 -0.54
N GLU C 16 -28.63 12.65 0.50
CA GLU C 16 -28.64 14.09 0.42
C GLU C 16 -27.25 14.65 0.76
N THR C 17 -27.14 15.96 0.74
CA THR C 17 -25.87 16.65 1.02
C THR C 17 -25.92 17.23 2.42
N LEU C 18 -25.02 16.76 3.28
CA LEU C 18 -24.85 17.35 4.60
C LEU C 18 -24.11 18.67 4.47
N SER C 19 -24.60 19.69 5.18
CA SER C 19 -24.02 21.03 5.14
C SER C 19 -23.82 21.54 6.55
N LEU C 20 -22.58 21.83 6.91
CA LEU C 20 -22.24 22.35 8.22
C LEU C 20 -21.38 23.60 8.07
N THR C 21 -21.45 24.47 9.07
CA THR C 21 -20.71 25.71 9.09
C THR C 21 -20.01 25.86 10.43
N CYS C 22 -18.74 26.29 10.39
CA CYS C 22 -17.96 26.55 11.58
C CYS C 22 -17.74 28.06 11.69
N ALA C 23 -18.26 28.65 12.76
CA ALA C 23 -18.10 30.07 13.01
C ALA C 23 -16.90 30.30 13.90
N VAL C 24 -15.98 31.14 13.44
CA VAL C 24 -14.73 31.42 14.14
C VAL C 24 -14.83 32.81 14.75
N SER C 25 -14.59 32.91 16.06
CA SER C 25 -14.61 34.19 16.77
C SER C 25 -13.32 34.33 17.56
N GLY C 26 -12.75 35.53 17.52
CA GLY C 26 -11.50 35.82 18.19
C GLY C 26 -10.28 35.80 17.29
N TYR C 27 -10.44 35.46 16.02
CA TYR C 27 -9.32 35.42 15.09
C TYR C 27 -9.88 35.36 13.67
N SER C 28 -9.26 36.12 12.77
CA SER C 28 -9.70 36.13 11.38
C SER C 28 -9.06 34.97 10.62
N ILE C 29 -9.90 34.17 9.95
CA ILE C 29 -9.42 32.95 9.33
C ILE C 29 -8.36 33.27 8.27
N SER C 30 -8.63 34.26 7.43
CA SER C 30 -7.71 34.57 6.35
C SER C 30 -6.39 35.16 6.83
N SER C 31 -6.30 35.58 8.09
CA SER C 31 -5.06 36.14 8.60
C SER C 31 -3.97 35.08 8.73
N GLY C 32 -4.35 33.86 9.11
CA GLY C 32 -3.34 32.82 9.27
C GLY C 32 -3.94 31.52 9.75
N TYR C 33 -3.05 30.61 10.12
CA TYR C 33 -3.41 29.29 10.63
C TYR C 33 -4.14 28.47 9.58
N TYR C 34 -4.35 27.18 9.88
CA TYR C 34 -5.05 26.24 9.01
C TYR C 34 -6.22 25.65 9.77
N TRP C 35 -7.29 25.35 9.05
CA TRP C 35 -8.57 25.00 9.66
C TRP C 35 -9.19 23.82 8.93
N GLY C 36 -9.86 22.94 9.68
CA GLY C 36 -10.40 21.74 9.10
C GLY C 36 -11.54 21.16 9.90
N TRP C 37 -11.92 19.94 9.53
CA TRP C 37 -13.06 19.25 10.09
C TRP C 37 -12.68 17.84 10.53
N ILE C 38 -13.23 17.42 11.66
CA ILE C 38 -13.08 16.07 12.19
C ILE C 38 -14.46 15.57 12.57
N ARG C 39 -14.69 14.27 12.39
CA ARG C 39 -15.95 13.65 12.77
C ARG C 39 -15.69 12.41 13.61
N GLN C 40 -16.72 12.04 14.38
CA GLN C 40 -16.62 10.87 15.26
C GLN C 40 -17.97 10.17 15.33
N PRO C 41 -18.12 9.00 14.71
CA PRO C 41 -19.38 8.26 14.84
C PRO C 41 -19.64 7.90 16.29
N PRO C 42 -20.90 7.93 16.73
CA PRO C 42 -21.19 7.60 18.13
C PRO C 42 -20.61 6.24 18.52
N GLY C 43 -19.77 6.24 19.54
CA GLY C 43 -19.17 5.00 20.02
C GLY C 43 -18.01 4.49 19.21
N LYS C 44 -17.44 5.32 18.34
CA LYS C 44 -16.33 4.90 17.47
C LYS C 44 -15.22 5.94 17.57
N GLY C 45 -14.13 5.67 16.85
CA GLY C 45 -12.99 6.55 16.87
C GLY C 45 -13.17 7.77 15.99
N LEU C 46 -12.18 8.67 16.06
CA LEU C 46 -12.21 9.89 15.28
C LEU C 46 -11.71 9.65 13.86
N GLU C 47 -12.23 10.44 12.93
CA GLU C 47 -11.84 10.35 11.53
C GLU C 47 -11.53 11.75 11.01
N TYR C 48 -10.44 11.85 10.24
CA TYR C 48 -10.04 13.11 9.62
C TYR C 48 -10.73 13.29 8.28
N ILE C 49 -11.24 14.50 8.05
CA ILE C 49 -12.02 14.82 6.85
C ILE C 49 -11.21 15.67 5.88
N GLY C 50 -10.78 16.85 6.32
CA GLY C 50 -9.99 17.72 5.46
C GLY C 50 -9.61 18.98 6.19
N TYR C 51 -8.82 19.81 5.50
CA TYR C 51 -8.41 21.09 6.06
C TYR C 51 -8.00 22.02 4.93
N PHE C 52 -7.93 23.31 5.25
CA PHE C 52 -7.55 24.32 4.28
C PHE C 52 -6.69 25.37 4.96
N SER C 53 -5.91 26.09 4.15
CA SER C 53 -5.06 27.16 4.62
C SER C 53 -5.84 28.47 4.60
N GLY C 54 -5.91 29.15 5.74
CA GLY C 54 -6.62 30.41 5.80
C GLY C 54 -6.01 31.47 4.90
N THR C 55 -4.68 31.56 4.89
CA THR C 55 -4.02 32.63 4.13
C THR C 55 -4.13 32.39 2.63
N THR C 56 -3.94 31.16 2.18
CA THR C 56 -3.83 30.86 0.76
C THR C 56 -5.04 30.13 0.19
N GLY C 57 -5.78 29.39 1.00
CA GLY C 57 -6.88 28.59 0.52
C GLY C 57 -6.49 27.18 0.09
N SER C 58 -5.22 26.81 0.18
CA SER C 58 -4.79 25.47 -0.18
C SER C 58 -5.59 24.45 0.63
N THR C 59 -6.24 23.52 -0.06
CA THR C 59 -7.20 22.61 0.56
C THR C 59 -6.78 21.17 0.36
N TYR C 60 -6.97 20.35 1.39
CA TYR C 60 -6.67 18.93 1.33
C TYR C 60 -7.83 18.14 1.95
N TYR C 61 -8.08 16.95 1.40
CA TYR C 61 -9.17 16.11 1.84
C TYR C 61 -8.68 14.70 2.09
N ASN C 62 -9.38 13.98 2.95
CA ASN C 62 -9.10 12.56 3.14
C ASN C 62 -9.33 11.84 1.82
N PRO C 63 -8.34 11.07 1.33
CA PRO C 63 -8.54 10.39 0.03
C PRO C 63 -9.77 9.49 0.02
N SER C 64 -10.11 8.86 1.15
CA SER C 64 -11.30 8.02 1.20
C SER C 64 -12.58 8.84 1.12
N LEU C 65 -12.52 10.14 1.40
CA LEU C 65 -13.69 11.00 1.33
C LEU C 65 -13.71 11.93 0.13
N LYS C 66 -12.63 11.98 -0.65
CA LYS C 66 -12.59 12.84 -1.81
C LYS C 66 -13.73 12.51 -2.77
N SER C 67 -14.07 13.48 -3.62
CA SER C 67 -15.19 13.43 -4.55
C SER C 67 -16.53 13.57 -3.84
N ARG C 68 -16.55 13.63 -2.51
CA ARG C 68 -17.76 13.86 -1.74
C ARG C 68 -17.68 15.11 -0.87
N VAL C 69 -16.48 15.55 -0.51
CA VAL C 69 -16.28 16.55 0.54
C VAL C 69 -15.82 17.84 -0.12
N THR C 70 -16.26 18.97 0.44
CA THR C 70 -15.75 20.28 0.05
C THR C 70 -15.72 21.17 1.28
N ILE C 71 -14.58 21.83 1.50
CA ILE C 71 -14.42 22.81 2.56
C ILE C 71 -14.01 24.13 1.92
N SER C 72 -14.75 25.18 2.23
CA SER C 72 -14.46 26.50 1.69
C SER C 72 -14.70 27.55 2.76
N LYS C 73 -13.92 28.62 2.68
CA LYS C 73 -14.06 29.75 3.63
C LYS C 73 -15.05 30.69 2.95
N ASP C 74 -16.08 31.11 3.69
CA ASP C 74 -17.02 32.08 3.16
C ASP C 74 -16.33 33.44 3.05
N THR C 75 -16.84 34.26 2.13
CA THR C 75 -16.32 35.60 1.93
C THR C 75 -17.02 36.63 2.80
N SER C 76 -16.24 37.40 3.56
CA SER C 76 -16.76 38.48 4.41
C SER C 76 -17.68 37.96 5.50
N LYS C 77 -17.40 36.79 6.07
CA LYS C 77 -18.18 36.31 7.25
C LYS C 77 -17.31 35.56 8.25
N ASN C 78 -16.05 35.27 7.95
CA ASN C 78 -15.16 34.60 8.91
C ASN C 78 -15.78 33.29 9.40
N GLN C 79 -16.07 32.42 8.43
CA GLN C 79 -16.50 31.06 8.73
C GLN C 79 -16.12 30.18 7.54
N PHE C 80 -16.03 28.88 7.79
CA PHE C 80 -15.81 27.91 6.75
C PHE C 80 -16.83 26.79 6.87
N SER C 81 -17.08 26.12 5.76
CA SER C 81 -18.17 25.17 5.63
C SER C 81 -17.64 23.78 5.34
N LEU C 82 -18.55 22.81 5.49
CA LEU C 82 -18.29 21.43 5.11
C LEU C 82 -19.51 20.94 4.35
N LYS C 83 -19.27 20.33 3.19
CA LYS C 83 -20.34 19.77 2.38
C LYS C 83 -19.99 18.32 2.05
N LEU C 84 -20.92 17.41 2.36
CA LEU C 84 -20.71 15.98 2.16
C LEU C 84 -21.88 15.45 1.34
N ASN C 85 -21.61 15.04 0.11
CA ASN C 85 -22.66 14.60 -0.80
C ASN C 85 -23.08 13.16 -0.49
N SER C 86 -24.30 12.85 -0.89
CA SER C 86 -24.85 11.49 -0.88
C SER C 86 -24.48 10.75 0.40
N VAL C 87 -24.95 11.31 1.52
CA VAL C 87 -24.63 10.71 2.82
C VAL C 87 -25.39 9.41 3.00
N THR C 88 -24.84 8.52 3.82
CA THR C 88 -25.47 7.26 4.19
C THR C 88 -25.43 7.13 5.70
N ALA C 89 -25.95 6.00 6.20
CA ALA C 89 -25.95 5.76 7.63
C ALA C 89 -24.54 5.78 8.22
N ALA C 90 -23.52 5.56 7.37
CA ALA C 90 -22.13 5.62 7.81
C ALA C 90 -21.68 7.04 8.12
N ASP C 91 -22.42 8.05 7.69
CA ASP C 91 -22.03 9.43 7.91
C ASP C 91 -22.63 10.03 9.17
N THR C 92 -23.47 9.28 9.89
CA THR C 92 -23.99 9.73 11.17
C THR C 92 -22.83 9.83 12.15
N ALA C 93 -22.60 11.02 12.70
CA ALA C 93 -21.46 11.23 13.59
C ALA C 93 -21.57 12.61 14.21
N VAL C 94 -20.76 12.83 15.24
CA VAL C 94 -20.54 14.15 15.80
C VAL C 94 -19.42 14.81 15.01
N TYR C 95 -19.68 15.98 14.44
CA TYR C 95 -18.75 16.66 13.56
C TYR C 95 -18.12 17.83 14.30
N TYR C 96 -16.79 17.86 14.30
CA TYR C 96 -16.01 18.92 14.91
C TYR C 96 -15.29 19.73 13.85
N CYS C 97 -15.20 21.04 14.06
CA CYS C 97 -14.30 21.89 13.32
C CYS C 97 -13.15 22.28 14.23
N ALA C 98 -11.93 22.23 13.70
CA ALA C 98 -10.73 22.35 14.52
C ALA C 98 -9.68 23.20 13.81
N ARG C 99 -8.70 23.65 14.59
CA ARG C 99 -7.63 24.51 14.11
C ARG C 99 -6.30 23.78 14.24
N GLN C 100 -5.37 24.14 13.34
CA GLN C 100 -4.02 23.58 13.28
C GLN C 100 -4.04 22.07 13.05
N PRO C 101 -4.32 21.66 11.82
CA PRO C 101 -4.49 20.24 11.51
C PRO C 101 -3.41 19.37 12.12
N PRO C 102 -2.12 19.66 11.92
CA PRO C 102 -1.11 18.69 12.38
C PRO C 102 -1.26 18.36 13.86
N ARG C 103 -1.58 19.35 14.68
CA ARG C 103 -1.75 19.17 16.12
C ARG C 103 -3.01 19.96 16.51
N PHE C 104 -4.14 19.27 16.55
CA PHE C 104 -5.44 19.91 16.73
C PHE C 104 -5.55 20.42 18.15
N ASP C 105 -5.29 21.72 18.33
CA ASP C 105 -5.24 22.32 19.66
C ASP C 105 -6.55 22.99 20.06
N VAL C 106 -7.30 23.52 19.09
CA VAL C 106 -8.56 24.21 19.36
C VAL C 106 -9.67 23.46 18.64
N TRP C 107 -10.75 23.18 19.35
CA TRP C 107 -11.87 22.41 18.84
C TRP C 107 -13.17 23.15 19.07
N GLY C 108 -14.15 22.90 18.20
CA GLY C 108 -15.51 23.29 18.45
C GLY C 108 -16.18 22.26 19.35
N PRO C 109 -17.29 22.64 19.98
CA PRO C 109 -17.99 21.68 20.86
C PRO C 109 -18.51 20.46 20.12
N GLY C 110 -18.70 20.57 18.81
CA GLY C 110 -19.20 19.45 18.03
C GLY C 110 -20.71 19.45 17.93
N VAL C 111 -21.23 19.04 16.78
CA VAL C 111 -22.67 18.92 16.55
C VAL C 111 -22.94 17.51 16.04
N LEU C 112 -23.92 16.85 16.64
CA LEU C 112 -24.31 15.52 16.19
C LEU C 112 -25.24 15.66 14.98
N VAL C 113 -24.88 14.98 13.90
CA VAL C 113 -25.70 14.92 12.69
C VAL C 113 -26.09 13.46 12.47
N THR C 114 -27.39 13.18 12.50
CA THR C 114 -27.91 11.83 12.32
C THR C 114 -28.53 11.73 10.93
N VAL C 115 -28.01 10.80 10.13
CA VAL C 115 -28.57 10.52 8.81
C VAL C 115 -29.73 9.54 9.00
N SER C 116 -30.92 9.97 8.60
CA SER C 116 -32.09 9.11 8.69
C SER C 116 -33.19 9.66 7.79
N THR C 117 -34.10 8.78 7.41
CA THR C 117 -35.21 9.13 6.54
C THR C 117 -36.33 9.87 7.26
N ALA C 118 -36.23 10.01 8.58
CA ALA C 118 -37.29 10.63 9.37
C ALA C 118 -37.18 12.15 9.32
N SER C 119 -38.32 12.80 9.54
CA SER C 119 -38.41 14.24 9.69
C SER C 119 -38.55 14.59 11.17
N THR C 120 -38.56 15.89 11.46
CA THR C 120 -38.71 16.34 12.83
C THR C 120 -40.01 15.81 13.42
N LYS C 121 -39.93 15.22 14.61
CA LYS C 121 -41.08 14.58 15.24
C LYS C 121 -40.92 14.61 16.74
N GLY C 122 -41.98 15.01 17.43
CA GLY C 122 -41.99 15.05 18.88
C GLY C 122 -42.18 13.67 19.49
N PRO C 123 -41.62 13.46 20.67
CA PRO C 123 -41.68 12.13 21.28
C PRO C 123 -43.00 11.85 21.97
N SER C 124 -43.25 10.56 22.17
CA SER C 124 -44.31 10.08 23.04
C SER C 124 -43.68 9.61 24.35
N VAL C 125 -44.23 10.09 25.46
CA VAL C 125 -43.67 9.81 26.78
C VAL C 125 -44.59 8.81 27.47
N PHE C 126 -44.08 7.60 27.68
CA PHE C 126 -44.84 6.53 28.31
C PHE C 126 -44.23 6.21 29.67
N PRO C 127 -45.04 6.06 30.72
CA PRO C 127 -44.47 5.84 32.05
C PRO C 127 -43.85 4.47 32.19
N LEU C 128 -42.91 4.37 33.11
CA LEU C 128 -42.32 3.11 33.55
C LEU C 128 -42.67 2.96 35.03
N ALA C 129 -43.82 2.36 35.31
CA ALA C 129 -44.37 2.35 36.66
C ALA C 129 -43.61 1.40 37.58
N PRO C 130 -43.50 1.71 38.86
CA PRO C 130 -42.92 0.77 39.82
C PRO C 130 -43.91 -0.32 40.22
N SER C 131 -43.36 -1.43 40.69
CA SER C 131 -44.16 -2.59 41.06
C SER C 131 -43.66 -3.21 42.36
N SER C 132 -43.19 -2.36 43.28
CA SER C 132 -42.59 -2.83 44.53
C SER C 132 -43.04 -1.94 45.68
N ARG C 133 -42.83 -2.44 46.89
CA ARG C 133 -43.12 -1.68 48.10
C ARG C 133 -42.19 -2.10 49.24
N SER C 136 -39.73 -5.59 45.87
CA SER C 136 -38.54 -5.94 45.10
C SER C 136 -37.27 -5.47 45.80
N GLU C 137 -37.21 -4.17 46.09
CA GLU C 137 -36.05 -3.59 46.74
C GLU C 137 -36.51 -2.58 47.79
N SER C 138 -35.60 -2.27 48.73
CA SER C 138 -35.89 -1.25 49.73
C SER C 138 -36.13 0.11 49.07
N THR C 139 -35.58 0.31 47.89
CA THR C 139 -35.85 1.50 47.08
C THR C 139 -36.36 1.05 45.73
N ALA C 140 -37.49 1.59 45.30
CA ALA C 140 -38.09 1.18 44.04
C ALA C 140 -37.48 1.95 42.87
N ALA C 141 -37.71 1.45 41.67
CA ALA C 141 -37.27 2.09 40.44
C ALA C 141 -38.47 2.48 39.60
N LEU C 142 -38.43 3.70 39.07
CA LEU C 142 -39.48 4.21 38.19
C LEU C 142 -38.85 5.12 37.15
N GLY C 143 -39.58 5.37 36.08
CA GLY C 143 -39.00 6.18 35.02
C GLY C 143 -40.00 6.51 33.94
N CYS C 144 -39.48 7.11 32.87
CA CYS C 144 -40.25 7.52 31.72
C CYS C 144 -39.59 6.99 30.45
N LEU C 145 -40.41 6.64 29.47
CA LEU C 145 -39.93 6.15 28.18
C LEU C 145 -40.21 7.22 27.13
N VAL C 146 -39.14 7.81 26.59
CA VAL C 146 -39.22 8.86 25.60
C VAL C 146 -38.92 8.22 24.24
N LYS C 147 -39.93 8.12 23.38
CA LYS C 147 -39.86 7.30 22.19
C LYS C 147 -40.27 8.07 20.95
N ASP C 148 -39.62 7.74 19.83
CA ASP C 148 -40.02 8.17 18.49
C ASP C 148 -39.90 9.67 18.31
N TYR C 149 -38.69 10.18 18.54
CA TYR C 149 -38.33 11.55 18.17
C TYR C 149 -37.05 11.50 17.36
N PHE C 150 -37.05 12.09 16.16
CA PHE C 150 -35.86 11.95 15.34
C PHE C 150 -34.77 12.94 15.74
N PRO C 151 -35.04 14.24 15.77
CA PRO C 151 -33.94 15.19 16.09
C PRO C 151 -33.47 14.99 17.52
N GLU C 152 -32.21 14.63 17.67
CA GLU C 152 -31.74 14.05 18.93
C GLU C 152 -31.97 14.95 20.14
N PRO C 153 -31.68 16.24 20.08
CA PRO C 153 -31.75 17.04 21.32
C PRO C 153 -33.05 16.83 22.09
N VAL C 154 -32.95 16.24 23.27
CA VAL C 154 -34.08 16.05 24.16
C VAL C 154 -33.61 16.24 25.59
N THR C 155 -34.42 16.91 26.40
CA THR C 155 -34.11 17.22 27.79
C THR C 155 -35.12 16.54 28.68
N VAL C 156 -34.63 15.91 29.75
CA VAL C 156 -35.47 15.22 30.72
C VAL C 156 -35.10 15.68 32.12
N SER C 157 -36.10 16.12 32.87
CA SER C 157 -35.95 16.44 34.28
C SER C 157 -37.07 15.77 35.06
N TRP C 158 -36.93 15.75 36.38
CA TRP C 158 -37.90 15.11 37.26
C TRP C 158 -38.40 16.11 38.29
N ASN C 159 -39.72 16.20 38.42
CA ASN C 159 -40.35 17.13 39.35
C ASN C 159 -39.83 18.55 39.13
N SER C 160 -39.71 18.93 37.85
CA SER C 160 -39.26 20.26 37.48
C SER C 160 -37.91 20.59 38.10
N GLY C 161 -37.01 19.62 38.11
CA GLY C 161 -35.66 19.81 38.60
C GLY C 161 -35.49 19.60 40.09
N SER C 162 -36.57 19.37 40.83
CA SER C 162 -36.44 19.15 42.26
C SER C 162 -35.77 17.79 42.55
N LEU C 163 -36.09 16.79 41.74
CA LEU C 163 -35.58 15.43 41.94
C LEU C 163 -34.37 15.22 41.04
N THR C 164 -33.20 15.07 41.66
CA THR C 164 -31.96 14.88 40.92
C THR C 164 -31.23 13.63 41.39
N SER C 165 -31.32 13.33 42.69
CA SER C 165 -30.63 12.18 43.24
C SER C 165 -31.27 10.89 42.72
N GLY C 166 -30.43 9.94 42.34
CA GLY C 166 -30.90 8.65 41.88
C GLY C 166 -31.42 8.62 40.46
N VAL C 167 -31.27 9.71 39.71
CA VAL C 167 -31.81 9.80 38.37
C VAL C 167 -30.78 9.27 37.37
N HIS C 168 -31.26 8.56 36.35
CA HIS C 168 -30.40 8.03 35.30
C HIS C 168 -31.12 8.22 33.97
N THR C 169 -30.76 9.28 33.25
CA THR C 169 -31.23 9.49 31.90
C THR C 169 -30.23 8.86 30.93
N PHE C 170 -30.69 7.84 30.20
CA PHE C 170 -29.80 7.03 29.38
C PHE C 170 -29.59 7.66 28.01
N PRO C 171 -28.44 7.42 27.38
CA PRO C 171 -28.24 7.89 26.01
C PRO C 171 -29.29 7.30 25.08
N ALA C 172 -29.72 8.12 24.12
CA ALA C 172 -30.72 7.67 23.17
C ALA C 172 -30.14 6.64 22.22
N VAL C 173 -31.02 5.83 21.64
CA VAL C 173 -30.66 4.83 20.65
C VAL C 173 -31.44 5.12 19.38
N LEU C 174 -30.80 4.89 18.24
CA LEU C 174 -31.45 5.08 16.95
C LEU C 174 -32.11 3.77 16.52
N GLN C 175 -33.43 3.78 16.41
CA GLN C 175 -34.18 2.60 16.02
C GLN C 175 -34.13 2.43 14.50
N SER C 176 -34.53 1.25 14.03
CA SER C 176 -34.57 0.99 12.60
C SER C 176 -35.49 1.96 11.87
N SER C 177 -36.48 2.52 12.57
CA SER C 177 -37.40 3.46 11.94
C SER C 177 -36.75 4.80 11.63
N GLY C 178 -35.56 5.06 12.17
CA GLY C 178 -34.92 6.35 12.02
C GLY C 178 -35.27 7.36 13.08
N LEU C 179 -35.96 6.95 14.15
CA LEU C 179 -36.31 7.80 15.27
C LEU C 179 -35.54 7.37 16.50
N TYR C 180 -35.21 8.33 17.35
CA TYR C 180 -34.50 8.03 18.59
C TYR C 180 -35.48 7.59 19.67
N SER C 181 -34.94 7.00 20.73
CA SER C 181 -35.73 6.60 21.88
C SER C 181 -34.80 6.47 23.08
N LEU C 182 -35.22 7.00 24.22
CA LEU C 182 -34.46 6.88 25.45
C LEU C 182 -35.40 6.68 26.62
N SER C 183 -34.83 6.26 27.74
CA SER C 183 -35.55 6.12 29.00
C SER C 183 -34.82 6.90 30.07
N SER C 184 -35.58 7.53 30.97
CA SER C 184 -35.05 8.19 32.15
C SER C 184 -35.65 7.54 33.37
N VAL C 185 -34.79 7.09 34.30
CA VAL C 185 -35.22 6.34 35.46
C VAL C 185 -34.68 7.02 36.71
N VAL C 186 -35.38 6.81 37.82
CA VAL C 186 -35.01 7.36 39.12
C VAL C 186 -35.30 6.32 40.19
N THR C 187 -34.40 6.24 41.17
CA THR C 187 -34.56 5.34 42.30
C THR C 187 -35.09 6.12 43.49
N VAL C 188 -36.20 5.67 44.05
CA VAL C 188 -36.86 6.37 45.15
C VAL C 188 -37.19 5.38 46.26
N PRO C 189 -37.29 5.82 47.50
CA PRO C 189 -37.73 4.91 48.56
C PRO C 189 -39.06 4.20 48.36
N SER C 190 -39.11 2.93 48.76
CA SER C 190 -40.34 2.17 48.60
C SER C 190 -41.57 2.86 49.25
N SER C 191 -41.35 3.38 50.46
CA SER C 191 -42.38 4.13 51.15
C SER C 191 -43.04 5.34 50.50
N SER C 192 -42.28 6.09 49.70
CA SER C 192 -42.84 7.28 49.06
C SER C 192 -43.79 6.94 47.92
N LEU C 193 -43.86 5.68 47.51
CA LEU C 193 -44.72 5.31 46.39
C LEU C 193 -46.19 5.48 46.77
N GLY C 194 -46.94 6.13 45.88
CA GLY C 194 -48.33 6.43 46.14
C GLY C 194 -48.57 7.60 47.04
N THR C 195 -47.51 8.29 47.49
CA THR C 195 -47.66 9.45 48.36
C THR C 195 -46.89 10.64 47.78
N GLN C 196 -45.77 10.36 47.13
CA GLN C 196 -44.94 11.39 46.51
C GLN C 196 -45.20 11.40 45.01
N THR C 197 -45.61 12.54 44.48
CA THR C 197 -45.85 12.65 43.06
C THR C 197 -44.54 12.71 42.30
N TYR C 198 -44.40 11.87 41.28
CA TYR C 198 -43.20 11.79 40.46
C TYR C 198 -43.59 12.15 39.03
N VAL C 199 -43.13 13.31 38.56
CA VAL C 199 -43.41 13.80 37.22
C VAL C 199 -42.08 13.95 36.48
N CYS C 200 -42.00 13.37 35.29
CA CYS C 200 -40.86 13.57 34.42
C CYS C 200 -41.19 14.65 33.40
N ASN C 201 -40.35 15.67 33.34
CA ASN C 201 -40.52 16.79 32.42
C ASN C 201 -39.63 16.59 31.21
N VAL C 202 -40.24 16.46 30.04
CA VAL C 202 -39.53 16.17 28.81
C VAL C 202 -39.73 17.34 27.86
N ASN C 203 -38.62 17.87 27.36
CA ASN C 203 -38.64 18.96 26.38
C ASN C 203 -37.85 18.51 25.15
N HIS C 204 -38.46 18.68 23.98
CA HIS C 204 -37.86 18.36 22.70
C HIS C 204 -37.84 19.65 21.90
N LYS C 205 -36.76 20.43 22.05
CA LYS C 205 -36.70 21.74 21.44
C LYS C 205 -36.79 21.72 19.91
N PRO C 206 -36.18 20.76 19.20
CA PRO C 206 -36.27 20.79 17.73
C PRO C 206 -37.69 20.89 17.21
N SER C 207 -38.63 20.20 17.85
CA SER C 207 -40.04 20.47 17.67
C SER C 207 -40.52 21.32 18.85
N ASN C 208 -41.79 21.71 18.82
CA ASN C 208 -42.36 22.53 19.89
C ASN C 208 -43.11 21.64 20.88
N THR C 209 -42.39 20.68 21.45
CA THR C 209 -42.98 19.64 22.28
C THR C 209 -42.55 19.79 23.72
N LYS C 210 -43.54 19.91 24.62
CA LYS C 210 -43.31 19.97 26.06
C LYS C 210 -44.32 19.05 26.70
N VAL C 211 -43.83 18.00 27.38
CA VAL C 211 -44.68 16.98 27.96
C VAL C 211 -44.29 16.77 29.41
N ASP C 212 -45.29 16.73 30.29
CA ASP C 212 -45.11 16.35 31.69
C ASP C 212 -45.97 15.13 31.95
N LYS C 213 -45.35 14.04 32.39
CA LYS C 213 -46.03 12.77 32.60
C LYS C 213 -45.95 12.38 34.07
N ARG C 214 -47.10 12.16 34.68
CA ARG C 214 -47.17 11.68 36.06
C ARG C 214 -46.98 10.16 36.07
N VAL C 215 -45.91 9.71 36.69
CA VAL C 215 -45.60 8.28 36.79
C VAL C 215 -46.12 7.77 38.12
N GLU C 216 -47.06 6.82 38.09
CA GLU C 216 -47.72 6.32 39.33
C GLU C 216 -47.64 4.79 39.41
N ILE C 217 -47.93 4.23 40.58
CA ILE C 217 -47.94 2.75 40.78
C ILE C 217 -49.10 2.17 39.96
N LYS C 218 -48.92 0.99 39.39
CA LYS C 218 -49.97 0.31 38.59
C LYS C 218 -50.63 -0.78 39.43
N ASN D 1 38.53 -42.70 -47.77
CA ASN D 1 39.71 -42.20 -48.47
C ASN D 1 39.30 -41.22 -49.55
N ILE D 2 40.26 -40.41 -50.02
CA ILE D 2 40.01 -39.43 -51.06
C ILE D 2 38.78 -38.60 -50.70
N THR D 3 38.76 -38.02 -49.51
CA THR D 3 37.65 -37.16 -49.13
C THR D 3 37.95 -35.74 -49.53
N ASN D 4 36.91 -34.95 -49.78
CA ASN D 4 37.09 -33.55 -50.15
C ASN D 4 37.65 -32.63 -49.08
N LEU D 5 38.13 -31.46 -49.51
CA LEU D 5 38.49 -30.43 -48.56
C LEU D 5 37.24 -29.91 -47.86
N CYS D 6 37.34 -29.69 -46.55
CA CYS D 6 36.18 -29.29 -45.79
C CYS D 6 35.65 -27.95 -46.31
N PRO D 7 34.32 -27.79 -46.39
CA PRO D 7 33.77 -26.58 -47.00
C PRO D 7 33.88 -25.35 -46.11
N PHE D 8 35.10 -25.00 -45.70
CA PHE D 8 35.29 -23.80 -44.90
C PHE D 8 34.93 -22.54 -45.69
N GLY D 9 35.04 -22.59 -47.02
CA GLY D 9 34.69 -21.43 -47.82
C GLY D 9 33.23 -21.04 -47.67
N GLU D 10 32.34 -22.03 -47.61
CA GLU D 10 30.92 -21.76 -47.42
C GLU D 10 30.67 -20.97 -46.15
N VAL D 11 31.47 -21.22 -45.11
CA VAL D 11 31.24 -20.56 -43.82
C VAL D 11 31.90 -19.19 -43.77
N PHE D 12 33.20 -19.14 -44.10
CA PHE D 12 33.94 -17.88 -43.97
C PHE D 12 33.59 -16.90 -45.08
N ASN D 13 33.36 -17.40 -46.29
CA ASN D 13 33.11 -16.56 -47.46
C ASN D 13 31.63 -16.31 -47.70
N ALA D 14 30.77 -16.63 -46.74
CA ALA D 14 29.34 -16.44 -46.91
C ALA D 14 29.01 -14.96 -47.09
N THR D 15 28.09 -14.69 -48.01
CA THR D 15 27.73 -13.30 -48.32
C THR D 15 27.10 -12.63 -47.10
N ARG D 16 26.13 -13.29 -46.47
CA ARG D 16 25.47 -12.76 -45.29
C ARG D 16 25.73 -13.68 -44.10
N PHE D 17 25.82 -13.08 -42.92
CA PHE D 17 25.94 -13.79 -41.66
C PHE D 17 24.66 -13.65 -40.86
N ALA D 18 24.48 -14.58 -39.93
CA ALA D 18 23.31 -14.55 -39.06
C ALA D 18 23.53 -13.57 -37.91
N SER D 19 22.42 -13.16 -37.30
CA SER D 19 22.49 -12.42 -36.05
C SER D 19 22.91 -13.36 -34.92
N VAL D 20 23.60 -12.79 -33.92
CA VAL D 20 24.18 -13.61 -32.86
C VAL D 20 23.10 -14.36 -32.09
N TYR D 21 21.94 -13.73 -31.87
CA TYR D 21 20.87 -14.41 -31.15
C TYR D 21 20.33 -15.61 -31.92
N ALA D 22 20.53 -15.64 -33.24
CA ALA D 22 20.06 -16.74 -34.07
C ALA D 22 21.24 -17.30 -34.84
N TRP D 23 22.33 -17.57 -34.13
CA TRP D 23 23.59 -17.97 -34.74
C TRP D 23 23.42 -19.22 -35.60
N ASN D 24 24.10 -19.23 -36.74
CA ASN D 24 24.08 -20.39 -37.62
C ASN D 24 25.08 -21.44 -37.14
N ARG D 25 24.80 -22.69 -37.51
CA ARG D 25 25.68 -23.81 -37.20
C ARG D 25 25.73 -24.73 -38.40
N LYS D 26 26.92 -24.93 -38.96
CA LYS D 26 27.14 -25.83 -40.08
C LYS D 26 27.88 -27.05 -39.58
N ARG D 27 27.32 -28.23 -39.83
CA ARG D 27 27.90 -29.48 -39.39
C ARG D 27 28.83 -30.00 -40.47
N ILE D 28 30.12 -30.01 -40.17
CA ILE D 28 31.16 -30.41 -41.12
C ILE D 28 31.50 -31.87 -40.87
N SER D 29 31.49 -32.66 -41.94
CA SER D 29 31.75 -34.09 -41.82
C SER D 29 32.27 -34.62 -43.15
N ASN D 30 33.14 -35.63 -43.06
CA ASN D 30 33.60 -36.41 -44.20
C ASN D 30 34.40 -35.55 -45.16
N CYS D 31 35.47 -34.96 -44.61
CA CYS D 31 36.33 -34.09 -45.39
C CYS D 31 37.67 -33.97 -44.69
N VAL D 32 38.67 -33.54 -45.44
CA VAL D 32 39.99 -33.24 -44.89
C VAL D 32 39.99 -31.77 -44.48
N ALA D 33 40.42 -31.52 -43.25
CA ALA D 33 40.40 -30.17 -42.66
C ALA D 33 41.84 -29.69 -42.55
N ASP D 34 42.23 -28.78 -43.44
CA ASP D 34 43.53 -28.13 -43.36
C ASP D 34 43.34 -26.85 -42.57
N TYR D 35 43.54 -26.93 -41.26
CA TYR D 35 43.27 -25.79 -40.39
C TYR D 35 44.28 -24.67 -40.62
N SER D 36 45.47 -24.98 -41.10
CA SER D 36 46.47 -23.95 -41.37
C SER D 36 46.08 -23.06 -42.55
N VAL D 37 45.13 -23.51 -43.38
CA VAL D 37 44.55 -22.61 -44.38
C VAL D 37 43.98 -21.38 -43.69
N LEU D 38 43.31 -21.59 -42.55
CA LEU D 38 42.77 -20.48 -41.78
C LEU D 38 43.85 -19.78 -40.96
N TYR D 39 44.75 -20.55 -40.33
CA TYR D 39 45.73 -19.94 -39.44
C TYR D 39 46.74 -19.10 -40.20
N ASN D 40 47.10 -19.53 -41.41
CA ASN D 40 48.14 -18.86 -42.22
C ASN D 40 47.54 -17.60 -42.87
N SER D 41 46.21 -17.48 -42.94
CA SER D 41 45.58 -16.30 -43.50
C SER D 41 45.78 -15.10 -42.59
N ALA D 42 46.06 -13.95 -43.19
CA ALA D 42 46.21 -12.70 -42.46
C ALA D 42 44.91 -11.94 -42.31
N SER D 43 43.78 -12.54 -42.68
CA SER D 43 42.49 -11.85 -42.67
C SER D 43 41.85 -11.79 -41.29
N PHE D 44 42.34 -12.57 -40.33
CA PHE D 44 41.69 -12.70 -39.03
C PHE D 44 42.46 -11.93 -37.96
N SER D 45 41.75 -11.08 -37.23
CA SER D 45 42.35 -10.36 -36.10
C SER D 45 42.34 -11.18 -34.82
N THR D 46 41.42 -12.14 -34.71
CA THR D 46 41.35 -13.03 -33.57
C THR D 46 41.43 -14.47 -34.07
N PHE D 47 42.35 -15.24 -33.49
CA PHE D 47 42.45 -16.68 -33.77
C PHE D 47 42.95 -17.33 -32.48
N LYS D 48 42.00 -17.80 -31.66
CA LYS D 48 42.30 -18.38 -30.36
C LYS D 48 41.73 -19.78 -30.30
N CYS D 49 42.57 -20.76 -30.00
CA CYS D 49 42.16 -22.14 -29.83
C CYS D 49 42.33 -22.55 -28.38
N TYR D 50 41.38 -23.33 -27.88
CA TYR D 50 41.33 -23.74 -26.49
C TYR D 50 41.54 -25.24 -26.39
N GLY D 51 42.53 -25.66 -25.60
CA GLY D 51 42.87 -27.04 -25.45
C GLY D 51 43.85 -27.57 -26.49
N VAL D 52 43.80 -27.02 -27.70
CA VAL D 52 44.62 -27.48 -28.81
C VAL D 52 45.40 -26.29 -29.37
N SER D 53 46.66 -26.50 -29.71
CA SER D 53 47.39 -25.45 -30.39
C SER D 53 47.05 -25.48 -31.89
N PRO D 54 46.90 -24.31 -32.52
CA PRO D 54 46.53 -24.32 -33.95
C PRO D 54 47.51 -25.10 -34.82
N THR D 55 48.79 -25.08 -34.47
CA THR D 55 49.78 -25.78 -35.29
C THR D 55 49.56 -27.30 -35.31
N LYS D 56 49.11 -27.87 -34.20
CA LYS D 56 48.90 -29.31 -34.11
C LYS D 56 47.52 -29.73 -34.61
N LEU D 57 46.70 -28.77 -35.05
CA LEU D 57 45.32 -29.10 -35.43
C LEU D 57 45.35 -30.04 -36.63
N ASN D 58 46.33 -29.84 -37.53
CA ASN D 58 46.39 -30.65 -38.74
C ASN D 58 46.74 -32.11 -38.46
N ASP D 59 47.16 -32.44 -37.26
CA ASP D 59 47.49 -33.81 -36.87
C ASP D 59 46.33 -34.52 -36.17
N LEU D 60 45.17 -33.88 -36.08
CA LEU D 60 44.07 -34.39 -35.26
C LEU D 60 42.91 -34.86 -36.12
N CYS D 61 42.11 -35.75 -35.52
CA CYS D 61 40.93 -36.31 -36.15
C CYS D 61 39.76 -36.21 -35.18
N PHE D 62 38.57 -35.98 -35.73
CA PHE D 62 37.37 -35.85 -34.91
C PHE D 62 36.19 -36.52 -35.59
N THR D 63 35.22 -36.95 -34.78
CA THR D 63 34.01 -37.55 -35.33
C THR D 63 33.22 -36.54 -36.16
N ASN D 64 33.10 -35.31 -35.65
CA ASN D 64 32.37 -34.26 -36.34
C ASN D 64 32.99 -32.93 -35.96
N VAL D 65 32.70 -31.90 -36.75
CA VAL D 65 33.10 -30.55 -36.46
C VAL D 65 31.90 -29.64 -36.69
N TYR D 66 31.72 -28.66 -35.81
CA TYR D 66 30.66 -27.67 -35.92
C TYR D 66 31.28 -26.30 -36.17
N ALA D 67 30.74 -25.58 -37.14
CA ALA D 67 31.15 -24.21 -37.42
C ALA D 67 29.96 -23.30 -37.13
N ASP D 68 30.03 -22.57 -36.02
CA ASP D 68 29.00 -21.62 -35.65
C ASP D 68 29.44 -20.22 -36.07
N SER D 69 28.52 -19.47 -36.69
CA SER D 69 28.85 -18.17 -37.25
C SER D 69 27.77 -17.16 -36.90
N PHE D 70 28.19 -15.91 -36.75
CA PHE D 70 27.28 -14.81 -36.42
C PHE D 70 28.07 -13.51 -36.51
N VAL D 71 27.40 -12.41 -36.17
CA VAL D 71 28.02 -11.08 -36.19
C VAL D 71 27.77 -10.42 -34.84
N ILE D 72 28.82 -9.81 -34.27
CA ILE D 72 28.73 -8.98 -33.08
C ILE D 72 29.65 -7.78 -33.29
N ARG D 73 29.58 -6.83 -32.36
CA ARG D 73 30.44 -5.67 -32.43
C ARG D 73 31.81 -5.96 -31.79
N GLY D 74 32.76 -5.06 -32.07
CA GLY D 74 34.16 -5.29 -31.76
C GLY D 74 34.48 -5.77 -30.35
N ASP D 75 34.13 -4.97 -29.34
CA ASP D 75 34.55 -5.28 -27.97
C ASP D 75 33.73 -6.41 -27.35
N GLU D 76 32.77 -6.98 -28.07
CA GLU D 76 32.05 -8.16 -27.62
C GLU D 76 32.72 -9.46 -28.06
N VAL D 77 33.72 -9.38 -28.94
CA VAL D 77 34.39 -10.60 -29.39
C VAL D 77 35.07 -11.30 -28.23
N ARG D 78 35.58 -10.54 -27.25
CA ARG D 78 36.22 -11.14 -26.09
C ARG D 78 35.25 -12.00 -25.30
N GLN D 79 33.95 -11.82 -25.48
CA GLN D 79 32.95 -12.64 -24.78
C GLN D 79 32.76 -14.01 -25.42
N ILE D 80 33.29 -14.23 -26.62
CA ILE D 80 33.18 -15.55 -27.26
C ILE D 80 34.38 -16.35 -26.77
N ALA D 81 34.26 -16.88 -25.57
CA ALA D 81 35.33 -17.60 -24.93
C ALA D 81 34.83 -18.25 -23.64
N PRO D 82 35.44 -19.34 -23.20
CA PRO D 82 34.99 -19.99 -21.97
C PRO D 82 35.12 -19.05 -20.77
N GLY D 83 34.18 -19.18 -19.84
CA GLY D 83 34.25 -18.45 -18.58
C GLY D 83 33.93 -16.98 -18.68
N GLN D 84 33.39 -16.51 -19.80
CA GLN D 84 33.06 -15.10 -19.97
C GLN D 84 31.61 -14.84 -19.60
N THR D 85 31.34 -13.60 -19.20
CA THR D 85 30.00 -13.11 -18.93
C THR D 85 29.74 -11.87 -19.79
N GLY D 86 28.49 -11.41 -19.75
CA GLY D 86 28.05 -10.30 -20.56
C GLY D 86 26.83 -10.65 -21.39
N LYS D 87 26.30 -9.63 -22.07
CA LYS D 87 25.04 -9.79 -22.77
C LYS D 87 25.14 -10.85 -23.85
N ILE D 88 26.24 -10.88 -24.60
CA ILE D 88 26.39 -11.87 -25.66
C ILE D 88 26.55 -13.27 -25.07
N ALA D 89 27.47 -13.43 -24.10
CA ALA D 89 27.70 -14.74 -23.53
C ALA D 89 26.48 -15.24 -22.77
N ASP D 90 25.83 -14.36 -22.01
CA ASP D 90 24.74 -14.78 -21.13
C ASP D 90 23.44 -15.02 -21.90
N TYR D 91 23.16 -14.20 -22.91
CA TYR D 91 21.85 -14.18 -23.53
C TYR D 91 21.82 -14.55 -25.01
N ASN D 92 22.97 -14.63 -25.68
CA ASN D 92 22.99 -14.87 -27.13
C ASN D 92 23.76 -16.13 -27.52
N TYR D 93 25.01 -16.26 -27.09
CA TYR D 93 25.84 -17.39 -27.52
C TYR D 93 26.82 -17.73 -26.40
N LYS D 94 26.65 -18.90 -25.79
CA LYS D 94 27.41 -19.31 -24.62
C LYS D 94 28.32 -20.48 -24.95
N LEU D 95 29.61 -20.35 -24.61
CA LEU D 95 30.52 -21.47 -24.77
C LEU D 95 30.69 -22.22 -23.46
N PRO D 96 30.86 -23.55 -23.50
CA PRO D 96 31.02 -24.30 -22.25
C PRO D 96 32.31 -23.92 -21.54
N ASP D 97 32.31 -24.14 -20.22
CA ASP D 97 33.49 -23.83 -19.41
C ASP D 97 34.70 -24.65 -19.83
N ASP D 98 34.48 -25.90 -20.26
CA ASP D 98 35.56 -26.78 -20.70
C ASP D 98 35.69 -26.80 -22.22
N PHE D 99 35.41 -25.68 -22.86
CA PHE D 99 35.29 -25.65 -24.32
C PHE D 99 36.60 -26.05 -24.99
N THR D 100 36.47 -26.88 -26.01
CA THR D 100 37.59 -27.27 -26.88
C THR D 100 37.26 -26.82 -28.29
N GLY D 101 38.14 -26.04 -28.88
CA GLY D 101 37.91 -25.54 -30.21
C GLY D 101 38.61 -24.22 -30.41
N CYS D 102 38.27 -23.57 -31.52
CA CYS D 102 38.91 -22.32 -31.93
C CYS D 102 37.86 -21.25 -32.17
N VAL D 103 38.21 -20.02 -31.83
CA VAL D 103 37.36 -18.85 -32.06
C VAL D 103 38.09 -17.95 -33.03
N ILE D 104 37.45 -17.64 -34.15
CA ILE D 104 38.05 -16.84 -35.21
C ILE D 104 37.12 -15.68 -35.52
N ALA D 105 37.67 -14.46 -35.50
CA ALA D 105 36.89 -13.28 -35.80
C ALA D 105 37.69 -12.34 -36.68
N TRP D 106 36.99 -11.55 -37.48
CA TRP D 106 37.62 -10.54 -38.31
C TRP D 106 36.66 -9.37 -38.50
N ASN D 107 37.24 -8.18 -38.64
CA ASN D 107 36.45 -6.98 -38.84
C ASN D 107 35.69 -7.06 -40.16
N SER D 108 34.39 -6.76 -40.12
CA SER D 108 33.54 -6.83 -41.30
C SER D 108 32.87 -5.49 -41.57
N ASN D 109 33.53 -4.40 -41.18
CA ASN D 109 32.97 -3.07 -41.44
C ASN D 109 32.72 -2.85 -42.92
N ASN D 110 33.49 -3.51 -43.79
CA ASN D 110 33.32 -3.32 -45.23
C ASN D 110 32.01 -3.93 -45.73
N LEU D 111 31.54 -5.00 -45.10
CA LEU D 111 30.35 -5.72 -45.56
C LEU D 111 29.09 -5.35 -44.80
N ASP D 112 29.18 -5.23 -43.47
CA ASP D 112 28.01 -5.15 -42.60
C ASP D 112 27.73 -3.75 -42.08
N SER D 113 28.31 -2.72 -42.68
CA SER D 113 28.08 -1.35 -42.28
C SER D 113 27.53 -0.56 -43.46
N LYS D 114 26.59 0.34 -43.16
CA LYS D 114 25.99 1.21 -44.15
C LYS D 114 25.96 2.63 -43.61
N VAL D 115 26.03 3.61 -44.52
CA VAL D 115 25.87 4.99 -44.12
C VAL D 115 24.47 5.19 -43.59
N GLY D 116 24.37 5.75 -42.38
CA GLY D 116 23.10 5.87 -41.69
C GLY D 116 22.78 4.72 -40.77
N GLY D 117 23.50 3.62 -40.87
CA GLY D 117 23.35 2.51 -39.94
C GLY D 117 22.77 1.28 -40.61
N ASN D 118 23.31 0.12 -40.27
CA ASN D 118 22.78 -1.18 -40.68
C ASN D 118 22.12 -1.80 -39.46
N TYR D 119 20.79 -1.80 -39.44
CA TYR D 119 20.02 -2.27 -38.29
C TYR D 119 19.51 -3.69 -38.46
N ASN D 120 20.04 -4.43 -39.43
CA ASN D 120 19.56 -5.79 -39.67
C ASN D 120 20.09 -6.78 -38.63
N TYR D 121 21.26 -6.54 -38.07
CA TYR D 121 21.84 -7.45 -37.09
C TYR D 121 21.28 -7.16 -35.70
N LEU D 122 20.80 -8.21 -35.03
CA LEU D 122 20.12 -8.07 -33.74
C LEU D 122 20.86 -8.87 -32.68
N TYR D 123 20.56 -8.52 -31.43
CA TYR D 123 21.06 -9.26 -30.28
C TYR D 123 20.03 -9.19 -29.16
N ARG D 124 20.08 -10.18 -28.28
CA ARG D 124 19.13 -10.26 -27.17
C ARG D 124 19.66 -9.45 -26.00
N LEU D 125 18.93 -8.41 -25.61
CA LEU D 125 19.34 -7.53 -24.53
C LEU D 125 18.90 -8.02 -23.17
N PHE D 126 17.75 -8.69 -23.09
CA PHE D 126 17.17 -9.13 -21.83
C PHE D 126 16.84 -10.62 -21.90
N ARG D 127 16.95 -11.29 -20.76
CA ARG D 127 16.52 -12.67 -20.66
C ARG D 127 16.33 -13.03 -19.19
N LYS D 128 15.37 -13.93 -18.95
CA LYS D 128 15.07 -14.33 -17.58
C LYS D 128 16.25 -15.04 -16.93
N SER D 129 17.02 -15.81 -17.71
CA SER D 129 18.10 -16.60 -17.17
C SER D 129 19.21 -16.71 -18.20
N ASN D 130 20.39 -17.10 -17.73
CA ASN D 130 21.53 -17.28 -18.62
C ASN D 130 21.29 -18.44 -19.58
N LEU D 131 21.89 -18.35 -20.76
CA LEU D 131 21.82 -19.43 -21.73
C LEU D 131 22.68 -20.60 -21.28
N LYS D 132 22.21 -21.80 -21.60
CA LYS D 132 23.06 -22.98 -21.48
C LYS D 132 24.06 -22.99 -22.64
N PRO D 133 25.19 -23.67 -22.48
CA PRO D 133 26.17 -23.71 -23.57
C PRO D 133 25.57 -24.27 -24.85
N PHE D 134 25.88 -23.60 -25.96
CA PHE D 134 25.41 -24.02 -27.28
C PHE D 134 23.88 -24.06 -27.35
N GLU D 135 23.24 -23.07 -26.73
CA GLU D 135 21.79 -22.92 -26.76
C GLU D 135 21.42 -21.71 -27.60
N ARG D 136 20.39 -21.86 -28.42
CA ARG D 136 19.90 -20.79 -29.30
C ARG D 136 18.48 -20.46 -28.91
N ASP D 137 18.25 -19.20 -28.55
CA ASP D 137 16.93 -18.69 -28.16
C ASP D 137 16.51 -17.67 -29.19
N ILE D 138 15.45 -17.96 -29.94
CA ILE D 138 14.94 -17.07 -30.96
C ILE D 138 13.55 -16.54 -30.62
N SER D 139 13.11 -16.71 -29.37
CA SER D 139 11.82 -16.19 -28.97
C SER D 139 11.82 -14.67 -29.02
N THR D 140 10.65 -14.10 -29.31
CA THR D 140 10.48 -12.66 -29.41
C THR D 140 9.44 -12.14 -28.42
N GLU D 141 9.34 -12.80 -27.26
CA GLU D 141 8.33 -12.42 -26.27
C GLU D 141 8.81 -11.20 -25.48
N ILE D 142 7.84 -10.39 -25.05
CA ILE D 142 8.16 -9.18 -24.31
C ILE D 142 8.80 -9.55 -22.98
N TYR D 143 9.85 -8.83 -22.61
CA TYR D 143 10.56 -9.08 -21.38
C TYR D 143 9.94 -8.30 -20.23
N GLN D 144 9.75 -8.97 -19.11
CA GLN D 144 9.20 -8.34 -17.90
C GLN D 144 10.37 -7.99 -16.99
N ALA D 145 10.73 -6.71 -16.95
CA ALA D 145 11.88 -6.28 -16.17
C ALA D 145 11.59 -6.26 -14.67
N GLY D 146 10.34 -5.99 -14.29
CA GLY D 146 9.98 -5.89 -12.89
C GLY D 146 8.91 -6.87 -12.48
N SER D 147 8.19 -6.55 -11.39
CA SER D 147 7.15 -7.42 -10.88
C SER D 147 5.77 -7.14 -11.47
N THR D 148 5.60 -6.02 -12.17
CA THR D 148 4.33 -5.74 -12.83
C THR D 148 4.23 -6.54 -14.12
N PRO D 149 3.19 -7.35 -14.32
CA PRO D 149 3.14 -8.21 -15.50
C PRO D 149 3.03 -7.42 -16.80
N CYS D 150 3.57 -8.02 -17.86
CA CYS D 150 3.34 -7.57 -19.24
C CYS D 150 2.42 -8.59 -19.89
N ASN D 151 1.22 -8.16 -20.22
CA ASN D 151 0.25 -9.08 -20.82
C ASN D 151 0.51 -9.21 -22.31
N GLY D 152 1.74 -9.54 -22.67
CA GLY D 152 2.12 -9.69 -24.06
C GLY D 152 2.33 -8.39 -24.81
N VAL D 153 2.28 -7.25 -24.12
CA VAL D 153 2.35 -5.94 -24.75
C VAL D 153 3.38 -5.10 -24.03
N GLU D 154 3.62 -3.91 -24.59
CA GLU D 154 4.60 -2.97 -24.04
C GLU D 154 3.99 -2.25 -22.85
N GLY D 155 3.90 -2.97 -21.74
CA GLY D 155 3.52 -2.37 -20.47
C GLY D 155 4.67 -1.59 -19.89
N PHE D 156 4.44 -1.02 -18.71
CA PHE D 156 5.51 -0.36 -17.99
C PHE D 156 6.60 -1.38 -17.62
N ASN D 157 7.85 -0.97 -17.78
CA ASN D 157 9.00 -1.85 -17.50
C ASN D 157 8.88 -3.15 -18.30
N CYS D 158 8.44 -3.03 -19.54
CA CYS D 158 8.33 -4.17 -20.45
C CYS D 158 8.89 -3.77 -21.81
N TYR D 159 9.84 -4.57 -22.31
CA TYR D 159 10.60 -4.19 -23.49
C TYR D 159 10.76 -5.36 -24.44
N PHE D 160 10.75 -5.06 -25.73
CA PHE D 160 11.08 -6.06 -26.73
C PHE D 160 12.51 -6.55 -26.49
N PRO D 161 12.74 -7.87 -26.43
CA PRO D 161 14.06 -8.34 -25.98
C PRO D 161 15.16 -8.14 -27.01
N LEU D 162 14.85 -8.16 -28.30
CA LEU D 162 15.85 -8.07 -29.34
C LEU D 162 16.09 -6.61 -29.73
N GLN D 163 17.35 -6.22 -29.82
CA GLN D 163 17.74 -4.89 -30.25
C GLN D 163 18.85 -4.99 -31.28
N SER D 164 18.95 -3.97 -32.13
CA SER D 164 19.84 -4.00 -33.27
C SER D 164 21.04 -3.09 -33.03
N TYR D 165 22.22 -3.58 -33.41
CA TYR D 165 23.37 -2.69 -33.55
C TYR D 165 23.09 -1.69 -34.66
N GLY D 166 23.49 -0.44 -34.43
CA GLY D 166 23.52 0.51 -35.52
C GLY D 166 24.89 0.54 -36.13
N PHE D 167 25.09 -0.23 -37.20
CA PHE D 167 26.42 -0.44 -37.75
C PHE D 167 26.67 0.60 -38.83
N GLN D 168 27.40 1.65 -38.48
CA GLN D 168 27.82 2.69 -39.40
C GLN D 168 29.32 2.57 -39.65
N PRO D 169 29.79 2.88 -40.85
CA PRO D 169 31.24 2.73 -41.13
C PRO D 169 32.11 3.62 -40.26
N THR D 170 31.58 4.72 -39.75
CA THR D 170 32.36 5.66 -38.96
C THR D 170 32.43 5.29 -37.48
N ASN D 171 31.83 4.18 -37.08
CA ASN D 171 31.89 3.77 -35.69
C ASN D 171 33.33 3.41 -35.32
N GLY D 172 33.60 3.45 -34.01
CA GLY D 172 34.87 2.99 -33.52
C GLY D 172 35.03 1.49 -33.66
N VAL D 173 36.27 1.04 -33.55
CA VAL D 173 36.56 -0.37 -33.78
C VAL D 173 35.75 -1.25 -32.84
N GLY D 174 35.62 -0.84 -31.58
CA GLY D 174 34.85 -1.62 -30.63
C GLY D 174 33.36 -1.64 -30.92
N TYR D 175 32.87 -0.72 -31.75
CA TYR D 175 31.48 -0.66 -32.15
C TYR D 175 31.28 -1.04 -33.60
N GLN D 176 32.31 -1.56 -34.26
CA GLN D 176 32.19 -1.96 -35.66
C GLN D 176 31.82 -3.43 -35.76
N PRO D 177 31.15 -3.83 -36.83
CA PRO D 177 30.75 -5.23 -36.97
C PRO D 177 31.96 -6.14 -37.05
N TYR D 178 31.83 -7.32 -36.45
CA TYR D 178 32.84 -8.36 -36.54
C TYR D 178 32.16 -9.69 -36.82
N ARG D 179 32.64 -10.38 -37.84
CA ARG D 179 32.15 -11.71 -38.16
C ARG D 179 32.96 -12.73 -37.38
N VAL D 180 32.26 -13.61 -36.68
CA VAL D 180 32.86 -14.59 -35.78
C VAL D 180 32.54 -15.98 -36.28
N VAL D 181 33.55 -16.85 -36.29
CA VAL D 181 33.37 -18.27 -36.59
C VAL D 181 33.97 -19.07 -35.45
N VAL D 182 33.18 -19.98 -34.88
CA VAL D 182 33.60 -20.82 -33.77
C VAL D 182 33.62 -22.26 -34.24
N LEU D 183 34.76 -22.93 -34.05
CA LEU D 183 34.92 -24.33 -34.43
C LEU D 183 34.87 -25.19 -33.19
N SER D 184 33.94 -26.15 -33.17
CA SER D 184 33.80 -27.10 -32.07
C SER D 184 34.14 -28.49 -32.57
N PHE D 185 34.87 -29.24 -31.75
CA PHE D 185 35.37 -30.56 -32.12
C PHE D 185 34.58 -31.62 -31.37
N GLU D 186 33.74 -32.35 -32.11
CA GLU D 186 32.95 -33.43 -31.53
C GLU D 186 33.78 -34.71 -31.56
N LEU D 187 34.24 -35.14 -30.39
CA LEU D 187 35.02 -36.36 -30.25
C LEU D 187 34.17 -37.40 -29.52
N LEU D 188 33.76 -38.43 -30.24
CA LEU D 188 32.95 -39.51 -29.69
C LEU D 188 33.63 -40.84 -29.98
N HIS D 189 33.11 -41.89 -29.35
CA HIS D 189 33.58 -43.24 -29.60
C HIS D 189 32.99 -43.76 -30.91
N ALA D 190 33.40 -43.09 -31.98
CA ALA D 190 32.91 -43.35 -33.33
C ALA D 190 34.09 -43.21 -34.29
N PRO D 191 33.97 -43.73 -35.50
CA PRO D 191 35.05 -43.56 -36.47
C PRO D 191 35.31 -42.09 -36.74
N ALA D 192 36.59 -41.72 -36.84
CA ALA D 192 36.95 -40.37 -37.19
C ALA D 192 36.47 -40.04 -38.59
N THR D 193 35.84 -38.87 -38.73
CA THR D 193 35.19 -38.49 -39.97
C THR D 193 35.69 -37.16 -40.52
N VAL D 194 36.29 -36.31 -39.70
CA VAL D 194 36.99 -35.11 -40.15
C VAL D 194 38.42 -35.22 -39.65
N CYS D 195 39.38 -35.21 -40.57
CA CYS D 195 40.77 -35.44 -40.24
C CYS D 195 41.64 -34.39 -40.92
N GLY D 196 42.71 -34.00 -40.23
CA GLY D 196 43.69 -33.13 -40.83
C GLY D 196 44.55 -33.90 -41.81
N PRO D 197 45.32 -33.20 -42.65
CA PRO D 197 46.21 -33.88 -43.61
C PRO D 197 47.55 -34.28 -43.03
N GLY D 198 47.88 -33.83 -41.83
CA GLY D 198 49.18 -34.07 -41.23
C GLY D 198 50.01 -32.79 -41.20
N SER D 199 51.23 -32.95 -40.68
CA SER D 199 52.16 -31.83 -40.56
C SER D 199 53.42 -32.08 -41.38
N ASP E 1 5.13 4.94 -4.09
CA ASP E 1 6.58 4.97 -4.42
C ASP E 1 7.40 4.17 -3.42
N ILE E 2 8.22 3.25 -3.92
CA ILE E 2 9.13 2.52 -3.06
C ILE E 2 10.29 3.43 -2.68
N GLN E 3 10.59 3.50 -1.38
CA GLN E 3 11.62 4.39 -0.88
C GLN E 3 12.94 3.63 -0.76
N MET E 4 13.99 4.20 -1.34
CA MET E 4 15.33 3.62 -1.31
C MET E 4 16.20 4.44 -0.37
N THR E 5 16.89 3.75 0.53
CA THR E 5 17.77 4.39 1.51
C THR E 5 19.13 3.70 1.49
N GLN E 6 20.18 4.48 1.78
CA GLN E 6 21.55 3.98 1.82
C GLN E 6 22.11 4.19 3.22
N SER E 7 22.66 3.12 3.81
CA SER E 7 23.00 3.18 5.24
C SER E 7 24.10 4.19 5.52
N PRO E 8 25.23 4.21 4.82
CA PRO E 8 26.22 5.27 5.07
C PRO E 8 25.98 6.47 4.16
N SER E 9 25.82 7.66 4.73
CA SER E 9 25.70 8.85 3.90
C SER E 9 27.04 9.23 3.30
N SER E 10 28.10 9.19 4.11
CA SER E 10 29.45 9.49 3.67
C SER E 10 30.39 8.43 4.23
N LEU E 11 31.36 8.02 3.43
CA LEU E 11 32.30 6.98 3.80
C LEU E 11 33.72 7.43 3.49
N SER E 12 34.65 7.10 4.37
CA SER E 12 36.07 7.37 4.16
C SER E 12 36.83 6.05 4.01
N ALA E 13 37.72 6.00 3.04
CA ALA E 13 38.49 4.79 2.78
C ALA E 13 39.84 5.17 2.17
N SER E 14 40.77 4.22 2.21
CA SER E 14 42.10 4.39 1.66
C SER E 14 42.30 3.42 0.49
N VAL E 15 43.19 3.82 -0.42
CA VAL E 15 43.46 2.99 -1.59
C VAL E 15 43.91 1.62 -1.12
N GLY E 16 43.34 0.58 -1.72
CA GLY E 16 43.63 -0.79 -1.35
C GLY E 16 42.70 -1.35 -0.28
N ASP E 17 41.81 -0.54 0.27
CA ASP E 17 40.86 -1.01 1.26
C ASP E 17 39.66 -1.66 0.58
N THR E 18 38.88 -2.39 1.37
CA THR E 18 37.63 -2.99 0.92
C THR E 18 36.48 -2.37 1.71
N VAL E 19 35.45 -1.94 1.00
CA VAL E 19 34.33 -1.22 1.61
C VAL E 19 33.03 -1.83 1.12
N THR E 20 32.02 -1.79 1.99
CA THR E 20 30.68 -2.25 1.67
C THR E 20 29.69 -1.14 2.01
N ILE E 21 28.84 -0.80 1.05
CA ILE E 21 27.76 0.16 1.26
C ILE E 21 26.45 -0.51 0.87
N THR E 22 25.43 -0.30 1.70
CA THR E 22 24.17 -1.01 1.57
C THR E 22 23.06 -0.08 1.11
N CYS E 23 22.07 -0.66 0.44
CA CYS E 23 20.88 0.04 -0.04
C CYS E 23 19.66 -0.71 0.45
N ARG E 24 18.66 0.03 0.92
CA ARG E 24 17.47 -0.55 1.52
C ARG E 24 16.23 -0.06 0.80
N ALA E 25 15.28 -0.97 0.59
CA ALA E 25 14.00 -0.66 -0.05
C ALA E 25 12.88 -0.78 0.98
N SER E 26 11.87 0.09 0.85
CA SER E 26 10.76 0.06 1.79
C SER E 26 9.86 -1.16 1.60
N GLN E 27 9.95 -1.83 0.46
CA GLN E 27 9.22 -3.08 0.19
C GLN E 27 10.18 -4.08 -0.43
N GLY E 28 9.67 -5.29 -0.67
CA GLY E 28 10.45 -6.30 -1.33
C GLY E 28 10.55 -6.07 -2.83
N ILE E 29 11.74 -5.77 -3.32
CA ILE E 29 11.97 -5.52 -4.73
C ILE E 29 12.71 -6.69 -5.39
N SER E 30 12.73 -7.85 -4.74
CA SER E 30 13.40 -9.02 -5.28
C SER E 30 14.85 -8.69 -5.62
N ASN E 31 15.23 -8.81 -6.90
CA ASN E 31 16.57 -8.50 -7.36
C ASN E 31 16.56 -7.37 -8.38
N PHE E 32 15.52 -6.54 -8.38
CA PHE E 32 15.38 -5.47 -9.37
C PHE E 32 16.07 -4.21 -8.86
N LEU E 33 17.40 -4.31 -8.76
CA LEU E 33 18.22 -3.23 -8.23
C LEU E 33 19.43 -2.99 -9.12
N ASN E 34 19.78 -1.73 -9.28
CA ASN E 34 20.95 -1.30 -10.03
C ASN E 34 21.86 -0.48 -9.13
N TRP E 35 23.16 -0.48 -9.44
CA TRP E 35 24.13 0.36 -8.76
C TRP E 35 24.78 1.28 -9.79
N TYR E 36 24.91 2.55 -9.44
CA TYR E 36 25.51 3.55 -10.32
C TYR E 36 26.63 4.28 -9.61
N GLN E 37 27.61 4.71 -10.38
CA GLN E 37 28.70 5.55 -9.91
C GLN E 37 28.58 6.92 -10.57
N GLN E 38 28.71 7.98 -9.77
CA GLN E 38 28.62 9.34 -10.28
C GLN E 38 29.75 10.17 -9.70
N LYS E 39 30.46 10.86 -10.57
CA LYS E 39 31.53 11.76 -10.17
C LYS E 39 31.10 13.21 -10.34
N PRO E 40 31.69 14.13 -9.60
CA PRO E 40 31.22 15.52 -9.64
C PRO E 40 31.18 16.07 -11.06
N GLY E 41 30.07 16.74 -11.39
CA GLY E 41 29.91 17.33 -12.71
C GLY E 41 29.68 16.33 -13.83
N LYS E 42 29.55 15.05 -13.53
CA LYS E 42 29.44 14.02 -14.54
C LYS E 42 28.13 13.26 -14.38
N ALA E 43 27.69 12.64 -15.47
CA ALA E 43 26.50 11.81 -15.42
C ALA E 43 26.80 10.49 -14.71
N PRO E 44 25.77 9.85 -14.15
CA PRO E 44 25.99 8.54 -13.51
C PRO E 44 26.39 7.47 -14.52
N LYS E 45 27.08 6.46 -13.99
CA LYS E 45 27.55 5.33 -14.79
C LYS E 45 27.05 4.03 -14.16
N LEU E 46 26.34 3.22 -14.94
CA LEU E 46 25.82 1.96 -14.45
C LEU E 46 26.95 0.97 -14.20
N LEU E 47 26.93 0.35 -13.03
CA LEU E 47 27.92 -0.65 -12.62
C LEU E 47 27.32 -2.04 -12.47
N ILE E 48 26.25 -2.17 -11.71
CA ILE E 48 25.62 -3.45 -11.42
C ILE E 48 24.16 -3.35 -11.80
N TYR E 49 23.65 -4.37 -12.48
CA TYR E 49 22.22 -4.51 -12.75
C TYR E 49 21.78 -5.90 -12.30
N ASP E 50 20.49 -6.01 -11.98
CA ASP E 50 19.94 -7.21 -11.34
C ASP E 50 20.62 -7.51 -10.03
N ALA E 51 21.24 -6.49 -9.44
CA ALA E 51 21.78 -6.52 -8.08
C ALA E 51 23.06 -7.35 -7.95
N SER E 52 23.42 -8.13 -8.96
CA SER E 52 24.63 -8.94 -8.88
C SER E 52 25.38 -9.08 -10.21
N ARG E 53 24.90 -8.49 -11.30
CA ARG E 53 25.49 -8.70 -12.61
C ARG E 53 26.40 -7.54 -12.97
N LEU E 54 27.64 -7.84 -13.34
CA LEU E 54 28.63 -6.82 -13.63
C LEU E 54 28.47 -6.34 -15.06
N GLU E 55 28.30 -5.03 -15.23
CA GLU E 55 28.21 -4.44 -16.57
C GLU E 55 29.55 -4.57 -17.28
N SER E 56 29.50 -4.84 -18.58
CA SER E 56 30.72 -5.03 -19.35
C SER E 56 31.63 -3.81 -19.22
N GLY E 57 32.92 -4.06 -19.04
CA GLY E 57 33.89 -3.01 -18.88
C GLY E 57 34.11 -2.53 -17.46
N VAL E 58 33.32 -2.99 -16.50
CA VAL E 58 33.48 -2.58 -15.10
C VAL E 58 34.40 -3.59 -14.42
N PRO E 59 35.42 -3.14 -13.69
CA PRO E 59 36.38 -4.10 -13.10
C PRO E 59 35.70 -5.06 -12.14
N SER E 60 36.29 -6.25 -12.02
CA SER E 60 35.73 -7.32 -11.19
C SER E 60 35.83 -7.02 -9.70
N ARG E 61 36.52 -5.96 -9.30
CA ARG E 61 36.57 -5.61 -7.88
C ARG E 61 35.25 -5.05 -7.38
N PHE E 62 34.35 -4.64 -8.28
CA PHE E 62 33.00 -4.23 -7.92
C PHE E 62 32.10 -5.47 -7.94
N SER E 63 31.43 -5.72 -6.82
CA SER E 63 30.48 -6.83 -6.74
C SER E 63 29.25 -6.36 -5.97
N GLY E 64 28.11 -6.94 -6.30
CA GLY E 64 26.86 -6.60 -5.64
C GLY E 64 26.10 -7.85 -5.26
N SER E 65 25.46 -7.79 -4.09
CA SER E 65 24.73 -8.92 -3.54
C SER E 65 23.48 -8.40 -2.83
N GLY E 66 22.70 -9.33 -2.31
CA GLY E 66 21.48 -9.02 -1.59
C GLY E 66 20.25 -9.24 -2.45
N SER E 67 19.14 -9.53 -1.78
CA SER E 67 17.85 -9.71 -2.45
C SER E 67 16.75 -9.33 -1.48
N GLY E 68 15.60 -8.97 -2.04
CA GLY E 68 14.47 -8.59 -1.21
C GLY E 68 14.47 -7.12 -0.86
N THR E 69 14.95 -6.79 0.34
CA THR E 69 14.98 -5.41 0.82
C THR E 69 16.38 -4.91 1.16
N GLU E 70 17.39 -5.79 1.23
CA GLU E 70 18.75 -5.40 1.59
C GLU E 70 19.69 -5.78 0.44
N PHE E 71 20.50 -4.82 0.02
CA PHE E 71 21.47 -5.03 -1.04
C PHE E 71 22.78 -4.35 -0.69
N THR E 72 23.88 -4.97 -1.10
CA THR E 72 25.21 -4.49 -0.78
C THR E 72 26.03 -4.33 -2.06
N LEU E 73 26.76 -3.21 -2.13
CA LEU E 73 27.78 -3.00 -3.14
C LEU E 73 29.13 -3.06 -2.45
N THR E 74 30.03 -3.89 -2.97
CA THR E 74 31.35 -4.10 -2.37
C THR E 74 32.43 -3.77 -3.38
N ILE E 75 33.43 -3.01 -2.95
CA ILE E 75 34.60 -2.68 -3.76
C ILE E 75 35.82 -3.24 -3.06
N SER E 76 36.55 -4.13 -3.74
CA SER E 76 37.73 -4.77 -3.19
C SER E 76 38.97 -4.07 -3.71
N SER E 77 39.92 -3.79 -2.83
CA SER E 77 41.15 -3.10 -3.19
C SER E 77 40.83 -1.88 -4.07
N LEU E 78 40.06 -0.96 -3.49
CA LEU E 78 39.54 0.16 -4.25
C LEU E 78 40.68 1.03 -4.77
N GLN E 79 40.53 1.48 -6.00
CA GLN E 79 41.51 2.30 -6.68
C GLN E 79 41.15 3.76 -6.59
N PRO E 80 42.07 4.67 -6.92
CA PRO E 80 41.75 6.10 -6.85
C PRO E 80 40.53 6.49 -7.66
N GLU E 81 40.29 5.81 -8.78
CA GLU E 81 39.15 6.13 -9.63
C GLU E 81 37.81 5.73 -9.02
N ASP E 82 37.81 4.94 -7.94
CA ASP E 82 36.57 4.52 -7.32
C ASP E 82 35.99 5.55 -6.36
N PHE E 83 36.73 6.60 -6.03
CA PHE E 83 36.25 7.61 -5.10
C PHE E 83 35.22 8.48 -5.79
N ALA E 84 33.96 8.29 -5.45
CA ALA E 84 32.85 8.96 -6.12
C ALA E 84 31.61 8.75 -5.28
N THR E 85 30.45 9.12 -5.84
CA THR E 85 29.16 8.89 -5.21
C THR E 85 28.50 7.69 -5.87
N TYR E 86 27.84 6.86 -5.06
CA TYR E 86 27.19 5.66 -5.54
C TYR E 86 25.70 5.72 -5.24
N HIS E 87 24.89 5.37 -6.24
CA HIS E 87 23.44 5.39 -6.15
C HIS E 87 22.88 4.01 -6.43
N CYS E 88 21.72 3.72 -5.87
CA CYS E 88 21.00 2.48 -6.13
C CYS E 88 19.62 2.80 -6.71
N LEU E 89 19.18 1.99 -7.67
CA LEU E 89 17.94 2.21 -8.39
C LEU E 89 17.10 0.95 -8.34
N GLN E 90 15.83 1.09 -8.01
CA GLN E 90 14.87 -0.02 -8.03
C GLN E 90 13.96 0.12 -9.23
N TYR E 91 13.72 -0.99 -9.92
CA TYR E 91 12.82 -1.06 -11.07
C TYR E 91 11.79 -2.15 -10.87
N ASP E 92 11.14 -2.14 -9.69
CA ASP E 92 10.07 -3.06 -9.37
C ASP E 92 8.69 -2.48 -9.66
N SER E 93 8.47 -1.20 -9.32
CA SER E 93 7.16 -0.55 -9.39
C SER E 93 7.21 0.64 -10.33
N ASP E 94 6.03 1.20 -10.61
CA ASP E 94 5.92 2.20 -11.67
C ASP E 94 6.86 3.39 -11.49
N PRO E 95 6.99 3.99 -10.32
CA PRO E 95 8.01 5.03 -10.16
C PRO E 95 9.39 4.41 -9.98
N PHE E 96 10.21 4.51 -11.02
CA PHE E 96 11.63 4.23 -10.85
C PHE E 96 12.17 5.15 -9.76
N ILE E 97 12.68 4.57 -8.68
CA ILE E 97 13.13 5.34 -7.52
C ILE E 97 14.61 5.12 -7.33
N PHE E 98 15.34 6.19 -7.11
CA PHE E 98 16.75 6.17 -6.77
C PHE E 98 16.92 6.39 -5.28
N GLY E 99 18.07 5.98 -4.77
CA GLY E 99 18.44 6.29 -3.40
C GLY E 99 19.07 7.66 -3.31
N PRO E 100 19.24 8.13 -2.06
CA PRO E 100 19.86 9.44 -1.87
C PRO E 100 21.30 9.51 -2.36
N GLY E 101 22.02 8.40 -2.33
CA GLY E 101 23.41 8.36 -2.72
C GLY E 101 24.34 8.26 -1.52
N THR E 102 25.54 7.74 -1.77
CA THR E 102 26.59 7.61 -0.76
C THR E 102 27.90 8.08 -1.36
N LYS E 103 28.59 8.97 -0.66
CA LYS E 103 29.85 9.52 -1.13
C LYS E 103 30.99 8.86 -0.36
N VAL E 104 31.96 8.32 -1.10
CA VAL E 104 33.17 7.75 -0.52
C VAL E 104 34.33 8.67 -0.89
N ASP E 105 35.03 9.17 0.13
CA ASP E 105 36.15 10.08 -0.07
C ASP E 105 37.43 9.44 0.45
N ILE E 106 38.54 10.07 0.09
CA ILE E 106 39.85 9.59 0.47
C ILE E 106 40.10 9.93 1.93
N LYS E 107 40.51 8.93 2.70
CA LYS E 107 40.78 9.11 4.13
C LYS E 107 42.19 9.66 4.33
N ARG E 108 42.33 10.51 5.34
CA ARG E 108 43.64 11.03 5.72
C ARG E 108 43.55 11.50 7.17
N THR E 109 44.65 12.08 7.66
CA THR E 109 44.69 12.51 9.04
C THR E 109 43.73 13.65 9.29
N VAL E 110 43.20 13.70 10.51
CA VAL E 110 42.27 14.76 10.88
C VAL E 110 42.99 16.09 10.86
N ALA E 111 42.44 17.06 10.14
CA ALA E 111 43.03 18.38 9.97
C ALA E 111 42.01 19.42 10.40
N ALA E 112 42.34 20.19 11.43
CA ALA E 112 41.43 21.23 11.86
C ALA E 112 41.39 22.35 10.83
N PRO E 113 40.24 22.99 10.65
CA PRO E 113 40.19 24.15 9.74
C PRO E 113 40.90 25.35 10.31
N SER E 114 41.39 26.20 9.41
CA SER E 114 41.87 27.53 9.76
C SER E 114 40.79 28.53 9.37
N VAL E 115 40.36 29.34 10.33
CA VAL E 115 39.13 30.12 10.20
C VAL E 115 39.47 31.60 10.02
N PHE E 116 38.79 32.24 9.08
CA PHE E 116 38.92 33.67 8.85
C PHE E 116 37.53 34.28 8.73
N ILE E 117 37.38 35.50 9.24
CA ILE E 117 36.13 36.26 9.13
C ILE E 117 36.40 37.51 8.33
N PHE E 118 35.45 37.86 7.46
CA PHE E 118 35.58 39.01 6.57
C PHE E 118 34.39 39.94 6.75
N PRO E 119 34.59 41.20 7.15
CA PRO E 119 33.47 42.13 7.25
C PRO E 119 32.97 42.54 5.88
N PRO E 120 31.75 43.05 5.78
CA PRO E 120 31.29 43.61 4.50
C PRO E 120 32.11 44.82 4.10
N SER E 121 32.28 44.98 2.79
CA SER E 121 32.98 46.13 2.24
C SER E 121 32.08 47.37 2.29
N ASP E 122 32.73 48.54 2.35
CA ASP E 122 31.97 49.79 2.31
C ASP E 122 31.23 49.95 1.00
N GLU E 123 31.78 49.42 -0.09
CA GLU E 123 31.11 49.53 -1.38
C GLU E 123 29.77 48.79 -1.38
N GLN E 124 29.72 47.62 -0.73
CA GLN E 124 28.47 46.87 -0.69
C GLN E 124 27.42 47.58 0.16
N LEU E 125 27.84 48.25 1.24
CA LEU E 125 26.88 48.90 2.13
C LEU E 125 26.07 49.97 1.40
N LYS E 126 26.60 50.55 0.32
CA LYS E 126 25.86 51.58 -0.38
C LYS E 126 24.57 51.04 -0.97
N SER E 127 24.53 49.74 -1.28
CA SER E 127 23.34 49.11 -1.84
C SER E 127 22.32 48.72 -0.79
N GLY E 128 22.63 48.90 0.50
CA GLY E 128 21.70 48.56 1.55
C GLY E 128 21.75 47.13 2.03
N THR E 129 22.73 46.34 1.59
CA THR E 129 22.88 44.97 2.04
C THR E 129 24.30 44.75 2.53
N ALA E 130 24.44 44.00 3.62
CA ALA E 130 25.74 43.67 4.20
C ALA E 130 25.93 42.16 4.19
N SER E 131 27.07 41.72 3.69
CA SER E 131 27.42 40.30 3.63
C SER E 131 28.65 40.05 4.48
N VAL E 132 28.52 39.19 5.48
CA VAL E 132 29.64 38.74 6.31
C VAL E 132 29.99 37.34 5.87
N VAL E 133 31.29 37.09 5.67
CA VAL E 133 31.77 35.84 5.14
C VAL E 133 32.73 35.20 6.14
N CYS E 134 32.56 33.90 6.35
CA CYS E 134 33.48 33.11 7.15
C CYS E 134 34.10 32.03 6.27
N LEU E 135 35.40 31.81 6.42
CA LEU E 135 36.13 30.82 5.65
C LEU E 135 36.68 29.74 6.57
N LEU E 136 36.43 28.49 6.21
CA LEU E 136 37.06 27.33 6.83
C LEU E 136 37.94 26.68 5.78
N ASN E 137 39.25 26.65 6.05
CA ASN E 137 40.24 26.29 5.04
C ASN E 137 40.95 24.99 5.41
N ASN E 138 40.92 24.02 4.48
CA ASN E 138 41.77 22.83 4.52
C ASN E 138 41.54 22.01 5.79
N PHE E 139 40.34 21.46 5.90
CA PHE E 139 39.98 20.50 6.94
C PHE E 139 39.59 19.18 6.30
N TYR E 140 40.10 18.07 6.82
CA TYR E 140 39.88 16.78 6.15
C TYR E 140 38.46 16.28 6.41
N PRO E 141 38.06 16.05 7.66
CA PRO E 141 36.69 15.57 7.89
C PRO E 141 35.69 16.57 7.35
N ARG E 142 34.96 16.17 6.31
CA ARG E 142 34.10 17.12 5.60
C ARG E 142 33.06 17.74 6.51
N GLU E 143 32.63 17.03 7.55
CA GLU E 143 31.59 17.54 8.43
C GLU E 143 32.14 18.65 9.31
N ALA E 144 31.52 19.83 9.24
CA ALA E 144 31.92 20.97 10.06
C ALA E 144 30.72 21.88 10.25
N LYS E 145 30.73 22.62 11.35
CA LYS E 145 29.61 23.46 11.76
C LYS E 145 30.08 24.89 11.95
N VAL E 146 29.32 25.84 11.38
CA VAL E 146 29.58 27.26 11.53
C VAL E 146 28.39 27.88 12.26
N GLN E 147 28.68 28.56 13.36
CA GLN E 147 27.67 29.25 14.15
C GLN E 147 27.90 30.74 14.07
N TRP E 148 26.93 31.48 13.54
CA TRP E 148 27.03 32.92 13.39
C TRP E 148 26.49 33.57 14.66
N LYS E 149 27.29 34.47 15.23
CA LYS E 149 26.90 35.23 16.41
C LYS E 149 26.96 36.72 16.09
N VAL E 150 25.88 37.44 16.37
CA VAL E 150 25.84 38.89 16.25
C VAL E 150 25.53 39.43 17.64
N ASP E 151 26.48 40.15 18.22
CA ASP E 151 26.37 40.63 19.60
C ASP E 151 26.01 39.46 20.52
N ASN E 152 26.65 38.32 20.30
CA ASN E 152 26.46 37.10 21.08
C ASN E 152 25.05 36.54 20.97
N ALA E 153 24.29 36.95 19.96
CA ALA E 153 23.01 36.33 19.63
C ALA E 153 23.26 35.32 18.52
N LEU E 154 22.92 34.07 18.77
CA LEU E 154 23.07 33.04 17.75
C LEU E 154 22.13 33.33 16.59
N GLN E 155 22.68 33.32 15.37
CA GLN E 155 21.92 33.66 14.18
C GLN E 155 21.54 32.39 13.44
N SER E 156 20.28 32.32 13.00
CA SER E 156 19.79 31.18 12.23
C SER E 156 18.80 31.66 11.17
N GLY E 157 18.86 31.04 10.00
CA GLY E 157 17.94 31.35 8.93
C GLY E 157 18.37 32.43 7.97
N ASN E 158 19.53 33.06 8.19
CA ASN E 158 20.00 34.13 7.32
C ASN E 158 21.44 33.89 6.88
N SER E 159 21.81 32.64 6.70
CA SER E 159 23.14 32.27 6.24
C SER E 159 23.05 31.15 5.23
N GLN E 160 24.01 31.12 4.31
CA GLN E 160 24.19 30.01 3.39
C GLN E 160 25.67 29.66 3.34
N GLU E 161 25.95 28.39 3.07
CA GLU E 161 27.33 27.91 3.03
C GLU E 161 27.53 27.02 1.80
N SER E 162 28.77 26.95 1.35
CA SER E 162 29.17 26.15 0.21
C SER E 162 30.47 25.45 0.53
N VAL E 163 30.65 24.25 -0.01
CA VAL E 163 31.81 23.42 0.27
C VAL E 163 32.45 23.00 -1.05
N THR E 164 33.77 23.06 -1.09
CA THR E 164 34.54 22.63 -2.25
C THR E 164 34.63 21.11 -2.32
N GLU E 165 34.97 20.61 -3.49
CA GLU E 165 35.26 19.19 -3.65
C GLU E 165 36.59 18.87 -2.98
N GLN E 166 36.77 17.59 -2.65
CA GLN E 166 38.00 17.16 -1.99
C GLN E 166 39.20 17.51 -2.85
N ASP E 167 40.22 18.10 -2.23
CA ASP E 167 41.39 18.55 -2.96
C ASP E 167 42.22 17.36 -3.44
N SER E 168 42.69 17.45 -4.67
CA SER E 168 43.50 16.36 -5.23
C SER E 168 44.88 16.28 -4.61
N LYS E 169 45.38 17.38 -4.02
CA LYS E 169 46.73 17.41 -3.48
C LYS E 169 46.77 16.93 -2.02
N ASP E 170 45.99 17.57 -1.15
CA ASP E 170 46.04 17.28 0.28
C ASP E 170 44.78 16.59 0.80
N SER E 171 43.78 16.35 -0.06
CA SER E 171 42.59 15.59 0.32
C SER E 171 41.81 16.29 1.44
N THR E 172 41.80 17.62 1.42
CA THR E 172 41.07 18.40 2.41
C THR E 172 39.86 19.06 1.76
N TYR E 173 39.05 19.69 2.59
CA TYR E 173 37.86 20.42 2.16
C TYR E 173 37.95 21.86 2.64
N SER E 174 37.22 22.74 1.95
CA SER E 174 37.10 24.14 2.33
C SER E 174 35.64 24.54 2.32
N LEU E 175 35.26 25.39 3.27
CA LEU E 175 33.89 25.83 3.43
C LEU E 175 33.84 27.35 3.48
N SER E 176 32.77 27.92 2.92
CA SER E 176 32.54 29.35 2.93
C SER E 176 31.10 29.59 3.35
N SER E 177 30.91 30.37 4.42
CA SER E 177 29.60 30.69 4.95
C SER E 177 29.36 32.18 4.85
N THR E 178 28.22 32.56 4.32
CA THR E 178 27.87 33.97 4.13
C THR E 178 26.63 34.29 4.94
N LEU E 179 26.75 35.29 5.82
CA LEU E 179 25.64 35.81 6.60
C LEU E 179 25.17 37.11 5.97
N THR E 180 23.87 37.18 5.68
CA THR E 180 23.30 38.31 4.96
C THR E 180 22.44 39.14 5.90
N LEU E 181 22.74 40.43 5.97
CA LEU E 181 21.99 41.39 6.77
C LEU E 181 21.67 42.61 5.91
N SER E 182 20.66 43.35 6.32
CA SER E 182 20.46 44.69 5.77
C SER E 182 21.49 45.65 6.36
N LYS E 183 21.72 46.75 5.66
CA LYS E 183 22.63 47.76 6.18
C LYS E 183 22.16 48.28 7.52
N ALA E 184 20.88 48.59 7.63
CA ALA E 184 20.34 49.11 8.89
C ALA E 184 20.57 48.11 10.03
N ASP E 185 20.22 46.84 9.80
CA ASP E 185 20.45 45.83 10.83
C ASP E 185 21.93 45.67 11.13
N TYR E 186 22.77 45.73 10.09
CA TYR E 186 24.21 45.58 10.30
C TYR E 186 24.74 46.68 11.20
N GLU E 187 24.34 47.93 10.96
CA GLU E 187 24.82 49.03 11.76
C GLU E 187 24.20 49.08 13.16
N LYS E 188 23.18 48.26 13.43
CA LYS E 188 22.55 48.24 14.74
C LYS E 188 23.39 47.52 15.79
N HIS E 189 24.28 46.62 15.38
CA HIS E 189 25.05 45.80 16.29
C HIS E 189 26.54 45.97 16.01
N LYS E 190 27.35 45.63 17.01
CA LYS E 190 28.78 45.92 16.98
C LYS E 190 29.67 44.71 16.75
N VAL E 191 29.39 43.58 17.39
CA VAL E 191 30.31 42.43 17.39
C VAL E 191 29.75 41.35 16.48
N TYR E 192 30.53 40.97 15.47
CA TYR E 192 30.17 39.91 14.49
C TYR E 192 31.19 38.79 14.65
N ALA E 193 30.77 37.56 14.90
CA ALA E 193 31.66 36.45 15.21
C ALA E 193 31.25 35.22 14.42
N CYS E 194 32.25 34.37 14.17
CA CYS E 194 32.07 33.10 13.49
C CYS E 194 32.63 32.02 14.41
N GLU E 195 31.76 31.18 14.97
CA GLU E 195 32.18 30.11 15.87
C GLU E 195 32.16 28.81 15.09
N VAL E 196 33.31 28.12 15.05
CA VAL E 196 33.51 26.95 14.21
C VAL E 196 33.75 25.73 15.09
N THR E 197 33.05 24.65 14.80
CA THR E 197 33.18 23.39 15.51
C THR E 197 33.59 22.31 14.52
N HIS E 198 34.55 21.49 14.91
CA HIS E 198 35.09 20.48 14.01
C HIS E 198 35.77 19.40 14.84
N GLN E 199 35.90 18.21 14.23
CA GLN E 199 36.48 17.08 14.96
C GLN E 199 37.94 17.33 15.32
N GLY E 200 38.65 18.10 14.49
CA GLY E 200 40.03 18.42 14.75
C GLY E 200 40.27 19.52 15.74
N LEU E 201 39.21 20.10 16.29
CA LEU E 201 39.30 21.16 17.29
C LEU E 201 38.78 20.63 18.62
N SER E 202 39.63 20.65 19.65
CA SER E 202 39.20 20.23 20.98
C SER E 202 38.11 21.15 21.52
N SER E 203 38.27 22.45 21.31
CA SER E 203 37.28 23.45 21.68
C SER E 203 37.01 24.35 20.48
N PRO E 204 35.82 24.95 20.39
CA PRO E 204 35.50 25.77 19.23
C PRO E 204 36.45 26.95 19.11
N VAL E 205 36.74 27.32 17.86
CA VAL E 205 37.50 28.53 17.57
C VAL E 205 36.54 29.60 17.09
N THR E 206 36.73 30.82 17.55
CA THR E 206 35.89 31.95 17.20
C THR E 206 36.75 33.02 16.55
N LYS E 207 36.30 33.52 15.40
CA LYS E 207 36.88 34.68 14.74
C LYS E 207 35.84 35.78 14.73
N SER E 208 36.22 36.98 15.15
CA SER E 208 35.27 38.07 15.28
C SER E 208 35.93 39.39 14.91
N PHE E 209 35.07 40.35 14.55
CA PHE E 209 35.48 41.73 14.34
C PHE E 209 34.42 42.65 14.93
N ASN E 210 34.83 43.87 15.22
CA ASN E 210 33.94 44.92 15.70
C ASN E 210 33.73 45.93 14.59
N ARG E 211 32.47 46.31 14.37
CA ARG E 211 32.16 47.34 13.39
C ARG E 211 32.92 48.62 13.70
N GLY E 212 33.43 49.26 12.66
CA GLY E 212 34.25 50.44 12.86
C GLY E 212 35.61 50.15 13.47
N GLU E 213 36.04 48.89 13.43
CA GLU E 213 37.31 48.48 14.03
C GLU E 213 37.39 48.86 15.50
N CYS E 214 36.28 48.69 16.22
CA CYS E 214 36.23 48.99 17.64
C CYS E 214 37.10 48.01 18.42
N GLN F 1 28.70 3.90 -31.74
CA GLN F 1 28.44 4.29 -30.33
C GLN F 1 27.44 5.45 -30.34
N VAL F 2 26.37 5.38 -29.55
CA VAL F 2 25.35 6.41 -29.51
C VAL F 2 25.76 7.49 -28.53
N GLN F 3 25.47 8.74 -28.89
CA GLN F 3 25.74 9.90 -28.05
C GLN F 3 24.46 10.70 -27.87
N LEU F 4 24.24 11.19 -26.65
CA LEU F 4 23.09 11.99 -26.31
C LEU F 4 23.54 13.37 -25.84
N GLN F 5 22.82 14.40 -26.27
CA GLN F 5 23.16 15.78 -25.91
C GLN F 5 21.89 16.55 -25.62
N GLU F 6 21.78 17.09 -24.40
CA GLU F 6 20.64 17.88 -23.99
C GLU F 6 20.83 19.33 -24.42
N SER F 7 19.75 19.92 -24.95
CA SER F 7 19.74 21.32 -25.37
C SER F 7 18.55 22.00 -24.73
N GLY F 8 18.81 22.97 -23.85
CA GLY F 8 17.74 23.71 -23.16
C GLY F 8 18.15 25.15 -22.93
N PRO F 9 17.21 26.08 -22.70
CA PRO F 9 17.59 27.49 -22.55
C PRO F 9 18.48 27.63 -21.32
N GLY F 10 18.15 26.93 -20.23
CA GLY F 10 18.87 27.01 -18.95
C GLY F 10 18.35 28.21 -18.19
N LEU F 11 17.42 28.97 -18.78
CA LEU F 11 16.74 30.10 -18.12
C LEU F 11 15.25 29.83 -18.27
N VAL F 12 14.49 29.88 -17.20
CA VAL F 12 13.01 29.67 -17.24
C VAL F 12 12.49 30.29 -15.96
N LYS F 13 11.37 30.99 -16.04
CA LYS F 13 10.79 31.65 -14.89
C LYS F 13 9.66 30.82 -14.29
N PRO F 14 9.33 31.03 -13.02
CA PRO F 14 8.26 30.25 -12.40
C PRO F 14 6.95 30.41 -13.16
N SER F 15 6.21 29.31 -13.24
CA SER F 15 4.93 29.18 -13.93
C SER F 15 5.11 29.06 -15.44
N GLU F 16 6.32 29.24 -15.97
CA GLU F 16 6.56 29.03 -17.38
C GLU F 16 6.68 27.53 -17.68
N THR F 17 6.76 27.22 -18.96
CA THR F 17 6.90 25.83 -19.42
C THR F 17 8.36 25.57 -19.78
N LEU F 18 8.94 24.54 -19.17
CA LEU F 18 10.31 24.17 -19.48
C LEU F 18 10.32 23.24 -20.69
N SER F 19 11.10 23.62 -21.71
CA SER F 19 11.24 22.83 -22.93
C SER F 19 12.70 22.42 -23.08
N LEU F 20 12.93 21.11 -23.22
CA LEU F 20 14.26 20.57 -23.41
C LEU F 20 14.27 19.65 -24.62
N THR F 21 15.45 19.47 -25.19
CA THR F 21 15.63 18.60 -26.35
C THR F 21 16.86 17.74 -26.14
N CYS F 22 16.75 16.46 -26.50
CA CYS F 22 17.85 15.52 -26.45
C CYS F 22 18.16 15.11 -27.89
N ALA F 23 19.34 15.53 -28.37
CA ALA F 23 19.78 15.18 -29.71
C ALA F 23 20.60 13.90 -29.65
N VAL F 24 20.21 12.93 -30.46
CA VAL F 24 20.83 11.61 -30.47
C VAL F 24 21.64 11.46 -31.75
N SER F 25 22.89 11.04 -31.61
CA SER F 25 23.77 10.80 -32.74
C SER F 25 24.32 9.40 -32.66
N GLY F 26 24.61 8.82 -33.83
CA GLY F 26 25.14 7.48 -33.91
C GLY F 26 24.13 6.36 -33.84
N TYR F 27 22.85 6.67 -33.70
CA TYR F 27 21.80 5.66 -33.69
C TYR F 27 20.46 6.35 -33.87
N SER F 28 19.62 5.76 -34.72
CA SER F 28 18.31 6.31 -35.00
C SER F 28 17.32 5.90 -33.90
N ILE F 29 16.62 6.88 -33.34
CA ILE F 29 15.70 6.61 -32.25
C ILE F 29 14.59 5.67 -32.70
N SER F 30 14.05 5.90 -33.89
CA SER F 30 12.93 5.11 -34.39
C SER F 30 13.32 3.67 -34.70
N SER F 31 14.61 3.35 -34.73
CA SER F 31 15.05 2.00 -35.07
C SER F 31 14.96 1.02 -33.90
N GLY F 32 14.86 1.52 -32.68
CA GLY F 32 14.74 0.63 -31.54
C GLY F 32 15.18 1.32 -30.26
N TYR F 33 15.28 0.49 -29.22
CA TYR F 33 15.63 0.92 -27.87
C TYR F 33 14.56 1.80 -27.26
N TYR F 34 14.75 2.17 -25.99
CA TYR F 34 13.82 3.01 -25.25
C TYR F 34 14.61 4.17 -24.65
N TRP F 35 14.00 5.34 -24.61
CA TRP F 35 14.69 6.57 -24.26
C TRP F 35 13.83 7.37 -23.28
N GLY F 36 14.50 8.07 -22.37
CA GLY F 36 13.79 8.79 -21.32
C GLY F 36 14.54 9.97 -20.74
N TRP F 37 13.99 10.51 -19.65
CA TRP F 37 14.53 11.71 -19.01
C TRP F 37 14.73 11.46 -17.52
N ILE F 38 15.87 11.92 -17.02
CA ILE F 38 16.19 11.88 -15.60
C ILE F 38 16.61 13.28 -15.18
N ARG F 39 16.33 13.64 -13.94
CA ARG F 39 16.77 14.92 -13.39
C ARG F 39 17.37 14.72 -12.00
N GLN F 40 18.25 15.64 -11.61
CA GLN F 40 18.95 15.57 -10.34
C GLN F 40 18.96 16.97 -9.72
N PRO F 41 18.13 17.23 -8.73
CA PRO F 41 18.20 18.52 -8.05
C PRO F 41 19.54 18.70 -7.39
N PRO F 42 20.04 19.92 -7.29
CA PRO F 42 21.40 20.13 -6.75
C PRO F 42 21.53 19.60 -5.33
N GLY F 43 22.58 18.83 -5.09
CA GLY F 43 22.79 18.23 -3.78
C GLY F 43 21.67 17.32 -3.34
N LYS F 44 21.08 16.58 -4.28
CA LYS F 44 19.98 15.67 -3.98
C LYS F 44 20.14 14.42 -4.84
N GLY F 45 19.15 13.52 -4.75
CA GLY F 45 19.20 12.28 -5.50
C GLY F 45 18.49 12.37 -6.84
N LEU F 46 18.76 11.38 -7.69
CA LEU F 46 18.18 11.34 -9.02
C LEU F 46 16.68 11.06 -8.95
N GLU F 47 15.95 11.59 -9.92
CA GLU F 47 14.51 11.35 -10.04
C GLU F 47 14.18 10.95 -11.48
N TYR F 48 13.39 9.89 -11.64
CA TYR F 48 12.95 9.43 -12.94
C TYR F 48 11.76 10.25 -13.40
N ILE F 49 11.77 10.71 -14.64
CA ILE F 49 10.71 11.58 -15.16
C ILE F 49 9.79 10.80 -16.08
N GLY F 50 10.36 10.18 -17.10
CA GLY F 50 9.55 9.43 -18.05
C GLY F 50 10.42 8.81 -19.14
N TYR F 51 9.77 8.02 -19.98
CA TYR F 51 10.46 7.38 -21.09
C TYR F 51 9.45 6.92 -22.14
N PHE F 52 9.96 6.54 -23.30
CA PHE F 52 9.13 6.10 -24.41
C PHE F 52 9.88 5.06 -25.22
N SER F 53 9.12 4.37 -26.07
CA SER F 53 9.64 3.31 -26.93
C SER F 53 9.96 3.89 -28.30
N GLY F 54 11.21 3.74 -28.74
CA GLY F 54 11.59 4.27 -30.04
C GLY F 54 10.84 3.62 -31.19
N THR F 55 10.63 2.30 -31.10
CA THR F 55 10.00 1.58 -32.21
C THR F 55 8.51 1.90 -32.31
N THR F 56 7.81 1.93 -31.18
CA THR F 56 6.34 2.03 -31.17
C THR F 56 5.83 3.37 -30.69
N GLY F 57 6.60 4.09 -29.88
CA GLY F 57 6.16 5.35 -29.33
C GLY F 57 5.39 5.26 -28.03
N SER F 58 5.20 4.06 -27.48
CA SER F 58 4.51 3.92 -26.20
C SER F 58 5.27 4.71 -25.14
N THR F 59 4.55 5.54 -24.39
CA THR F 59 5.15 6.49 -23.48
C THR F 59 4.69 6.21 -22.05
N TYR F 60 5.60 6.43 -21.10
CA TYR F 60 5.31 6.27 -19.68
C TYR F 60 5.88 7.46 -18.93
N TYR F 61 5.15 7.89 -17.89
CA TYR F 61 5.54 9.05 -17.10
C TYR F 61 5.52 8.69 -15.61
N ASN F 62 6.38 9.36 -14.86
CA ASN F 62 6.31 9.26 -13.41
C ASN F 62 4.96 9.78 -12.93
N PRO F 63 4.19 8.99 -12.19
CA PRO F 63 2.86 9.49 -11.78
C PRO F 63 2.90 10.80 -11.04
N SER F 64 3.92 11.01 -10.19
CA SER F 64 4.02 12.27 -9.47
C SER F 64 4.24 13.46 -10.40
N LEU F 65 4.71 13.21 -11.62
CA LEU F 65 4.94 14.28 -12.59
C LEU F 65 3.94 14.27 -13.73
N LYS F 66 3.17 13.20 -13.89
CA LYS F 66 2.15 13.14 -14.93
C LYS F 66 1.12 14.24 -14.71
N SER F 67 0.51 14.69 -15.80
CA SER F 67 -0.39 15.84 -15.87
C SER F 67 0.39 17.15 -15.92
N ARG F 68 1.72 17.10 -15.80
CA ARG F 68 2.56 18.27 -15.95
C ARG F 68 3.63 18.10 -17.03
N VAL F 69 3.88 16.87 -17.47
CA VAL F 69 5.04 16.55 -18.29
C VAL F 69 4.59 15.90 -19.58
N THR F 70 5.30 16.22 -20.67
CA THR F 70 5.07 15.62 -21.98
C THR F 70 6.40 15.24 -22.58
N ILE F 71 6.46 14.08 -23.24
CA ILE F 71 7.64 13.62 -23.95
C ILE F 71 7.21 13.22 -25.36
N SER F 72 7.88 13.80 -26.36
CA SER F 72 7.54 13.53 -27.75
C SER F 72 8.74 13.34 -28.68
N LYS F 73 8.54 12.53 -29.71
CA LYS F 73 9.57 12.32 -30.73
C LYS F 73 9.50 13.26 -31.91
N ASP F 74 10.62 13.90 -32.24
CA ASP F 74 10.64 14.82 -33.35
C ASP F 74 10.37 13.98 -34.59
N THR F 75 9.59 14.55 -35.52
CA THR F 75 9.14 13.79 -36.67
C THR F 75 10.31 13.31 -37.53
N SER F 76 11.30 14.18 -37.75
CA SER F 76 12.37 13.87 -38.69
C SER F 76 13.77 14.29 -38.25
N LYS F 77 13.94 14.82 -37.04
CA LYS F 77 15.23 15.35 -36.59
C LYS F 77 16.01 14.38 -35.70
N ASN F 78 15.48 13.18 -35.46
CA ASN F 78 16.12 12.20 -34.58
C ASN F 78 16.45 12.82 -33.22
N GLN F 79 15.40 13.33 -32.58
CA GLN F 79 15.52 13.87 -31.23
C GLN F 79 14.16 13.73 -30.55
N PHE F 80 14.18 13.80 -29.23
CA PHE F 80 12.96 13.84 -28.44
C PHE F 80 13.07 14.98 -27.43
N SER F 81 11.92 15.37 -26.90
CA SER F 81 11.82 16.58 -26.11
C SER F 81 11.23 16.28 -24.74
N LEU F 82 11.42 17.25 -23.83
CA LEU F 82 10.83 17.22 -22.51
C LEU F 82 10.09 18.53 -22.30
N LYS F 83 8.81 18.45 -21.98
CA LYS F 83 8.00 19.62 -21.68
C LYS F 83 7.48 19.49 -20.25
N LEU F 84 7.75 20.52 -19.45
CA LEU F 84 7.32 20.56 -18.05
C LEU F 84 6.56 21.86 -17.82
N ASN F 85 5.25 21.74 -17.60
CA ASN F 85 4.39 22.91 -17.50
C ASN F 85 4.45 23.54 -16.12
N SER F 86 4.29 24.87 -16.09
CA SER F 86 4.16 25.64 -14.85
C SER F 86 5.22 25.25 -13.82
N VAL F 87 6.47 25.47 -14.21
CA VAL F 87 7.58 25.04 -13.36
C VAL F 87 7.62 25.86 -12.07
N THR F 88 8.28 25.30 -11.07
CA THR F 88 8.47 25.92 -9.77
C THR F 88 9.95 25.92 -9.44
N ALA F 89 10.31 26.59 -8.34
CA ALA F 89 11.70 26.59 -7.90
C ALA F 89 12.18 25.18 -7.58
N ALA F 90 11.28 24.26 -7.24
CA ALA F 90 11.64 22.88 -6.99
C ALA F 90 11.95 22.11 -8.27
N ASP F 91 11.65 22.67 -9.44
CA ASP F 91 12.02 22.04 -10.70
C ASP F 91 13.44 22.36 -11.12
N THR F 92 14.14 23.22 -10.38
CA THR F 92 15.55 23.47 -10.65
C THR F 92 16.35 22.19 -10.42
N ALA F 93 17.08 21.77 -11.44
CA ALA F 93 17.84 20.53 -11.37
C ALA F 93 18.72 20.43 -12.60
N VAL F 94 19.62 19.46 -12.57
CA VAL F 94 20.37 19.05 -13.75
C VAL F 94 19.53 17.99 -14.45
N TYR F 95 19.20 18.22 -15.71
CA TYR F 95 18.34 17.32 -16.47
C TYR F 95 19.19 16.47 -17.40
N TYR F 96 18.97 15.16 -17.34
CA TYR F 96 19.65 14.20 -18.20
C TYR F 96 18.63 13.50 -19.09
N CYS F 97 19.02 13.20 -20.32
CA CYS F 97 18.33 12.21 -21.13
C CYS F 97 19.21 10.96 -21.17
N ALA F 98 18.56 9.81 -21.28
CA ALA F 98 19.28 8.54 -21.18
C ALA F 98 18.59 7.49 -22.04
N ARG F 99 19.25 6.35 -22.18
CA ARG F 99 18.77 5.24 -22.99
C ARG F 99 18.60 3.99 -22.13
N GLN F 100 17.69 3.12 -22.58
CA GLN F 100 17.39 1.85 -21.93
C GLN F 100 17.01 2.04 -20.46
N PRO F 101 15.77 2.48 -20.21
CA PRO F 101 15.36 2.90 -18.87
C PRO F 101 15.78 1.93 -17.78
N PRO F 102 15.40 0.65 -17.84
CA PRO F 102 15.67 -0.21 -16.68
C PRO F 102 17.13 -0.22 -16.30
N ARG F 103 18.02 -0.11 -17.29
CA ARG F 103 19.46 -0.09 -17.08
C ARG F 103 20.04 1.32 -17.00
N PHE F 104 19.53 2.26 -17.78
CA PHE F 104 20.06 3.63 -17.85
C PHE F 104 21.56 3.59 -18.17
N ASP F 105 21.89 2.95 -19.30
CA ASP F 105 23.29 2.63 -19.58
C ASP F 105 24.04 3.78 -20.23
N VAL F 106 23.37 4.61 -21.03
CA VAL F 106 24.00 5.71 -21.73
C VAL F 106 23.31 7.01 -21.31
N TRP F 107 24.12 8.00 -20.95
CA TRP F 107 23.62 9.28 -20.45
C TRP F 107 24.22 10.43 -21.25
N GLY F 108 23.44 11.50 -21.38
CA GLY F 108 23.96 12.75 -21.85
C GLY F 108 24.70 13.49 -20.76
N PRO F 109 25.47 14.50 -21.15
CA PRO F 109 26.26 15.24 -20.16
C PRO F 109 25.42 15.94 -19.10
N GLY F 110 24.17 16.26 -19.41
CA GLY F 110 23.31 16.95 -18.46
C GLY F 110 23.30 18.44 -18.65
N VAL F 111 22.14 19.07 -18.45
CA VAL F 111 21.98 20.51 -18.58
C VAL F 111 21.39 21.04 -17.28
N LEU F 112 22.01 22.08 -16.72
CA LEU F 112 21.55 22.70 -15.50
C LEU F 112 20.43 23.67 -15.81
N VAL F 113 19.26 23.47 -15.22
CA VAL F 113 18.10 24.34 -15.40
C VAL F 113 17.76 24.96 -14.07
N THR F 114 17.78 26.29 -14.00
CA THR F 114 17.51 27.02 -12.78
C THR F 114 16.26 27.87 -12.99
N VAL F 115 15.22 27.59 -12.21
CA VAL F 115 13.98 28.36 -12.26
C VAL F 115 14.15 29.56 -11.35
N SER F 116 13.96 30.75 -11.92
CA SER F 116 14.08 31.98 -11.14
C SER F 116 13.43 33.12 -11.93
N THR F 117 13.09 34.18 -11.19
CA THR F 117 12.41 35.34 -11.75
C THR F 117 13.37 36.39 -12.30
N ALA F 118 14.67 36.12 -12.31
CA ALA F 118 15.66 37.11 -12.66
C ALA F 118 16.02 37.03 -14.14
N SER F 119 16.35 38.19 -14.70
CA SER F 119 16.90 38.26 -16.04
C SER F 119 18.43 38.18 -15.95
N THR F 120 19.08 38.14 -17.11
CA THR F 120 20.54 38.09 -17.13
C THR F 120 21.11 39.35 -16.51
N LYS F 121 21.97 39.18 -15.51
CA LYS F 121 22.50 40.28 -14.73
C LYS F 121 23.94 40.00 -14.35
N GLY F 122 24.81 40.97 -14.56
CA GLY F 122 26.20 40.84 -14.22
C GLY F 122 26.41 40.88 -12.72
N PRO F 123 27.55 40.37 -12.25
CA PRO F 123 27.82 40.34 -10.81
C PRO F 123 28.43 41.63 -10.29
N SER F 124 28.30 41.80 -8.97
CA SER F 124 29.00 42.84 -8.22
C SER F 124 30.13 42.17 -7.45
N VAL F 125 31.34 42.68 -7.59
CA VAL F 125 32.52 42.08 -6.97
C VAL F 125 32.95 42.99 -5.82
N PHE F 126 32.94 42.42 -4.61
CA PHE F 126 33.30 43.13 -3.40
C PHE F 126 34.53 42.48 -2.77
N PRO F 127 35.44 43.27 -2.19
CA PRO F 127 36.67 42.69 -1.64
C PRO F 127 36.46 42.08 -0.25
N LEU F 128 37.11 40.93 -0.05
CA LEU F 128 37.22 40.32 1.28
C LEU F 128 38.63 40.65 1.78
N ALA F 129 38.76 41.76 2.48
CA ALA F 129 40.07 42.31 2.80
C ALA F 129 40.83 41.40 3.76
N PRO F 130 42.16 41.32 3.64
CA PRO F 130 42.97 40.48 4.55
C PRO F 130 43.17 41.16 5.91
N SER F 131 42.12 41.13 6.72
CA SER F 131 42.19 41.75 8.04
C SER F 131 43.39 41.23 8.80
N SER F 132 44.33 42.13 9.09
CA SER F 132 45.54 41.75 9.81
C SER F 132 45.25 41.68 11.30
N ARG F 133 45.67 40.59 11.93
CA ARG F 133 45.39 40.37 13.35
C ARG F 133 46.43 41.08 14.20
N SER F 136 51.77 39.25 13.41
CA SER F 136 52.84 38.74 12.59
C SER F 136 52.62 37.27 12.23
N GLU F 137 51.38 36.81 12.39
CA GLU F 137 51.04 35.44 12.02
C GLU F 137 51.35 35.21 10.55
N SER F 138 51.93 34.04 10.26
CA SER F 138 52.47 33.79 8.92
C SER F 138 51.38 33.73 7.87
N THR F 139 50.24 33.13 8.17
CA THR F 139 49.21 32.84 7.19
C THR F 139 48.05 33.83 7.29
N ALA F 140 47.67 34.40 6.14
CA ALA F 140 46.55 35.32 6.03
C ALA F 140 45.67 34.90 4.87
N ALA F 141 44.45 35.42 4.86
CA ALA F 141 43.49 35.07 3.83
C ALA F 141 42.80 36.33 3.31
N LEU F 142 42.53 36.35 2.01
CA LEU F 142 41.73 37.39 1.38
C LEU F 142 40.95 36.76 0.24
N GLY F 143 39.98 37.49 -0.27
CA GLY F 143 39.18 36.95 -1.34
C GLY F 143 38.33 37.99 -2.01
N CYS F 144 37.39 37.51 -2.82
CA CYS F 144 36.44 38.34 -3.54
C CYS F 144 35.07 37.71 -3.41
N LEU F 145 34.06 38.55 -3.20
CA LEU F 145 32.67 38.12 -3.15
C LEU F 145 31.99 38.52 -4.45
N VAL F 146 31.44 37.54 -5.16
CA VAL F 146 30.78 37.75 -6.43
C VAL F 146 29.29 37.52 -6.20
N LYS F 147 28.51 38.59 -6.27
CA LYS F 147 27.15 38.59 -5.76
C LYS F 147 26.17 39.11 -6.80
N ASP F 148 24.96 38.56 -6.76
CA ASP F 148 23.81 39.06 -7.52
C ASP F 148 24.07 38.99 -9.03
N TYR F 149 24.34 37.77 -9.50
CA TYR F 149 24.37 37.45 -10.93
C TYR F 149 23.46 36.26 -11.16
N PHE F 150 22.51 36.39 -12.07
CA PHE F 150 21.51 35.35 -12.22
C PHE F 150 22.03 34.16 -13.03
N PRO F 151 22.58 34.37 -14.22
CA PRO F 151 23.08 33.22 -14.99
C PRO F 151 24.20 32.51 -14.25
N GLU F 152 24.10 31.18 -14.17
CA GLU F 152 25.00 30.41 -13.32
C GLU F 152 26.46 30.55 -13.69
N PRO F 153 26.87 30.38 -14.95
CA PRO F 153 28.31 30.30 -15.26
C PRO F 153 29.03 31.58 -14.86
N VAL F 154 30.23 31.40 -14.31
CA VAL F 154 31.10 32.53 -13.96
C VAL F 154 32.50 31.99 -13.72
N THR F 155 33.49 32.80 -14.09
CA THR F 155 34.90 32.43 -13.97
C THR F 155 35.58 33.43 -13.05
N VAL F 156 36.47 32.93 -12.20
CA VAL F 156 37.24 33.76 -11.28
C VAL F 156 38.71 33.39 -11.43
N SER F 157 39.56 34.39 -11.55
CA SER F 157 41.01 34.21 -11.58
C SER F 157 41.62 35.26 -10.67
N TRP F 158 42.86 34.99 -10.25
CA TRP F 158 43.61 35.90 -9.39
C TRP F 158 44.89 36.31 -10.09
N ASN F 159 45.17 37.61 -10.11
CA ASN F 159 46.30 38.16 -10.86
C ASN F 159 46.25 37.68 -12.31
N SER F 160 45.05 37.73 -12.90
CA SER F 160 44.82 37.34 -14.28
C SER F 160 45.29 35.91 -14.56
N GLY F 161 45.27 35.06 -13.54
CA GLY F 161 45.63 33.68 -13.69
C GLY F 161 47.03 33.21 -13.34
N SER F 162 47.95 34.12 -13.05
CA SER F 162 49.27 33.71 -12.59
C SER F 162 49.29 33.11 -11.18
N LEU F 163 48.43 33.65 -10.31
CA LEU F 163 48.35 33.21 -8.93
C LEU F 163 47.28 32.12 -8.90
N THR F 164 47.71 30.89 -8.59
CA THR F 164 46.79 29.77 -8.44
C THR F 164 46.97 29.01 -7.13
N SER F 165 48.11 29.15 -6.46
CA SER F 165 48.38 28.37 -5.25
C SER F 165 47.51 28.85 -4.11
N GLY F 166 46.92 27.89 -3.39
CA GLY F 166 46.11 28.22 -2.23
C GLY F 166 44.82 28.92 -2.55
N VAL F 167 44.30 28.76 -3.76
CA VAL F 167 43.11 29.47 -4.22
C VAL F 167 41.93 28.51 -4.18
N HIS F 168 40.84 28.95 -3.55
CA HIS F 168 39.59 28.20 -3.51
C HIS F 168 38.48 29.09 -4.04
N THR F 169 37.83 28.64 -5.11
CA THR F 169 36.63 29.28 -5.62
C THR F 169 35.46 28.37 -5.29
N PHE F 170 34.57 28.85 -4.44
CA PHE F 170 33.52 28.02 -3.87
C PHE F 170 32.35 27.89 -4.84
N PRO F 171 31.60 26.79 -4.75
CA PRO F 171 30.38 26.68 -5.55
C PRO F 171 29.39 27.79 -5.20
N ALA F 172 28.68 28.26 -6.20
CA ALA F 172 27.70 29.32 -5.99
C ALA F 172 26.48 28.79 -5.26
N VAL F 173 25.85 29.67 -4.48
CA VAL F 173 24.59 29.38 -3.81
C VAL F 173 23.54 30.29 -4.40
N LEU F 174 22.34 29.74 -4.60
CA LEU F 174 21.22 30.53 -5.11
C LEU F 174 20.52 31.22 -3.94
N GLN F 175 20.50 32.55 -3.97
CA GLN F 175 19.87 33.32 -2.92
C GLN F 175 18.37 33.33 -3.10
N SER F 176 17.66 33.68 -2.01
CA SER F 176 16.21 33.78 -2.08
C SER F 176 15.77 34.77 -3.16
N SER F 177 16.63 35.73 -3.49
CA SER F 177 16.33 36.69 -4.55
C SER F 177 16.35 36.05 -5.94
N GLY F 178 16.83 34.82 -6.07
CA GLY F 178 16.97 34.18 -7.36
C GLY F 178 18.24 34.51 -8.09
N LEU F 179 19.18 35.21 -7.45
CA LEU F 179 20.48 35.51 -8.04
C LEU F 179 21.54 34.68 -7.33
N TYR F 180 22.54 34.23 -8.09
CA TYR F 180 23.62 33.44 -7.53
C TYR F 180 24.63 34.33 -6.82
N SER F 181 25.31 33.75 -5.83
CA SER F 181 26.39 34.42 -5.13
C SER F 181 27.48 33.42 -4.80
N LEU F 182 28.74 33.83 -5.01
CA LEU F 182 29.88 32.97 -4.75
C LEU F 182 31.02 33.79 -4.17
N SER F 183 31.95 33.09 -3.52
CA SER F 183 33.15 33.70 -2.97
C SER F 183 34.38 32.94 -3.47
N SER F 184 35.41 33.69 -3.84
CA SER F 184 36.70 33.14 -4.21
C SER F 184 37.73 33.64 -3.21
N VAL F 185 38.57 32.73 -2.72
CA VAL F 185 39.46 33.02 -1.61
C VAL F 185 40.86 32.50 -1.92
N VAL F 186 41.86 33.16 -1.34
CA VAL F 186 43.26 32.76 -1.51
C VAL F 186 43.98 32.98 -0.19
N THR F 187 44.82 32.02 0.19
CA THR F 187 45.63 32.11 1.39
C THR F 187 47.05 32.50 1.01
N VAL F 188 47.56 33.56 1.65
CA VAL F 188 48.84 34.15 1.28
C VAL F 188 49.62 34.47 2.54
N PRO F 189 50.94 34.61 2.43
CA PRO F 189 51.73 35.04 3.59
C PRO F 189 51.32 36.43 4.06
N SER F 190 51.34 36.62 5.39
CA SER F 190 50.99 37.92 5.94
C SER F 190 52.05 38.96 5.62
N SER F 191 53.32 38.55 5.58
CA SER F 191 54.38 39.48 5.25
C SER F 191 54.23 40.03 3.83
N SER F 192 53.62 39.25 2.93
CA SER F 192 53.43 39.70 1.56
C SER F 192 52.38 40.79 1.44
N LEU F 193 51.46 40.89 2.41
CA LEU F 193 50.30 41.75 2.23
C LEU F 193 50.70 43.20 2.02
N GLY F 194 51.72 43.67 2.73
CA GLY F 194 52.18 45.03 2.55
C GLY F 194 52.86 45.26 1.21
N THR F 195 53.56 44.25 0.69
CA THR F 195 54.43 44.42 -0.47
C THR F 195 53.86 43.83 -1.76
N GLN F 196 52.81 43.03 -1.70
CA GLN F 196 52.29 42.30 -2.85
C GLN F 196 50.85 42.72 -3.11
N THR F 197 50.51 42.84 -4.39
CA THR F 197 49.17 43.19 -4.82
C THR F 197 48.40 41.94 -5.20
N TYR F 198 47.11 41.92 -4.86
CA TYR F 198 46.22 40.83 -5.20
C TYR F 198 44.98 41.37 -5.90
N VAL F 199 44.70 40.86 -7.09
CA VAL F 199 43.57 41.29 -7.90
C VAL F 199 42.80 40.05 -8.33
N CYS F 200 41.49 40.06 -8.11
CA CYS F 200 40.62 39.02 -8.60
C CYS F 200 39.93 39.49 -9.88
N ASN F 201 39.86 38.60 -10.87
CA ASN F 201 39.27 38.90 -12.15
C ASN F 201 38.06 38.02 -12.35
N VAL F 202 36.89 38.65 -12.50
CA VAL F 202 35.62 37.95 -12.61
C VAL F 202 35.10 38.18 -14.02
N ASN F 203 34.80 37.09 -14.72
CA ASN F 203 34.20 37.16 -16.04
C ASN F 203 32.83 36.49 -15.96
N HIS F 204 31.81 37.18 -16.45
CA HIS F 204 30.45 36.67 -16.53
C HIS F 204 30.04 36.74 -17.99
N LYS F 205 30.32 35.66 -18.73
CA LYS F 205 30.06 35.67 -20.17
C LYS F 205 28.61 35.94 -20.52
N PRO F 206 27.61 35.39 -19.83
CA PRO F 206 26.22 35.63 -20.25
C PRO F 206 25.85 37.11 -20.31
N SER F 207 26.36 37.91 -19.37
CA SER F 207 26.14 39.35 -19.38
C SER F 207 27.29 40.13 -20.00
N ASN F 208 28.34 39.44 -20.45
CA ASN F 208 29.53 40.08 -21.00
C ASN F 208 30.12 41.08 -20.02
N THR F 209 30.19 40.68 -18.74
CA THR F 209 30.71 41.53 -17.68
C THR F 209 32.09 41.03 -17.26
N LYS F 210 33.03 41.95 -17.14
CA LYS F 210 34.41 41.64 -16.75
C LYS F 210 34.84 42.66 -15.72
N VAL F 211 35.14 42.20 -14.50
CA VAL F 211 35.44 43.07 -13.37
C VAL F 211 36.77 42.67 -12.77
N ASP F 212 37.63 43.66 -12.53
CA ASP F 212 38.86 43.49 -11.78
C ASP F 212 38.74 44.22 -10.46
N LYS F 213 39.03 43.52 -9.36
CA LYS F 213 38.98 44.10 -8.03
C LYS F 213 40.29 43.85 -7.31
N ARG F 214 41.00 44.93 -6.98
CA ARG F 214 42.20 44.82 -6.16
C ARG F 214 41.79 44.67 -4.71
N VAL F 215 42.28 43.61 -4.06
CA VAL F 215 41.95 43.30 -2.68
C VAL F 215 43.16 43.66 -1.83
N GLU F 216 43.06 44.79 -1.14
CA GLU F 216 44.15 45.30 -0.32
C GLU F 216 43.68 45.41 1.13
N ILE F 217 44.66 45.45 2.04
CA ILE F 217 44.36 45.56 3.46
C ILE F 217 43.69 46.90 3.74
N LYS F 218 42.62 46.86 4.53
CA LYS F 218 41.88 48.06 4.90
C LYS F 218 42.62 48.81 5.99
N THR F 219 42.61 50.14 5.90
CA THR F 219 43.27 51.00 6.88
C THR F 219 42.40 51.14 8.13
N THR G 3 -58.60 -28.59 31.64
CA THR G 3 -59.91 -29.06 31.17
C THR G 3 -60.19 -28.54 29.76
N ASN G 4 -59.62 -27.39 29.43
CA ASN G 4 -59.83 -26.80 28.12
C ASN G 4 -59.15 -27.67 27.05
N LEU G 5 -59.28 -27.23 25.80
CA LEU G 5 -58.72 -27.94 24.65
C LEU G 5 -57.46 -27.23 24.19
N CYS G 6 -56.38 -27.99 24.01
CA CYS G 6 -55.12 -27.39 23.61
C CYS G 6 -55.23 -26.88 22.17
N PRO G 7 -54.62 -25.70 21.85
CA PRO G 7 -54.70 -25.12 20.51
C PRO G 7 -53.67 -25.65 19.54
N PHE G 8 -53.53 -26.99 19.50
CA PHE G 8 -52.58 -27.59 18.57
C PHE G 8 -53.04 -27.41 17.13
N GLY G 9 -54.34 -27.46 16.87
CA GLY G 9 -54.83 -27.29 15.51
C GLY G 9 -54.44 -25.94 14.93
N GLU G 10 -54.46 -24.90 15.75
CA GLU G 10 -54.06 -23.58 15.27
C GLU G 10 -52.59 -23.54 14.88
N VAL G 11 -51.80 -24.50 15.35
CA VAL G 11 -50.38 -24.58 14.99
C VAL G 11 -50.18 -25.43 13.75
N PHE G 12 -50.76 -26.64 13.72
CA PHE G 12 -50.51 -27.55 12.62
C PHE G 12 -51.25 -27.14 11.36
N ASN G 13 -52.47 -26.59 11.50
CA ASN G 13 -53.32 -26.26 10.37
C ASN G 13 -53.26 -24.79 9.99
N ALA G 14 -52.26 -24.06 10.49
CA ALA G 14 -52.14 -22.65 10.14
C ALA G 14 -51.98 -22.49 8.63
N THR G 15 -52.65 -21.49 8.09
CA THR G 15 -52.57 -21.23 6.65
C THR G 15 -51.14 -20.89 6.23
N ARG G 16 -50.47 -20.06 7.01
CA ARG G 16 -49.10 -19.63 6.73
C ARG G 16 -48.21 -19.94 7.92
N PHE G 17 -47.03 -20.49 7.64
CA PHE G 17 -46.03 -20.77 8.65
C PHE G 17 -44.99 -19.66 8.68
N ALA G 18 -44.22 -19.62 9.77
CA ALA G 18 -43.17 -18.62 9.91
C ALA G 18 -41.93 -19.03 9.14
N SER G 19 -41.07 -18.04 8.89
CA SER G 19 -39.73 -18.34 8.41
C SER G 19 -38.89 -18.91 9.54
N VAL G 20 -37.96 -19.79 9.18
CA VAL G 20 -37.22 -20.54 10.20
C VAL G 20 -36.40 -19.58 11.07
N TYR G 21 -35.81 -18.54 10.46
CA TYR G 21 -35.04 -17.59 11.25
C TYR G 21 -35.92 -16.87 12.28
N ALA G 22 -37.22 -16.78 12.01
CA ALA G 22 -38.18 -16.16 12.92
C ALA G 22 -39.23 -17.17 13.33
N TRP G 23 -38.79 -18.36 13.71
CA TRP G 23 -39.71 -19.44 14.04
C TRP G 23 -40.72 -19.03 15.09
N ASN G 24 -41.97 -19.44 14.90
CA ASN G 24 -43.03 -19.15 15.85
C ASN G 24 -43.00 -20.15 16.99
N ARG G 25 -43.36 -19.66 18.19
CA ARG G 25 -43.46 -20.48 19.38
C ARG G 25 -44.84 -20.30 19.98
N LYS G 26 -45.54 -21.40 20.21
CA LYS G 26 -46.87 -21.38 20.80
C LYS G 26 -46.78 -21.94 22.22
N ARG G 27 -47.13 -21.11 23.20
CA ARG G 27 -47.18 -21.56 24.58
C ARG G 27 -48.49 -22.29 24.82
N ILE G 28 -48.39 -23.52 25.33
CA ILE G 28 -49.54 -24.39 25.58
C ILE G 28 -49.73 -24.49 27.09
N SER G 29 -50.94 -24.21 27.55
CA SER G 29 -51.22 -24.28 28.97
C SER G 29 -52.71 -24.43 29.20
N ASN G 30 -53.03 -24.94 30.39
CA ASN G 30 -54.40 -25.09 30.89
C ASN G 30 -55.30 -25.81 29.89
N CYS G 31 -54.88 -27.02 29.52
CA CYS G 31 -55.62 -27.78 28.54
C CYS G 31 -55.21 -29.25 28.64
N VAL G 32 -56.07 -30.12 28.10
CA VAL G 32 -55.82 -31.55 28.02
C VAL G 32 -55.77 -31.92 26.53
N ALA G 33 -54.72 -32.64 26.15
CA ALA G 33 -54.51 -33.03 24.76
C ALA G 33 -54.38 -34.54 24.66
N ASP G 34 -55.03 -35.12 23.65
CA ASP G 34 -54.88 -36.53 23.31
C ASP G 34 -53.85 -36.61 22.18
N TYR G 35 -52.63 -37.01 22.54
CA TYR G 35 -51.55 -37.05 21.56
C TYR G 35 -51.68 -38.20 20.57
N SER G 36 -52.54 -39.18 20.85
CA SER G 36 -52.76 -40.25 19.89
C SER G 36 -53.53 -39.73 18.67
N VAL G 37 -54.48 -38.82 18.87
CA VAL G 37 -55.17 -38.24 17.72
C VAL G 37 -54.23 -37.27 17.01
N LEU G 38 -53.35 -36.59 17.75
CA LEU G 38 -52.37 -35.72 17.13
C LEU G 38 -51.44 -36.50 16.22
N TYR G 39 -50.97 -37.66 16.67
CA TYR G 39 -50.08 -38.48 15.83
C TYR G 39 -50.81 -38.96 14.58
N ASN G 40 -52.09 -39.29 14.72
CA ASN G 40 -52.88 -39.84 13.62
C ASN G 40 -53.63 -38.78 12.82
N SER G 41 -53.45 -37.50 13.16
CA SER G 41 -54.20 -36.45 12.48
C SER G 41 -53.80 -36.30 11.02
N ALA G 42 -52.61 -36.74 10.64
CA ALA G 42 -52.15 -36.64 9.26
C ALA G 42 -50.99 -37.59 9.07
N SER G 43 -50.61 -37.79 7.81
CA SER G 43 -49.44 -38.58 7.46
C SER G 43 -48.23 -37.65 7.46
N PHE G 44 -47.35 -37.82 8.44
CA PHE G 44 -46.18 -36.98 8.58
C PHE G 44 -44.95 -37.70 8.05
N SER G 45 -44.15 -37.01 7.24
CA SER G 45 -42.91 -37.59 6.75
C SER G 45 -41.95 -37.85 7.90
N THR G 46 -42.03 -37.06 8.97
CA THR G 46 -41.19 -37.22 10.14
C THR G 46 -42.04 -37.08 11.39
N PHE G 47 -41.98 -38.09 12.25
CA PHE G 47 -42.54 -38.02 13.60
C PHE G 47 -41.55 -38.73 14.51
N LYS G 48 -40.59 -37.97 15.04
CA LYS G 48 -39.50 -38.52 15.83
C LYS G 48 -39.47 -37.83 17.19
N CYS G 49 -39.53 -38.64 18.24
CA CYS G 49 -39.57 -38.16 19.61
C CYS G 49 -38.31 -38.61 20.35
N TYR G 50 -37.76 -37.72 21.16
CA TYR G 50 -36.55 -37.98 21.92
C TYR G 50 -36.92 -38.00 23.40
N GLY G 51 -36.78 -39.17 24.03
CA GLY G 51 -37.05 -39.32 25.44
C GLY G 51 -38.51 -39.44 25.80
N VAL G 52 -39.42 -39.42 24.82
CA VAL G 52 -40.85 -39.47 25.05
C VAL G 52 -41.51 -40.11 23.83
N SER G 53 -42.76 -40.50 23.98
CA SER G 53 -43.56 -41.03 22.87
C SER G 53 -44.99 -40.58 23.06
N PRO G 54 -45.79 -40.57 21.98
CA PRO G 54 -47.21 -40.21 22.13
C PRO G 54 -47.94 -41.10 23.11
N THR G 55 -47.57 -42.38 23.19
CA THR G 55 -48.25 -43.30 24.11
C THR G 55 -47.99 -42.88 25.55
N LYS G 56 -46.75 -42.52 25.88
CA LYS G 56 -46.43 -42.08 27.23
C LYS G 56 -46.91 -40.66 27.48
N LEU G 57 -47.01 -39.84 26.42
CA LEU G 57 -47.51 -38.48 26.58
C LEU G 57 -48.95 -38.46 27.05
N ASN G 58 -49.75 -39.47 26.67
CA ASN G 58 -51.15 -39.50 27.04
C ASN G 58 -51.38 -39.66 28.54
N ASP G 59 -50.40 -40.20 29.26
CA ASP G 59 -50.52 -40.43 30.70
C ASP G 59 -49.50 -39.60 31.46
N LEU G 60 -49.22 -38.38 30.99
CA LEU G 60 -48.22 -37.53 31.61
C LEU G 60 -48.73 -36.09 31.68
N CYS G 61 -48.12 -35.32 32.59
CA CYS G 61 -48.44 -33.91 32.78
C CYS G 61 -47.14 -33.12 32.81
N PHE G 62 -47.21 -31.88 32.32
CA PHE G 62 -46.04 -31.01 32.25
C PHE G 62 -46.44 -29.60 32.66
N THR G 63 -45.46 -28.84 33.14
CA THR G 63 -45.70 -27.45 33.53
C THR G 63 -46.09 -26.61 32.32
N ASN G 64 -45.36 -26.76 31.21
CA ASN G 64 -45.65 -26.01 30.00
C ASN G 64 -45.20 -26.84 28.80
N VAL G 65 -45.90 -26.63 27.69
CA VAL G 65 -45.60 -27.27 26.42
C VAL G 65 -45.43 -26.18 25.38
N TYR G 66 -44.42 -26.33 24.54
CA TYR G 66 -44.13 -25.36 23.48
C TYR G 66 -44.24 -26.05 22.13
N ALA G 67 -44.89 -25.37 21.19
CA ALA G 67 -45.02 -25.86 19.81
C ALA G 67 -44.31 -24.85 18.90
N ASP G 68 -43.10 -25.18 18.47
CA ASP G 68 -42.32 -24.32 17.59
C ASP G 68 -42.54 -24.76 16.15
N SER G 69 -42.91 -23.81 15.29
CA SER G 69 -43.26 -24.11 13.91
C SER G 69 -42.50 -23.20 12.96
N PHE G 70 -42.11 -23.75 11.81
CA PHE G 70 -41.37 -23.01 10.80
C PHE G 70 -41.31 -23.85 9.54
N VAL G 71 -40.77 -23.26 8.47
CA VAL G 71 -40.66 -23.90 7.17
C VAL G 71 -39.20 -23.93 6.77
N ILE G 72 -38.75 -25.09 6.30
CA ILE G 72 -37.42 -25.27 5.73
C ILE G 72 -37.56 -26.17 4.50
N ARG G 73 -36.45 -26.40 3.81
CA ARG G 73 -36.46 -27.27 2.65
C ARG G 73 -36.10 -28.71 3.06
N GLY G 74 -36.41 -29.64 2.16
CA GLY G 74 -36.52 -31.04 2.56
C GLY G 74 -35.27 -31.58 3.22
N ASP G 75 -34.09 -31.35 2.61
CA ASP G 75 -32.88 -31.97 3.12
C ASP G 75 -32.30 -31.24 4.34
N GLU G 76 -32.94 -30.16 4.80
CA GLU G 76 -32.56 -29.54 6.06
C GLU G 76 -33.37 -30.06 7.25
N VAL G 77 -34.42 -30.86 7.00
CA VAL G 77 -35.20 -31.40 8.10
C VAL G 77 -34.33 -32.24 9.02
N ARG G 78 -33.33 -32.91 8.45
CA ARG G 78 -32.41 -33.70 9.26
C ARG G 78 -31.71 -32.86 10.31
N GLN G 79 -31.57 -31.55 10.06
CA GLN G 79 -30.89 -30.67 11.01
C GLN G 79 -31.76 -30.34 12.23
N ILE G 80 -33.05 -30.63 12.18
CA ILE G 80 -33.93 -30.37 13.33
C ILE G 80 -33.83 -31.61 14.22
N ALA G 81 -32.79 -31.64 15.03
CA ALA G 81 -32.49 -32.77 15.90
C ALA G 81 -31.33 -32.37 16.80
N PRO G 82 -31.18 -33.06 17.93
CA PRO G 82 -30.05 -32.73 18.83
C PRO G 82 -28.71 -32.99 18.15
N GLY G 83 -27.75 -32.12 18.42
CA GLY G 83 -26.39 -32.34 17.97
C GLY G 83 -26.20 -32.30 16.46
N GLN G 84 -26.86 -31.38 15.78
CA GLN G 84 -26.73 -31.23 14.34
C GLN G 84 -25.99 -29.93 14.04
N THR G 85 -25.38 -29.89 12.86
CA THR G 85 -24.70 -28.71 12.36
C THR G 85 -25.18 -28.41 10.94
N GLY G 86 -24.92 -27.19 10.50
CA GLY G 86 -25.42 -26.69 9.24
C GLY G 86 -26.01 -25.30 9.40
N LYS G 87 -26.41 -24.74 8.27
CA LYS G 87 -26.90 -23.37 8.27
C LYS G 87 -28.14 -23.22 9.14
N ILE G 88 -29.04 -24.21 9.11
CA ILE G 88 -30.27 -24.12 9.88
C ILE G 88 -30.01 -24.36 11.36
N ALA G 89 -29.30 -25.44 11.69
CA ALA G 89 -29.02 -25.73 13.10
C ALA G 89 -28.13 -24.67 13.72
N ASP G 90 -27.11 -24.20 12.98
CA ASP G 90 -26.16 -23.25 13.54
C ASP G 90 -26.74 -21.85 13.65
N TYR G 91 -27.49 -21.40 12.66
CA TYR G 91 -27.87 -20.00 12.55
C TYR G 91 -29.36 -19.73 12.65
N ASN G 92 -30.21 -20.75 12.60
CA ASN G 92 -31.65 -20.51 12.56
C ASN G 92 -32.41 -21.15 13.71
N TYR G 93 -32.18 -22.44 14.00
CA TYR G 93 -32.95 -23.12 15.04
C TYR G 93 -32.12 -24.29 15.56
N LYS G 94 -31.68 -24.20 16.81
CA LYS G 94 -30.83 -25.20 17.42
C LYS G 94 -31.58 -25.92 18.53
N LEU G 95 -31.63 -27.25 18.43
CA LEU G 95 -32.18 -28.03 19.54
C LEU G 95 -31.08 -28.38 20.53
N PRO G 96 -31.40 -28.44 21.82
CA PRO G 96 -30.38 -28.76 22.83
C PRO G 96 -29.98 -30.23 22.77
N ASP G 97 -28.84 -30.52 23.39
CA ASP G 97 -28.35 -31.89 23.45
C ASP G 97 -29.31 -32.79 24.22
N ASP G 98 -29.88 -32.29 25.32
CA ASP G 98 -30.80 -33.05 26.16
C ASP G 98 -32.26 -32.83 25.77
N PHE G 99 -32.54 -32.53 24.50
CA PHE G 99 -33.89 -32.19 24.09
C PHE G 99 -34.86 -33.31 24.41
N THR G 100 -36.00 -32.93 25.00
CA THR G 100 -37.11 -33.85 25.27
C THR G 100 -38.32 -33.34 24.51
N GLY G 101 -38.81 -34.14 23.58
CA GLY G 101 -39.95 -33.73 22.77
C GLY G 101 -39.95 -34.47 21.45
N CYS G 102 -40.70 -33.91 20.50
CA CYS G 102 -40.91 -34.55 19.22
C CYS G 102 -40.68 -33.55 18.09
N VAL G 103 -40.18 -34.07 16.98
CA VAL G 103 -39.97 -33.29 15.76
C VAL G 103 -40.94 -33.84 14.70
N ILE G 104 -41.85 -32.99 14.25
CA ILE G 104 -42.89 -33.38 13.30
C ILE G 104 -42.71 -32.54 12.05
N ALA G 105 -42.61 -33.21 10.90
CA ALA G 105 -42.43 -32.54 9.63
C ALA G 105 -43.28 -33.21 8.57
N TRP G 106 -43.71 -32.42 7.59
CA TRP G 106 -44.45 -32.96 6.46
C TRP G 106 -44.24 -32.06 5.24
N ASN G 107 -44.19 -32.68 4.07
CA ASN G 107 -44.02 -31.94 2.83
C ASN G 107 -45.19 -30.99 2.62
N SER G 108 -44.86 -29.73 2.29
CA SER G 108 -45.86 -28.70 2.06
C SER G 108 -45.68 -28.06 0.69
N ASN G 109 -45.22 -28.83 -0.30
CA ASN G 109 -45.01 -28.29 -1.64
C ASN G 109 -46.32 -27.75 -2.21
N ASN G 110 -47.42 -28.47 -2.03
CA ASN G 110 -48.70 -28.04 -2.59
C ASN G 110 -49.18 -26.72 -1.99
N LEU G 111 -48.65 -26.32 -0.83
CA LEU G 111 -49.10 -25.11 -0.14
C LEU G 111 -48.12 -23.95 -0.29
N ASP G 112 -46.83 -24.20 -0.07
CA ASP G 112 -45.85 -23.13 0.03
C ASP G 112 -45.04 -22.89 -1.24
N SER G 113 -44.99 -23.85 -2.16
CA SER G 113 -44.36 -23.61 -3.44
C SER G 113 -45.32 -22.87 -4.36
N LYS G 114 -44.79 -21.93 -5.13
CA LYS G 114 -45.60 -21.12 -6.04
C LYS G 114 -44.93 -21.07 -7.40
N VAL G 115 -45.76 -20.95 -8.44
CA VAL G 115 -45.22 -20.82 -9.80
C VAL G 115 -44.36 -19.57 -9.87
N GLY G 116 -43.12 -19.74 -10.35
CA GLY G 116 -42.18 -18.65 -10.41
C GLY G 116 -41.37 -18.46 -9.14
N GLY G 117 -41.79 -19.06 -8.03
CA GLY G 117 -41.02 -19.01 -6.80
C GLY G 117 -41.77 -18.35 -5.66
N ASN G 118 -41.57 -18.87 -4.45
CA ASN G 118 -42.08 -18.28 -3.23
C ASN G 118 -40.89 -17.74 -2.44
N TYR G 119 -40.74 -16.42 -2.44
CA TYR G 119 -39.60 -15.77 -1.81
C TYR G 119 -39.93 -15.21 -0.44
N ASN G 120 -41.05 -15.63 0.15
CA ASN G 120 -41.47 -15.13 1.45
C ASN G 120 -40.83 -15.87 2.61
N TYR G 121 -40.38 -17.11 2.41
CA TYR G 121 -39.72 -17.87 3.45
C TYR G 121 -38.22 -17.60 3.40
N LEU G 122 -37.68 -17.10 4.51
CA LEU G 122 -36.28 -16.73 4.59
C LEU G 122 -35.54 -17.62 5.59
N TYR G 123 -34.23 -17.64 5.45
CA TYR G 123 -33.34 -18.28 6.40
C TYR G 123 -32.12 -17.40 6.57
N ARG G 124 -31.49 -17.48 7.75
CA ARG G 124 -30.27 -16.72 8.00
C ARG G 124 -29.08 -17.47 7.42
N LEU G 125 -28.43 -16.88 6.42
CA LEU G 125 -27.28 -17.51 5.78
C LEU G 125 -25.97 -17.19 6.48
N PHE G 126 -25.86 -16.00 7.09
CA PHE G 126 -24.63 -15.54 7.71
C PHE G 126 -24.87 -15.20 9.18
N ARG G 127 -23.93 -15.60 10.04
CA ARG G 127 -23.98 -15.22 11.44
C ARG G 127 -22.58 -15.31 12.03
N LYS G 128 -22.32 -14.47 13.04
CA LYS G 128 -20.99 -14.42 13.63
C LYS G 128 -20.71 -15.64 14.50
N SER G 129 -21.74 -16.24 15.09
CA SER G 129 -21.55 -17.38 15.97
C SER G 129 -22.80 -18.24 15.96
N ASN G 130 -22.64 -19.49 16.41
CA ASN G 130 -23.75 -20.43 16.44
C ASN G 130 -24.84 -19.96 17.41
N LEU G 131 -26.08 -20.27 17.07
CA LEU G 131 -27.21 -19.98 17.94
C LEU G 131 -27.17 -20.88 19.17
N LYS G 132 -27.60 -20.33 20.29
CA LYS G 132 -27.86 -21.12 21.48
C LYS G 132 -29.16 -21.89 21.31
N PRO G 133 -29.33 -23.00 22.03
CA PRO G 133 -30.57 -23.77 21.89
C PRO G 133 -31.80 -22.92 22.21
N PHE G 134 -32.82 -23.08 21.38
CA PHE G 134 -34.08 -22.35 21.53
C PHE G 134 -33.87 -20.84 21.48
N GLU G 135 -32.90 -20.38 20.70
CA GLU G 135 -32.68 -18.96 20.48
C GLU G 135 -33.28 -18.56 19.14
N ARG G 136 -33.86 -17.36 19.11
CA ARG G 136 -34.52 -16.81 17.92
C ARG G 136 -33.85 -15.49 17.59
N ASP G 137 -33.17 -15.44 16.44
CA ASP G 137 -32.48 -14.25 15.98
C ASP G 137 -33.23 -13.68 14.79
N ILE G 138 -33.81 -12.50 14.96
CA ILE G 138 -34.57 -11.82 13.92
C ILE G 138 -33.87 -10.56 13.46
N SER G 139 -32.59 -10.41 13.79
CA SER G 139 -31.83 -9.24 13.39
C SER G 139 -31.67 -9.20 11.87
N THR G 140 -31.70 -8.00 11.31
CA THR G 140 -31.48 -7.77 9.89
C THR G 140 -30.24 -6.92 9.64
N GLU G 141 -29.32 -6.87 10.60
CA GLU G 141 -28.11 -6.07 10.46
C GLU G 141 -27.24 -6.64 9.34
N ILE G 142 -26.65 -5.73 8.56
CA ILE G 142 -25.76 -6.16 7.48
C ILE G 142 -24.60 -6.96 8.07
N TYR G 143 -24.21 -8.02 7.36
CA TYR G 143 -23.20 -8.95 7.86
C TYR G 143 -21.83 -8.60 7.30
N GLN G 144 -20.86 -8.42 8.19
CA GLN G 144 -19.48 -8.15 7.81
C GLN G 144 -18.78 -9.49 7.66
N ALA G 145 -18.54 -9.90 6.40
CA ALA G 145 -17.92 -11.19 6.15
C ALA G 145 -16.42 -11.18 6.39
N GLY G 146 -15.77 -10.03 6.25
CA GLY G 146 -14.33 -9.95 6.36
C GLY G 146 -13.83 -8.92 7.36
N SER G 147 -12.59 -8.48 7.21
CA SER G 147 -12.01 -7.50 8.12
C SER G 147 -12.38 -6.07 7.75
N THR G 148 -12.90 -5.84 6.56
CA THR G 148 -13.32 -4.49 6.17
C THR G 148 -14.68 -4.19 6.80
N PRO G 149 -14.82 -3.12 7.58
CA PRO G 149 -16.06 -2.92 8.34
C PRO G 149 -17.16 -2.29 7.50
N CYS G 150 -18.39 -2.70 7.77
CA CYS G 150 -19.59 -2.10 7.21
C CYS G 150 -20.21 -1.19 8.26
N ASN G 151 -20.38 0.08 7.94
CA ASN G 151 -20.99 1.02 8.86
C ASN G 151 -22.49 1.16 8.60
N GLY G 152 -23.19 0.02 8.55
CA GLY G 152 -24.63 0.01 8.38
C GLY G 152 -25.11 -0.02 6.94
N VAL G 153 -24.20 -0.05 5.98
CA VAL G 153 -24.55 -0.13 4.56
C VAL G 153 -23.76 -1.25 3.94
N GLU G 154 -24.31 -1.83 2.88
CA GLU G 154 -23.69 -3.00 2.19
C GLU G 154 -22.45 -2.60 1.41
N GLY G 155 -21.32 -2.31 2.05
CA GLY G 155 -20.05 -2.06 1.41
C GLY G 155 -19.50 -3.36 0.84
N PHE G 156 -18.21 -3.34 0.52
CA PHE G 156 -17.58 -4.55 0.00
C PHE G 156 -17.58 -5.63 1.07
N ASN G 157 -17.86 -6.87 0.65
CA ASN G 157 -17.89 -8.01 1.56
C ASN G 157 -18.86 -7.77 2.72
N CYS G 158 -20.00 -7.16 2.41
CA CYS G 158 -21.07 -6.92 3.36
C CYS G 158 -22.38 -7.32 2.71
N TYR G 159 -23.12 -8.22 3.37
CA TYR G 159 -24.30 -8.83 2.77
C TYR G 159 -25.46 -8.84 3.75
N PHE G 160 -26.66 -8.71 3.21
CA PHE G 160 -27.85 -8.91 4.01
C PHE G 160 -27.88 -10.38 4.44
N PRO G 161 -28.07 -10.66 5.75
CA PRO G 161 -27.89 -12.05 6.21
C PRO G 161 -29.03 -12.98 5.87
N LEU G 162 -30.20 -12.47 5.50
CA LEU G 162 -31.38 -13.29 5.26
C LEU G 162 -31.62 -13.45 3.77
N GLN G 163 -31.76 -14.70 3.32
CA GLN G 163 -32.06 -15.03 1.94
C GLN G 163 -33.25 -15.98 1.92
N SER G 164 -33.95 -16.00 0.78
CA SER G 164 -35.17 -16.76 0.63
C SER G 164 -34.93 -18.02 -0.20
N TYR G 165 -35.68 -19.07 0.12
CA TYR G 165 -35.72 -20.24 -0.73
C TYR G 165 -36.46 -19.95 -2.02
N GLY G 166 -36.11 -20.67 -3.08
CA GLY G 166 -36.86 -20.55 -4.32
C GLY G 166 -38.28 -21.06 -4.18
N PHE G 167 -38.42 -22.29 -3.71
CA PHE G 167 -39.72 -22.92 -3.48
C PHE G 167 -40.61 -22.80 -4.72
N GLN G 168 -40.20 -23.51 -5.75
CA GLN G 168 -41.01 -23.71 -6.94
C GLN G 168 -41.62 -25.11 -6.92
N PRO G 169 -42.79 -25.31 -7.53
CA PRO G 169 -43.43 -26.63 -7.47
C PRO G 169 -42.64 -27.73 -8.14
N THR G 170 -41.74 -27.38 -9.07
CA THR G 170 -41.01 -28.37 -9.84
C THR G 170 -39.65 -28.70 -9.24
N ASN G 171 -39.34 -28.19 -8.06
CA ASN G 171 -38.06 -28.51 -7.43
C ASN G 171 -38.01 -29.98 -7.02
N GLY G 172 -36.79 -30.47 -6.82
CA GLY G 172 -36.62 -31.78 -6.26
C GLY G 172 -37.02 -31.83 -4.80
N VAL G 173 -37.29 -33.06 -4.32
CA VAL G 173 -37.83 -33.23 -2.98
C VAL G 173 -36.91 -32.59 -1.95
N GLY G 174 -35.60 -32.70 -2.15
CA GLY G 174 -34.67 -32.12 -1.20
C GLY G 174 -34.85 -30.62 -1.04
N TYR G 175 -35.20 -29.93 -2.13
CA TYR G 175 -35.37 -28.49 -2.13
C TYR G 175 -36.81 -28.05 -1.92
N GLN G 176 -37.74 -28.99 -1.76
CA GLN G 176 -39.14 -28.64 -1.59
C GLN G 176 -39.41 -28.14 -0.16
N PRO G 177 -40.39 -27.28 0.01
CA PRO G 177 -40.69 -26.77 1.36
C PRO G 177 -41.24 -27.86 2.27
N TYR G 178 -40.86 -27.80 3.54
CA TYR G 178 -41.36 -28.71 4.55
C TYR G 178 -41.77 -27.93 5.79
N ARG G 179 -42.98 -28.19 6.27
CA ARG G 179 -43.48 -27.56 7.49
C ARG G 179 -43.07 -28.40 8.68
N VAL G 180 -42.46 -27.76 9.67
CA VAL G 180 -41.91 -28.43 10.85
C VAL G 180 -42.61 -27.89 12.08
N VAL G 181 -43.07 -28.79 12.94
CA VAL G 181 -43.60 -28.45 14.25
C VAL G 181 -42.79 -29.22 15.29
N VAL G 182 -42.25 -28.52 16.27
CA VAL G 182 -41.44 -29.12 17.31
C VAL G 182 -42.17 -28.93 18.64
N LEU G 183 -42.43 -30.02 19.32
CA LEU G 183 -43.12 -30.01 20.61
C LEU G 183 -42.08 -30.21 21.71
N SER G 184 -42.05 -29.28 22.67
CA SER G 184 -41.16 -29.36 23.81
C SER G 184 -42.00 -29.42 25.09
N PHE G 185 -41.59 -30.28 26.01
CA PHE G 185 -42.29 -30.47 27.28
C PHE G 185 -41.32 -30.20 28.41
N GLU G 186 -41.59 -29.16 29.19
CA GLU G 186 -40.78 -28.80 30.35
C GLU G 186 -41.57 -29.13 31.61
N LEU G 187 -40.92 -29.84 32.53
CA LEU G 187 -41.47 -30.13 33.84
C LEU G 187 -40.69 -29.32 34.86
N LEU G 188 -41.36 -28.33 35.46
CA LEU G 188 -40.78 -27.47 36.48
C LEU G 188 -41.41 -27.77 37.83
N HIS G 189 -40.87 -27.16 38.88
CA HIS G 189 -41.42 -27.34 40.21
C HIS G 189 -42.61 -26.41 40.41
N ALA G 190 -43.53 -26.43 39.45
CA ALA G 190 -44.74 -25.63 39.48
C ALA G 190 -45.88 -26.53 39.02
N PRO G 191 -47.12 -26.21 39.38
CA PRO G 191 -48.23 -27.11 39.05
C PRO G 191 -48.24 -27.56 37.59
N ALA G 192 -48.04 -28.86 37.37
CA ALA G 192 -48.17 -29.41 36.03
C ALA G 192 -49.58 -29.17 35.51
N THR G 193 -49.67 -28.67 34.28
CA THR G 193 -50.92 -28.05 33.84
C THR G 193 -51.39 -28.58 32.49
N VAL G 194 -50.48 -29.06 31.65
CA VAL G 194 -50.83 -29.67 30.37
C VAL G 194 -50.73 -31.18 30.53
N CYS G 195 -51.84 -31.88 30.29
CA CYS G 195 -51.95 -33.29 30.59
C CYS G 195 -52.57 -34.04 29.42
N GLY G 196 -52.38 -35.35 29.43
CA GLY G 196 -53.07 -36.24 28.53
C GLY G 196 -54.42 -36.65 29.10
N PRO G 197 -55.18 -37.45 28.35
CA PRO G 197 -56.51 -37.86 28.82
C PRO G 197 -56.49 -38.83 29.98
N GLY G 198 -55.39 -39.54 30.21
CA GLY G 198 -55.34 -40.57 31.23
C GLY G 198 -54.22 -40.40 32.22
N SER G 199 -53.91 -39.15 32.56
CA SER G 199 -52.84 -38.86 33.53
C SER G 199 -53.17 -39.47 34.89
N ASP H 1 -2.55 -6.45 -2.74
CA ASP H 1 -3.35 -7.70 -2.79
C ASP H 1 -2.73 -8.77 -1.91
N ILE H 2 -3.57 -9.46 -1.14
CA ILE H 2 -3.07 -10.50 -0.23
C ILE H 2 -2.64 -11.70 -1.06
N GLN H 3 -1.39 -12.12 -0.89
CA GLN H 3 -0.85 -13.25 -1.62
C GLN H 3 -1.26 -14.55 -0.95
N MET H 4 -1.88 -15.44 -1.71
CA MET H 4 -2.26 -16.76 -1.24
C MET H 4 -1.31 -17.79 -1.83
N THR H 5 -0.75 -18.62 -0.98
CA THR H 5 0.18 -19.68 -1.39
C THR H 5 -0.32 -21.00 -0.85
N GLN H 6 -0.13 -22.07 -1.63
CA GLN H 6 -0.42 -23.43 -1.20
C GLN H 6 0.88 -24.23 -1.28
N SER H 7 1.26 -24.83 -0.15
CA SER H 7 2.63 -25.39 -0.05
C SER H 7 2.78 -26.64 -0.90
N PRO H 8 1.98 -27.69 -0.73
CA PRO H 8 2.17 -28.90 -1.55
C PRO H 8 1.59 -28.72 -2.95
N SER H 9 2.38 -28.15 -3.85
CA SER H 9 1.89 -27.88 -5.20
C SER H 9 1.35 -29.14 -5.87
N SER H 10 2.03 -30.27 -5.69
CA SER H 10 1.58 -31.55 -6.22
C SER H 10 1.85 -32.63 -5.19
N LEU H 11 0.89 -33.53 -5.04
CA LEU H 11 0.96 -34.59 -4.04
C LEU H 11 0.33 -35.85 -4.61
N SER H 12 0.96 -36.99 -4.35
CA SER H 12 0.44 -38.29 -4.73
C SER H 12 0.00 -39.05 -3.49
N ALA H 13 -1.04 -39.87 -3.65
CA ALA H 13 -1.56 -40.64 -2.54
C ALA H 13 -2.38 -41.80 -3.07
N SER H 14 -2.70 -42.73 -2.18
CA SER H 14 -3.48 -43.92 -2.51
C SER H 14 -4.80 -43.88 -1.75
N VAL H 15 -5.72 -44.75 -2.19
CA VAL H 15 -7.03 -44.83 -1.54
C VAL H 15 -6.85 -45.27 -0.10
N GLY H 16 -7.50 -44.57 0.82
CA GLY H 16 -7.44 -44.87 2.24
C GLY H 16 -6.43 -44.05 3.02
N ASP H 17 -5.54 -43.34 2.34
CA ASP H 17 -4.55 -42.52 3.03
C ASP H 17 -5.19 -41.26 3.59
N THR H 18 -4.47 -40.63 4.52
CA THR H 18 -4.82 -39.31 5.02
C THR H 18 -3.76 -38.32 4.55
N VAL H 19 -4.21 -37.22 3.93
CA VAL H 19 -3.33 -36.23 3.35
C VAL H 19 -3.69 -34.86 3.90
N THR H 20 -2.68 -34.04 4.14
CA THR H 20 -2.85 -32.68 4.63
C THR H 20 -2.19 -31.71 3.66
N ILE H 21 -2.94 -30.72 3.22
CA ILE H 21 -2.43 -29.65 2.38
C ILE H 21 -2.68 -28.33 3.08
N THR H 22 -1.81 -27.35 2.84
CA THR H 22 -1.85 -26.10 3.56
C THR H 22 -1.94 -24.92 2.60
N CYS H 23 -2.58 -23.86 3.07
CA CYS H 23 -2.71 -22.61 2.35
C CYS H 23 -2.17 -21.50 3.24
N ARG H 24 -1.34 -20.63 2.67
CA ARG H 24 -0.69 -19.55 3.40
C ARG H 24 -1.15 -18.21 2.87
N ALA H 25 -1.16 -17.21 3.76
CA ALA H 25 -1.54 -15.85 3.41
C ALA H 25 -0.42 -14.90 3.82
N SER H 26 -0.18 -13.89 3.00
CA SER H 26 0.88 -12.93 3.29
C SER H 26 0.54 -12.05 4.49
N GLN H 27 -0.74 -11.90 4.83
CA GLN H 27 -1.16 -11.17 6.02
C GLN H 27 -2.16 -12.01 6.79
N GLY H 28 -2.31 -11.69 8.07
CA GLY H 28 -3.32 -12.33 8.89
C GLY H 28 -4.71 -12.10 8.33
N ILE H 29 -5.49 -13.17 8.18
CA ILE H 29 -6.84 -13.06 7.64
C ILE H 29 -7.83 -13.73 8.59
N SER H 30 -7.47 -13.80 9.87
CA SER H 30 -8.33 -14.41 10.87
C SER H 30 -8.75 -15.81 10.43
N ASN H 31 -10.04 -16.03 10.22
CA ASN H 31 -10.56 -17.31 9.74
C ASN H 31 -11.27 -17.17 8.40
N PHE H 32 -10.97 -16.10 7.65
CA PHE H 32 -11.67 -15.80 6.40
C PHE H 32 -11.03 -16.60 5.26
N LEU H 33 -11.31 -17.92 5.28
CA LEU H 33 -10.69 -18.85 4.35
C LEU H 33 -11.71 -19.87 3.88
N ASN H 34 -11.75 -20.12 2.58
CA ASN H 34 -12.58 -21.15 1.98
C ASN H 34 -11.69 -22.17 1.28
N TRP H 35 -12.16 -23.42 1.25
CA TRP H 35 -11.49 -24.50 0.52
C TRP H 35 -12.43 -25.00 -0.56
N TYR H 36 -11.92 -25.16 -1.78
CA TYR H 36 -12.69 -25.67 -2.90
C TYR H 36 -12.02 -26.89 -3.50
N GLN H 37 -12.82 -27.73 -4.15
CA GLN H 37 -12.34 -28.88 -4.91
C GLN H 37 -12.75 -28.70 -6.37
N GLN H 38 -11.83 -28.98 -7.28
CA GLN H 38 -12.09 -28.84 -8.69
C GLN H 38 -11.52 -30.03 -9.44
N LYS H 39 -12.33 -30.64 -10.28
CA LYS H 39 -11.90 -31.69 -11.18
C LYS H 39 -11.69 -31.12 -12.58
N PRO H 40 -10.82 -31.73 -13.39
CA PRO H 40 -10.53 -31.16 -14.72
C PRO H 40 -11.80 -31.00 -15.53
N GLY H 41 -11.94 -29.84 -16.16
CA GLY H 41 -13.08 -29.55 -17.00
C GLY H 41 -14.35 -29.17 -16.27
N LYS H 42 -14.32 -29.12 -14.94
CA LYS H 42 -15.49 -28.84 -14.13
C LYS H 42 -15.27 -27.60 -13.27
N ALA H 43 -16.37 -27.01 -12.82
CA ALA H 43 -16.29 -25.85 -11.94
C ALA H 43 -15.90 -26.29 -10.53
N PRO H 44 -15.30 -25.40 -9.75
CA PRO H 44 -14.95 -25.74 -8.37
C PRO H 44 -16.18 -25.94 -7.51
N LYS H 45 -16.00 -26.74 -6.46
CA LYS H 45 -17.05 -27.04 -5.49
C LYS H 45 -16.59 -26.58 -4.11
N LEU H 46 -17.47 -25.87 -3.40
CA LEU H 46 -17.14 -25.36 -2.07
C LEU H 46 -17.16 -26.48 -1.05
N LEU H 47 -16.06 -26.61 -0.30
CA LEU H 47 -15.91 -27.62 0.73
C LEU H 47 -16.00 -27.05 2.13
N ILE H 48 -15.18 -26.05 2.45
CA ILE H 48 -15.07 -25.51 3.80
C ILE H 48 -15.21 -23.99 3.72
N TYR H 49 -15.87 -23.42 4.71
CA TYR H 49 -15.93 -21.97 4.88
C TYR H 49 -15.58 -21.63 6.32
N ASP H 50 -15.11 -20.40 6.52
CA ASP H 50 -14.56 -19.96 7.80
C ASP H 50 -13.37 -20.82 8.23
N ALA H 51 -12.75 -21.51 7.26
CA ALA H 51 -11.52 -22.27 7.46
C ALA H 51 -11.73 -23.57 8.24
N SER H 52 -12.90 -23.76 8.85
CA SER H 52 -13.16 -25.01 9.56
C SER H 52 -14.56 -25.56 9.38
N ARG H 53 -15.53 -24.79 8.88
CA ARG H 53 -16.92 -25.22 8.84
C ARG H 53 -17.20 -26.05 7.60
N LEU H 54 -17.78 -27.23 7.80
CA LEU H 54 -18.09 -28.13 6.69
C LEU H 54 -19.33 -27.65 5.95
N GLU H 55 -19.25 -27.65 4.62
CA GLU H 55 -20.41 -27.32 3.77
C GLU H 55 -21.34 -28.53 3.80
N SER H 56 -22.65 -28.31 3.77
CA SER H 56 -23.62 -29.41 3.80
C SER H 56 -23.41 -30.32 2.59
N GLY H 57 -23.43 -31.63 2.85
CA GLY H 57 -23.21 -32.62 1.82
C GLY H 57 -21.77 -33.08 1.67
N VAL H 58 -20.82 -32.32 2.19
CA VAL H 58 -19.40 -32.70 2.07
C VAL H 58 -19.11 -33.82 3.07
N PRO H 59 -18.45 -34.90 2.66
CA PRO H 59 -18.21 -36.01 3.59
C PRO H 59 -17.38 -35.57 4.80
N SER H 60 -17.60 -36.27 5.91
CA SER H 60 -16.95 -35.92 7.16
C SER H 60 -15.44 -36.15 7.13
N ARG H 61 -14.94 -36.93 6.17
CA ARG H 61 -13.50 -37.15 6.07
C ARG H 61 -12.75 -35.87 5.68
N PHE H 62 -13.44 -34.88 5.14
CA PHE H 62 -12.85 -33.57 4.90
C PHE H 62 -12.90 -32.76 6.19
N SER H 63 -11.81 -32.05 6.48
CA SER H 63 -11.74 -31.19 7.65
C SER H 63 -10.71 -30.10 7.41
N GLY H 64 -10.96 -28.94 8.02
CA GLY H 64 -10.06 -27.80 7.88
C GLY H 64 -9.84 -27.13 9.22
N SER H 65 -8.68 -26.52 9.36
CA SER H 65 -8.30 -25.85 10.59
C SER H 65 -7.29 -24.74 10.26
N GLY H 66 -6.92 -23.99 11.28
CA GLY H 66 -5.96 -22.92 11.15
C GLY H 66 -6.59 -21.55 11.32
N SER H 67 -5.72 -20.56 11.53
CA SER H 67 -6.14 -19.18 11.65
C SER H 67 -4.93 -18.29 11.40
N GLY H 68 -5.21 -17.02 11.08
CA GLY H 68 -4.14 -16.07 10.85
C GLY H 68 -3.59 -16.17 9.43
N THR H 69 -2.39 -16.75 9.30
CA THR H 69 -1.76 -16.92 8.01
C THR H 69 -1.53 -18.37 7.60
N GLU H 70 -1.84 -19.33 8.48
CA GLU H 70 -1.62 -20.74 8.21
C GLU H 70 -2.97 -21.46 8.24
N PHE H 71 -3.29 -22.16 7.16
CA PHE H 71 -4.53 -22.91 7.06
C PHE H 71 -4.24 -24.28 6.48
N THR H 72 -4.98 -25.27 6.93
CA THR H 72 -4.73 -26.66 6.61
C THR H 72 -6.04 -27.34 6.21
N LEU H 73 -5.97 -28.14 5.15
CA LEU H 73 -7.07 -28.98 4.72
C LEU H 73 -6.63 -30.43 4.84
N THR H 74 -7.37 -31.22 5.61
CA THR H 74 -7.06 -32.62 5.83
C THR H 74 -8.17 -33.48 5.24
N ILE H 75 -7.78 -34.51 4.49
CA ILE H 75 -8.70 -35.51 3.97
C ILE H 75 -8.20 -36.87 4.42
N SER H 76 -9.04 -37.60 5.15
CA SER H 76 -8.71 -38.93 5.62
C SER H 76 -9.50 -39.97 4.85
N SER H 77 -9.05 -41.22 4.94
CA SER H 77 -9.66 -42.33 4.22
C SER H 77 -9.95 -41.94 2.77
N LEU H 78 -8.88 -41.57 2.06
CA LEU H 78 -9.01 -41.03 0.72
C LEU H 78 -9.82 -41.96 -0.18
N GLN H 79 -10.72 -41.38 -0.95
CA GLN H 79 -11.58 -42.10 -1.87
C GLN H 79 -11.24 -41.76 -3.30
N PRO H 80 -11.57 -42.63 -4.26
CA PRO H 80 -11.23 -42.35 -5.66
C PRO H 80 -11.78 -41.02 -6.15
N GLU H 81 -12.90 -40.58 -5.58
CA GLU H 81 -13.59 -39.31 -5.97
C GLU H 81 -12.94 -38.11 -5.30
N ASP H 82 -11.98 -38.31 -4.42
CA ASP H 82 -11.31 -37.21 -3.76
C ASP H 82 -10.08 -36.71 -4.53
N PHE H 83 -9.64 -37.44 -5.56
CA PHE H 83 -8.47 -37.03 -6.33
C PHE H 83 -8.87 -35.93 -7.29
N ALA H 84 -8.36 -34.73 -7.04
CA ALA H 84 -8.72 -33.54 -7.81
C ALA H 84 -7.74 -32.44 -7.41
N THR H 85 -8.01 -31.22 -7.89
CA THR H 85 -7.27 -30.04 -7.47
C THR H 85 -8.05 -29.32 -6.38
N TYR H 86 -7.32 -28.76 -5.42
CA TYR H 86 -7.93 -28.07 -4.28
C TYR H 86 -7.39 -26.65 -4.19
N HIS H 87 -8.29 -25.69 -4.08
CA HIS H 87 -7.95 -24.28 -4.01
C HIS H 87 -8.39 -23.69 -2.67
N CYS H 88 -7.73 -22.60 -2.28
CA CYS H 88 -8.08 -21.85 -1.09
C CYS H 88 -8.38 -20.41 -1.46
N LEU H 89 -9.36 -19.82 -0.78
CA LEU H 89 -9.86 -18.49 -1.11
C LEU H 89 -9.91 -17.65 0.16
N GLN H 90 -9.42 -16.43 0.09
CA GLN H 90 -9.44 -15.48 1.20
C GLN H 90 -10.43 -14.37 0.90
N TYR H 91 -11.23 -14.00 1.90
CA TYR H 91 -12.22 -12.93 1.77
C TYR H 91 -12.03 -11.92 2.89
N ASP H 92 -10.78 -11.51 3.09
CA ASP H 92 -10.42 -10.52 4.09
C ASP H 92 -10.42 -9.10 3.52
N SER H 93 -9.84 -8.90 2.34
CA SER H 93 -9.58 -7.59 1.76
C SER H 93 -10.30 -7.45 0.42
N ASP H 94 -10.28 -6.23 -0.13
CA ASP H 94 -11.11 -5.94 -1.30
C ASP H 94 -10.88 -6.89 -2.46
N PRO H 95 -9.66 -7.26 -2.82
CA PRO H 95 -9.48 -8.33 -3.81
C PRO H 95 -9.64 -9.68 -3.16
N PHE H 96 -10.72 -10.38 -3.48
CA PHE H 96 -10.76 -11.81 -3.21
C PHE H 96 -9.63 -12.46 -3.99
N ILE H 97 -8.80 -13.24 -3.30
CA ILE H 97 -7.62 -13.85 -3.90
C ILE H 97 -7.69 -15.35 -3.64
N PHE H 98 -7.45 -16.13 -4.69
CA PHE H 98 -7.32 -17.57 -4.60
C PHE H 98 -5.85 -17.96 -4.53
N GLY H 99 -5.61 -19.18 -4.08
CA GLY H 99 -4.29 -19.76 -4.14
C GLY H 99 -3.98 -20.29 -5.52
N PRO H 100 -2.72 -20.67 -5.73
CA PRO H 100 -2.36 -21.29 -7.01
C PRO H 100 -3.07 -22.61 -7.27
N GLY H 101 -3.48 -23.31 -6.23
CA GLY H 101 -4.11 -24.61 -6.39
C GLY H 101 -3.16 -25.76 -6.14
N THR H 102 -3.62 -26.77 -5.42
CA THR H 102 -2.85 -27.97 -5.11
C THR H 102 -3.52 -29.16 -5.78
N LYS H 103 -2.72 -29.98 -6.45
CA LYS H 103 -3.23 -31.15 -7.18
C LYS H 103 -2.89 -32.41 -6.41
N VAL H 104 -3.90 -33.26 -6.22
CA VAL H 104 -3.76 -34.53 -5.51
C VAL H 104 -3.81 -35.65 -6.53
N ASP H 105 -2.77 -36.45 -6.56
CA ASP H 105 -2.58 -37.45 -7.61
C ASP H 105 -2.75 -38.83 -7.04
N ILE H 106 -3.08 -39.81 -7.89
CA ILE H 106 -3.10 -41.21 -7.51
C ILE H 106 -1.68 -41.75 -7.59
N LYS H 107 -1.21 -42.33 -6.50
CA LYS H 107 0.14 -42.88 -6.44
C LYS H 107 0.20 -44.25 -7.09
N ARG H 108 1.28 -44.51 -7.81
CA ARG H 108 1.55 -45.83 -8.38
C ARG H 108 3.05 -45.96 -8.57
N THR H 109 3.46 -47.10 -9.12
CA THR H 109 4.88 -47.34 -9.34
C THR H 109 5.44 -46.38 -10.39
N VAL H 110 6.73 -46.08 -10.25
CA VAL H 110 7.40 -45.23 -11.22
C VAL H 110 7.45 -45.93 -12.57
N ALA H 111 7.11 -45.20 -13.62
CA ALA H 111 7.13 -45.73 -14.98
C ALA H 111 7.83 -44.72 -15.89
N ALA H 112 8.94 -45.13 -16.48
CA ALA H 112 9.63 -44.24 -17.41
C ALA H 112 8.79 -44.04 -18.67
N PRO H 113 8.96 -42.92 -19.36
CA PRO H 113 8.24 -42.73 -20.62
C PRO H 113 8.87 -43.47 -21.78
N SER H 114 8.02 -43.94 -22.69
CA SER H 114 8.46 -44.42 -23.99
C SER H 114 8.41 -43.23 -24.95
N VAL H 115 9.52 -43.02 -25.66
CA VAL H 115 9.75 -41.77 -26.39
C VAL H 115 9.74 -42.05 -27.88
N PHE H 116 8.92 -41.29 -28.61
CA PHE H 116 8.82 -41.36 -30.06
C PHE H 116 8.98 -39.96 -30.64
N ILE H 117 9.61 -39.88 -31.81
CA ILE H 117 9.80 -38.62 -32.52
C ILE H 117 9.26 -38.80 -33.93
N PHE H 118 8.47 -37.83 -34.39
CA PHE H 118 7.82 -37.88 -35.69
C PHE H 118 8.36 -36.76 -36.57
N PRO H 119 9.01 -37.05 -37.69
CA PRO H 119 9.43 -35.98 -38.59
C PRO H 119 8.23 -35.31 -39.22
N PRO H 120 8.38 -34.08 -39.72
CA PRO H 120 7.28 -33.43 -40.41
C PRO H 120 6.87 -34.19 -41.66
N SER H 121 5.58 -34.13 -41.98
CA SER H 121 5.05 -34.79 -43.16
C SER H 121 5.39 -33.99 -44.41
N ASP H 122 5.38 -34.67 -45.55
CA ASP H 122 5.60 -33.98 -46.82
C ASP H 122 4.46 -33.04 -47.15
N GLU H 123 3.25 -33.37 -46.70
CA GLU H 123 2.12 -32.46 -46.91
C GLU H 123 2.35 -31.12 -46.23
N GLN H 124 2.85 -31.15 -44.98
CA GLN H 124 3.12 -29.91 -44.28
C GLN H 124 4.30 -29.17 -44.91
N LEU H 125 5.34 -29.90 -45.31
CA LEU H 125 6.50 -29.25 -45.92
C LEU H 125 6.12 -28.53 -47.20
N LYS H 126 5.14 -29.05 -47.93
CA LYS H 126 4.70 -28.38 -49.17
C LYS H 126 4.11 -27.01 -48.87
N SER H 127 3.61 -26.79 -47.66
CA SER H 127 3.04 -25.51 -47.27
C SER H 127 4.06 -24.58 -46.62
N GLY H 128 5.33 -24.97 -46.58
CA GLY H 128 6.38 -24.10 -46.12
C GLY H 128 6.64 -24.12 -44.62
N THR H 129 6.00 -25.01 -43.88
CA THR H 129 6.18 -25.11 -42.45
C THR H 129 6.56 -26.54 -42.08
N ALA H 130 7.44 -26.68 -41.10
CA ALA H 130 7.90 -27.98 -40.62
C ALA H 130 7.63 -28.09 -39.13
N SER H 131 6.91 -29.15 -38.74
CA SER H 131 6.61 -29.43 -37.34
C SER H 131 7.20 -30.77 -36.96
N VAL H 132 8.01 -30.77 -35.89
CA VAL H 132 8.61 -31.98 -35.36
C VAL H 132 7.96 -32.25 -34.01
N VAL H 133 7.44 -33.46 -33.82
CA VAL H 133 6.65 -33.82 -32.66
C VAL H 133 7.38 -34.90 -31.88
N CYS H 134 7.51 -34.69 -30.58
CA CYS H 134 8.06 -35.68 -29.66
C CYS H 134 6.96 -36.17 -28.73
N LEU H 135 6.85 -37.48 -28.58
CA LEU H 135 5.82 -38.09 -27.75
C LEU H 135 6.44 -38.78 -26.56
N LEU H 136 5.96 -38.45 -25.36
CA LEU H 136 6.34 -39.11 -24.12
C LEU H 136 5.11 -39.83 -23.59
N ASN H 137 5.10 -41.15 -23.69
CA ASN H 137 3.90 -41.95 -23.47
C ASN H 137 3.98 -42.70 -22.14
N ASN H 138 2.92 -42.56 -21.34
CA ASN H 138 2.65 -43.44 -20.20
C ASN H 138 3.81 -43.47 -19.19
N PHE H 139 4.05 -42.30 -18.60
CA PHE H 139 4.96 -42.17 -17.47
C PHE H 139 4.16 -41.70 -16.25
N TYR H 140 4.40 -42.31 -15.10
CA TYR H 140 3.56 -41.97 -13.96
C TYR H 140 3.94 -40.62 -13.37
N PRO H 141 5.15 -40.44 -12.84
CA PRO H 141 5.48 -39.15 -12.23
C PRO H 141 5.32 -38.04 -13.26
N ARG H 142 4.37 -37.13 -12.98
CA ARG H 142 4.00 -36.14 -13.98
C ARG H 142 5.19 -35.31 -14.43
N GLU H 143 6.19 -35.12 -13.57
CA GLU H 143 7.29 -34.23 -13.90
C GLU H 143 8.16 -34.84 -14.99
N ALA H 144 8.24 -34.17 -16.13
CA ALA H 144 9.06 -34.61 -17.25
C ALA H 144 9.61 -33.39 -17.97
N LYS H 145 10.79 -33.55 -18.55
CA LYS H 145 11.46 -32.48 -19.29
C LYS H 145 11.79 -32.95 -20.70
N VAL H 146 11.56 -32.07 -21.67
CA VAL H 146 11.88 -32.33 -23.07
C VAL H 146 12.85 -31.24 -23.53
N GLN H 147 13.97 -31.67 -24.10
CA GLN H 147 14.97 -30.76 -24.64
C GLN H 147 15.11 -31.03 -26.13
N TRP H 148 14.85 -30.01 -26.94
CA TRP H 148 14.99 -30.10 -28.39
C TRP H 148 16.41 -29.72 -28.78
N LYS H 149 17.11 -30.64 -29.45
CA LYS H 149 18.45 -30.40 -29.96
C LYS H 149 18.42 -30.52 -31.48
N VAL H 150 18.94 -29.49 -32.15
CA VAL H 150 19.06 -29.46 -33.60
C VAL H 150 20.54 -29.33 -33.93
N ASP H 151 21.10 -30.36 -34.54
CA ASP H 151 22.55 -30.44 -34.76
C ASP H 151 23.29 -30.24 -33.43
N ASN H 152 22.73 -30.81 -32.36
CA ASN H 152 23.28 -30.73 -31.01
C ASN H 152 23.19 -29.33 -30.42
N ALA H 153 22.44 -28.43 -31.03
CA ALA H 153 22.23 -27.09 -30.50
C ALA H 153 20.93 -27.06 -29.72
N LEU H 154 20.99 -26.68 -28.45
CA LEU H 154 19.80 -26.61 -27.63
C LEU H 154 18.83 -25.57 -28.20
N GLN H 155 17.58 -25.96 -28.36
CA GLN H 155 16.56 -25.11 -28.95
C GLN H 155 15.67 -24.53 -27.85
N SER H 156 15.50 -23.21 -27.86
CA SER H 156 14.63 -22.53 -26.91
C SER H 156 13.80 -21.50 -27.66
N GLY H 157 12.51 -21.42 -27.32
CA GLY H 157 11.64 -20.40 -27.84
C GLY H 157 10.86 -20.76 -29.09
N ASN H 158 10.95 -22.00 -29.57
CA ASN H 158 10.23 -22.40 -30.76
C ASN H 158 9.56 -23.76 -30.58
N SER H 159 9.14 -24.08 -29.36
CA SER H 159 8.45 -25.33 -29.08
C SER H 159 7.37 -25.10 -28.03
N GLN H 160 6.34 -25.94 -28.08
CA GLN H 160 5.26 -25.93 -27.11
C GLN H 160 4.90 -27.37 -26.77
N GLU H 161 4.39 -27.59 -25.56
CA GLU H 161 4.08 -28.93 -25.10
C GLU H 161 2.75 -28.96 -24.36
N SER H 162 2.13 -30.14 -24.37
CA SER H 162 0.87 -30.41 -23.70
C SER H 162 1.00 -31.70 -22.88
N VAL H 163 0.28 -31.74 -21.76
CA VAL H 163 0.28 -32.90 -20.87
C VAL H 163 -1.15 -33.34 -20.65
N THR H 164 -1.39 -34.64 -20.74
CA THR H 164 -2.74 -35.16 -20.56
C THR H 164 -3.05 -35.33 -19.07
N GLU H 165 -4.34 -35.52 -18.78
CA GLU H 165 -4.78 -35.82 -17.44
C GLU H 165 -4.41 -37.25 -17.09
N GLN H 166 -4.32 -37.53 -15.78
CA GLN H 166 -3.93 -38.85 -15.34
C GLN H 166 -4.87 -39.91 -15.90
N ASP H 167 -4.29 -40.98 -16.45
CA ASP H 167 -5.09 -42.05 -17.03
C ASP H 167 -5.88 -42.77 -15.95
N SER H 168 -7.12 -43.10 -16.26
CA SER H 168 -8.00 -43.75 -15.30
C SER H 168 -7.75 -45.25 -15.17
N LYS H 169 -6.97 -45.85 -16.06
CA LYS H 169 -6.72 -47.28 -16.05
C LYS H 169 -5.31 -47.66 -15.61
N ASP H 170 -4.27 -46.93 -16.05
CA ASP H 170 -2.92 -47.19 -15.59
C ASP H 170 -2.34 -46.04 -14.78
N SER H 171 -3.08 -44.95 -14.59
CA SER H 171 -2.68 -43.86 -13.70
C SER H 171 -1.38 -43.20 -14.15
N THR H 172 -1.11 -43.19 -15.45
CA THR H 172 0.07 -42.55 -16.00
C THR H 172 -0.31 -41.26 -16.72
N TYR H 173 0.72 -40.55 -17.17
CA TYR H 173 0.57 -39.32 -17.93
C TYR H 173 1.29 -39.47 -19.27
N SER H 174 0.90 -38.62 -20.21
CA SER H 174 1.52 -38.57 -21.52
C SER H 174 1.76 -37.11 -21.89
N LEU H 175 2.86 -36.87 -22.61
CA LEU H 175 3.27 -35.53 -22.99
C LEU H 175 3.57 -35.48 -24.48
N SER H 176 3.19 -34.38 -25.12
CA SER H 176 3.47 -34.15 -26.53
C SER H 176 4.10 -32.77 -26.67
N SER H 177 5.29 -32.72 -27.29
CA SER H 177 6.01 -31.48 -27.52
C SER H 177 6.24 -31.31 -29.02
N THR H 178 6.00 -30.10 -29.52
CA THR H 178 6.10 -29.80 -30.94
C THR H 178 7.13 -28.71 -31.19
N LEU H 179 8.08 -28.99 -32.08
CA LEU H 179 9.04 -28.01 -32.54
C LEU H 179 8.64 -27.55 -33.92
N THR H 180 8.48 -26.24 -34.09
CA THR H 180 8.00 -25.65 -35.34
C THR H 180 9.08 -24.78 -35.95
N LEU H 181 9.43 -25.06 -37.21
CA LEU H 181 10.38 -24.27 -37.96
C LEU H 181 9.81 -24.03 -39.35
N SER H 182 10.30 -22.98 -40.00
CA SER H 182 9.98 -22.77 -41.40
C SER H 182 10.66 -23.84 -42.26
N LYS H 183 10.13 -24.03 -43.47
CA LYS H 183 10.70 -25.03 -44.35
C LYS H 183 12.17 -24.72 -44.66
N ALA H 184 12.47 -23.46 -44.97
CA ALA H 184 13.85 -23.10 -45.26
C ALA H 184 14.75 -23.32 -44.04
N ASP H 185 14.29 -22.91 -42.86
CA ASP H 185 15.05 -23.14 -41.64
C ASP H 185 15.24 -24.64 -41.40
N TYR H 186 14.19 -25.43 -41.63
CA TYR H 186 14.26 -26.86 -41.39
C TYR H 186 15.34 -27.51 -42.26
N GLU H 187 15.45 -27.08 -43.51
CA GLU H 187 16.42 -27.68 -44.42
C GLU H 187 17.86 -27.25 -44.13
N LYS H 188 18.08 -26.30 -43.22
CA LYS H 188 19.43 -25.86 -42.90
C LYS H 188 20.19 -26.86 -42.02
N HIS H 189 19.48 -27.69 -41.27
CA HIS H 189 20.09 -28.62 -40.33
C HIS H 189 19.74 -30.06 -40.69
N LYS H 190 20.52 -30.98 -40.17
CA LYS H 190 20.39 -32.40 -40.47
C LYS H 190 19.81 -33.21 -39.32
N VAL H 191 20.36 -33.09 -38.12
CA VAL H 191 20.00 -33.94 -37.00
C VAL H 191 18.98 -33.21 -36.12
N TYR H 192 17.81 -33.80 -35.96
CA TYR H 192 16.76 -33.31 -35.07
C TYR H 192 16.57 -34.33 -33.97
N ALA H 193 16.70 -33.90 -32.72
CA ALA H 193 16.74 -34.80 -31.59
C ALA H 193 15.85 -34.31 -30.46
N CYS H 194 15.23 -35.26 -29.77
CA CYS H 194 14.41 -35.01 -28.59
C CYS H 194 15.03 -35.72 -27.41
N GLU H 195 15.40 -34.96 -26.38
CA GLU H 195 16.08 -35.50 -25.20
C GLU H 195 15.15 -35.40 -24.00
N VAL H 196 14.96 -36.52 -23.30
CA VAL H 196 13.97 -36.66 -22.25
C VAL H 196 14.67 -37.04 -20.95
N THR H 197 14.37 -36.32 -19.88
CA THR H 197 14.80 -36.67 -18.53
C THR H 197 13.56 -36.92 -17.67
N HIS H 198 13.66 -37.90 -16.78
CA HIS H 198 12.53 -38.33 -15.98
C HIS H 198 13.07 -39.21 -14.85
N GLN H 199 12.28 -39.31 -13.77
CA GLN H 199 12.75 -40.01 -12.58
C GLN H 199 13.00 -41.49 -12.86
N GLY H 200 12.20 -42.10 -13.74
CA GLY H 200 12.40 -43.48 -14.11
C GLY H 200 13.53 -43.73 -15.08
N LEU H 201 14.21 -42.69 -15.54
CA LEU H 201 15.34 -42.81 -16.43
C LEU H 201 16.61 -42.49 -15.66
N SER H 202 17.58 -43.40 -15.69
CA SER H 202 18.88 -43.12 -15.08
C SER H 202 19.70 -42.17 -15.93
N SER H 203 19.58 -42.26 -17.25
CA SER H 203 20.25 -41.36 -18.17
C SER H 203 19.23 -40.77 -19.13
N PRO H 204 19.48 -39.56 -19.63
CA PRO H 204 18.54 -38.97 -20.58
C PRO H 204 18.39 -39.86 -21.81
N VAL H 205 17.17 -39.89 -22.34
CA VAL H 205 16.85 -40.67 -23.53
C VAL H 205 16.73 -39.71 -24.71
N THR H 206 17.47 -39.99 -25.78
CA THR H 206 17.45 -39.18 -26.98
C THR H 206 16.85 -39.99 -28.12
N LYS H 207 15.81 -39.44 -28.74
CA LYS H 207 15.26 -39.97 -29.98
C LYS H 207 15.51 -38.94 -31.07
N SER H 208 16.10 -39.39 -32.18
CA SER H 208 16.55 -38.48 -33.20
C SER H 208 16.37 -39.11 -34.58
N PHE H 209 16.38 -38.25 -35.59
CA PHE H 209 16.35 -38.67 -36.98
C PHE H 209 17.11 -37.65 -37.80
N ASN H 210 17.59 -38.08 -38.96
CA ASN H 210 18.27 -37.19 -39.90
C ASN H 210 17.34 -36.91 -41.06
N ARG H 211 17.12 -35.62 -41.33
CA ARG H 211 16.22 -35.21 -42.39
C ARG H 211 16.66 -35.80 -43.72
N GLY H 212 15.73 -36.41 -44.44
CA GLY H 212 16.04 -37.11 -45.67
C GLY H 212 16.37 -38.58 -45.51
N GLU H 213 16.03 -39.18 -44.36
CA GLU H 213 16.31 -40.59 -44.10
C GLU H 213 17.81 -40.87 -44.16
N CYS H 214 18.59 -39.96 -43.58
CA CYS H 214 20.05 -40.09 -43.57
C CYS H 214 20.52 -40.76 -42.29
N GLN I 1 -31.17 -26.24 -6.68
CA GLN I 1 -32.11 -26.04 -7.81
C GLN I 1 -31.58 -24.94 -8.74
N VAL I 2 -31.04 -23.85 -8.20
CA VAL I 2 -30.56 -22.72 -9.03
C VAL I 2 -29.47 -23.24 -9.97
N GLN I 3 -29.65 -23.05 -11.28
CA GLN I 3 -28.65 -23.41 -12.28
C GLN I 3 -28.15 -22.16 -12.98
N LEU I 4 -26.82 -22.06 -13.11
CA LEU I 4 -26.18 -20.97 -13.83
C LEU I 4 -25.58 -21.52 -15.11
N GLN I 5 -25.55 -20.67 -16.15
CA GLN I 5 -25.05 -21.07 -17.46
C GLN I 5 -24.44 -19.86 -18.15
N GLU I 6 -23.14 -19.91 -18.39
CA GLU I 6 -22.46 -18.84 -19.11
C GLU I 6 -22.73 -18.94 -20.61
N SER I 7 -22.76 -17.78 -21.26
CA SER I 7 -23.01 -17.72 -22.69
C SER I 7 -22.22 -16.56 -23.27
N GLY I 8 -21.52 -16.81 -24.38
CA GLY I 8 -20.75 -15.80 -25.05
C GLY I 8 -19.91 -16.36 -26.17
N PRO I 9 -19.30 -15.48 -26.95
CA PRO I 9 -18.46 -15.94 -28.07
C PRO I 9 -17.16 -16.52 -27.58
N GLY I 10 -16.59 -17.40 -28.41
CA GLY I 10 -15.28 -17.96 -28.15
C GLY I 10 -14.12 -17.17 -28.72
N LEU I 11 -14.40 -16.17 -29.55
CA LEU I 11 -13.36 -15.38 -30.21
C LEU I 11 -13.56 -13.89 -29.92
N VAL I 12 -12.47 -13.25 -29.50
CA VAL I 12 -12.44 -11.81 -29.26
C VAL I 12 -11.00 -11.34 -29.48
N LYS I 13 -10.83 -10.23 -30.18
CA LYS I 13 -9.48 -9.81 -30.55
C LYS I 13 -8.90 -8.87 -29.50
N PRO I 14 -7.58 -8.72 -29.48
CA PRO I 14 -6.95 -7.82 -28.51
C PRO I 14 -7.48 -6.40 -28.61
N SER I 15 -7.56 -5.74 -27.45
CA SER I 15 -8.05 -4.37 -27.28
C SER I 15 -9.57 -4.27 -27.40
N GLU I 16 -10.26 -5.36 -27.73
CA GLU I 16 -11.71 -5.34 -27.84
C GLU I 16 -12.33 -5.60 -26.47
N THR I 17 -13.67 -5.69 -26.45
CA THR I 17 -14.43 -5.85 -25.22
C THR I 17 -15.00 -7.26 -25.15
N LEU I 18 -14.61 -8.00 -24.11
CA LEU I 18 -15.20 -9.30 -23.84
C LEU I 18 -16.58 -9.10 -23.23
N SER I 19 -17.58 -9.76 -23.83
CA SER I 19 -18.98 -9.64 -23.40
C SER I 19 -19.52 -11.03 -23.09
N LEU I 20 -19.96 -11.23 -21.85
CA LEU I 20 -20.52 -12.50 -21.43
C LEU I 20 -21.81 -12.28 -20.65
N THR I 21 -22.72 -13.23 -20.75
CA THR I 21 -23.97 -13.21 -19.99
C THR I 21 -24.12 -14.54 -19.26
N CYS I 22 -24.68 -14.48 -18.05
CA CYS I 22 -24.99 -15.66 -17.25
C CYS I 22 -26.50 -15.75 -17.10
N ALA I 23 -27.06 -16.89 -17.49
CA ALA I 23 -28.49 -17.13 -17.42
C ALA I 23 -28.79 -17.97 -16.19
N VAL I 24 -29.70 -17.49 -15.35
CA VAL I 24 -30.05 -18.14 -14.09
C VAL I 24 -31.46 -18.70 -14.22
N SER I 25 -31.61 -19.98 -13.92
CA SER I 25 -32.90 -20.66 -13.94
C SER I 25 -33.18 -21.24 -12.56
N GLY I 26 -34.42 -21.14 -12.12
CA GLY I 26 -34.82 -21.64 -10.83
C GLY I 26 -34.76 -20.64 -9.69
N TYR I 27 -34.38 -19.39 -9.97
CA TYR I 27 -34.36 -18.37 -8.93
C TYR I 27 -34.30 -17.00 -9.58
N SER I 28 -35.04 -16.05 -9.01
CA SER I 28 -35.09 -14.70 -9.54
C SER I 28 -33.91 -13.88 -9.01
N ILE I 29 -33.10 -13.35 -9.92
CA ILE I 29 -31.90 -12.62 -9.52
C ILE I 29 -32.25 -11.42 -8.67
N SER I 30 -33.29 -10.67 -9.08
CA SER I 30 -33.63 -9.44 -8.39
C SER I 30 -34.29 -9.68 -7.03
N SER I 31 -34.62 -10.91 -6.69
CA SER I 31 -35.32 -11.22 -5.46
C SER I 31 -34.39 -11.59 -4.31
N GLY I 32 -33.08 -11.66 -4.53
CA GLY I 32 -32.17 -11.91 -3.44
C GLY I 32 -30.82 -12.41 -3.92
N TYR I 33 -29.98 -12.72 -2.92
CA TYR I 33 -28.64 -13.26 -3.15
C TYR I 33 -27.73 -12.27 -3.87
N TYR I 34 -26.44 -12.58 -3.89
CA TYR I 34 -25.43 -11.80 -4.60
C TYR I 34 -24.80 -12.68 -5.67
N TRP I 35 -24.41 -12.07 -6.78
CA TRP I 35 -23.94 -12.81 -7.96
C TRP I 35 -22.69 -12.15 -8.51
N GLY I 36 -21.81 -12.96 -9.10
CA GLY I 36 -20.53 -12.45 -9.56
C GLY I 36 -19.91 -13.27 -10.67
N TRP I 37 -18.65 -12.94 -10.97
CA TRP I 37 -17.91 -13.56 -12.05
C TRP I 37 -16.54 -14.01 -11.57
N ILE I 38 -16.13 -15.21 -11.98
CA ILE I 38 -14.82 -15.76 -11.72
C ILE I 38 -14.24 -16.24 -13.04
N ARG I 39 -12.91 -16.28 -13.11
CA ARG I 39 -12.22 -16.78 -14.30
C ARG I 39 -11.00 -17.59 -13.91
N GLN I 40 -10.55 -18.44 -14.84
CA GLN I 40 -9.41 -19.32 -14.61
C GLN I 40 -8.60 -19.41 -15.90
N PRO I 41 -7.46 -18.73 -15.98
CA PRO I 41 -6.59 -18.90 -17.14
C PRO I 41 -6.12 -20.34 -17.26
N PRO I 42 -5.98 -20.86 -18.47
CA PRO I 42 -5.50 -22.25 -18.63
C PRO I 42 -4.22 -22.50 -17.84
N GLY I 43 -4.26 -23.51 -16.98
CA GLY I 43 -3.09 -23.91 -16.22
C GLY I 43 -2.77 -23.03 -15.03
N LYS I 44 -3.57 -22.01 -14.77
CA LYS I 44 -3.33 -21.07 -13.67
C LYS I 44 -4.48 -21.14 -12.67
N GLY I 45 -4.36 -20.36 -11.60
CA GLY I 45 -5.35 -20.36 -10.54
C GLY I 45 -6.55 -19.50 -10.90
N LEU I 46 -7.51 -19.47 -9.97
CA LEU I 46 -8.73 -18.72 -10.15
C LEU I 46 -8.53 -17.26 -9.76
N GLU I 47 -9.28 -16.38 -10.41
CA GLU I 47 -9.22 -14.95 -10.12
C GLU I 47 -10.64 -14.40 -10.03
N TYR I 48 -10.88 -13.59 -8.99
CA TYR I 48 -12.18 -12.97 -8.79
C TYR I 48 -12.29 -11.70 -9.62
N ILE I 49 -13.42 -11.53 -10.30
CA ILE I 49 -13.60 -10.37 -11.18
C ILE I 49 -14.46 -9.32 -10.50
N GLY I 50 -15.67 -9.70 -10.12
CA GLY I 50 -16.57 -8.76 -9.48
C GLY I 50 -17.87 -9.44 -9.10
N TYR I 51 -18.74 -8.67 -8.45
CA TYR I 51 -20.03 -9.18 -8.01
C TYR I 51 -20.99 -8.02 -7.82
N PHE I 52 -22.27 -8.36 -7.65
CA PHE I 52 -23.28 -7.34 -7.43
C PHE I 52 -24.41 -7.92 -6.60
N SER I 53 -25.17 -7.03 -5.96
CA SER I 53 -26.33 -7.40 -5.17
C SER I 53 -27.56 -7.42 -6.05
N GLY I 54 -28.27 -8.56 -6.07
CA GLY I 54 -29.44 -8.68 -6.92
C GLY I 54 -30.57 -7.76 -6.49
N THR I 55 -30.65 -7.44 -5.21
CA THR I 55 -31.77 -6.71 -4.65
C THR I 55 -31.59 -5.19 -4.75
N THR I 56 -30.36 -4.70 -4.60
CA THR I 56 -30.10 -3.27 -4.60
C THR I 56 -29.28 -2.78 -5.79
N GLY I 57 -28.57 -3.67 -6.47
CA GLY I 57 -27.74 -3.26 -7.58
C GLY I 57 -26.36 -2.77 -7.18
N SER I 58 -25.99 -2.88 -5.91
CA SER I 58 -24.64 -2.53 -5.52
C SER I 58 -23.65 -3.45 -6.22
N THR I 59 -22.57 -2.87 -6.73
CA THR I 59 -21.61 -3.58 -7.56
C THR I 59 -20.20 -3.32 -7.06
N TYR I 60 -19.35 -4.34 -7.13
CA TYR I 60 -17.96 -4.22 -6.70
C TYR I 60 -17.08 -4.99 -7.66
N TYR I 61 -15.98 -4.37 -8.08
CA TYR I 61 -15.07 -4.93 -9.06
C TYR I 61 -13.69 -5.14 -8.45
N ASN I 62 -12.95 -6.08 -9.00
CA ASN I 62 -11.58 -6.32 -8.57
C ASN I 62 -10.76 -5.07 -8.85
N PRO I 63 -10.13 -4.46 -7.84
CA PRO I 63 -9.37 -3.23 -8.11
C PRO I 63 -8.26 -3.42 -9.13
N SER I 64 -7.64 -4.60 -9.18
CA SER I 64 -6.62 -4.86 -10.20
C SER I 64 -7.21 -4.84 -11.60
N LEU I 65 -8.37 -5.45 -11.78
CA LEU I 65 -9.06 -5.43 -13.07
C LEU I 65 -9.97 -4.21 -13.22
N LYS I 66 -10.10 -3.40 -12.18
CA LYS I 66 -11.03 -2.29 -12.20
C LYS I 66 -10.68 -1.32 -13.32
N SER I 67 -11.58 -0.37 -13.55
CA SER I 67 -11.51 0.57 -14.68
C SER I 67 -11.68 -0.16 -16.00
N ARG I 68 -11.94 -1.47 -15.97
CA ARG I 68 -12.07 -2.31 -17.14
C ARG I 68 -13.29 -3.23 -17.07
N VAL I 69 -13.89 -3.38 -15.90
CA VAL I 69 -14.97 -4.33 -15.67
C VAL I 69 -16.24 -3.55 -15.37
N THR I 70 -17.34 -3.95 -16.02
CA THR I 70 -18.68 -3.51 -15.67
C THR I 70 -19.57 -4.73 -15.62
N ILE I 71 -20.34 -4.87 -14.55
CA ILE I 71 -21.32 -5.94 -14.39
C ILE I 71 -22.69 -5.29 -14.23
N SER I 72 -23.66 -5.76 -15.01
CA SER I 72 -25.01 -5.24 -14.97
C SER I 72 -25.99 -6.39 -15.08
N LYS I 73 -27.19 -6.17 -14.56
CA LYS I 73 -28.24 -7.17 -14.54
C LYS I 73 -29.42 -6.68 -15.36
N ASP I 74 -30.09 -7.60 -16.04
CA ASP I 74 -31.34 -7.32 -16.75
C ASP I 74 -32.44 -8.12 -16.07
N THR I 75 -33.25 -7.43 -15.26
CA THR I 75 -34.37 -8.10 -14.61
C THR I 75 -35.34 -8.69 -15.62
N SER I 76 -35.38 -8.15 -16.83
CA SER I 76 -36.34 -8.62 -17.83
C SER I 76 -36.11 -10.09 -18.17
N LYS I 77 -34.86 -10.48 -18.36
CA LYS I 77 -34.53 -11.83 -18.80
C LYS I 77 -33.89 -12.68 -17.71
N ASN I 78 -33.77 -12.17 -16.49
CA ASN I 78 -33.16 -12.90 -15.38
C ASN I 78 -31.75 -13.38 -15.75
N GLN I 79 -30.98 -12.46 -16.32
CA GLN I 79 -29.58 -12.71 -16.62
C GLN I 79 -28.78 -11.47 -16.24
N PHE I 80 -27.50 -11.67 -15.96
CA PHE I 80 -26.59 -10.57 -15.73
C PHE I 80 -25.37 -10.76 -16.63
N SER I 81 -24.69 -9.66 -16.90
CA SER I 81 -23.65 -9.62 -17.92
C SER I 81 -22.32 -9.21 -17.30
N LEU I 82 -21.25 -9.51 -18.04
CA LEU I 82 -19.91 -9.04 -17.72
C LEU I 82 -19.32 -8.39 -18.96
N LYS I 83 -18.67 -7.24 -18.76
CA LYS I 83 -17.97 -6.55 -19.84
C LYS I 83 -16.53 -6.30 -19.40
N LEU I 84 -15.58 -6.70 -20.23
CA LEU I 84 -14.15 -6.54 -19.94
C LEU I 84 -13.50 -5.83 -21.12
N ASN I 85 -13.05 -4.59 -20.90
CA ASN I 85 -12.54 -3.74 -21.96
C ASN I 85 -11.06 -3.99 -22.22
N SER I 86 -10.63 -3.58 -23.42
CA SER I 86 -9.22 -3.59 -23.82
C SER I 86 -8.51 -4.88 -23.39
N VAL I 87 -9.03 -6.00 -23.92
CA VAL I 87 -8.53 -7.29 -23.50
C VAL I 87 -7.15 -7.55 -24.08
N THR I 88 -6.38 -8.38 -23.37
CA THR I 88 -5.06 -8.82 -23.79
C THR I 88 -5.02 -10.35 -23.75
N ALA I 89 -3.85 -10.90 -24.06
CA ALA I 89 -3.68 -12.35 -23.97
C ALA I 89 -3.90 -12.85 -22.54
N ALA I 90 -3.64 -12.00 -21.55
CA ALA I 90 -3.86 -12.40 -20.17
C ALA I 90 -5.34 -12.61 -19.85
N ASP I 91 -6.23 -12.12 -20.70
CA ASP I 91 -7.66 -12.27 -20.49
C ASP I 91 -8.21 -13.57 -21.08
N THR I 92 -7.38 -14.35 -21.76
CA THR I 92 -7.80 -15.68 -22.17
C THR I 92 -7.96 -16.56 -20.95
N ALA I 93 -9.16 -17.10 -20.76
CA ALA I 93 -9.43 -17.88 -19.56
C ALA I 93 -10.82 -18.48 -19.67
N VAL I 94 -11.06 -19.49 -18.84
CA VAL I 94 -12.40 -20.03 -18.65
C VAL I 94 -13.13 -19.16 -17.65
N TYR I 95 -14.25 -18.59 -18.06
CA TYR I 95 -15.00 -17.65 -17.23
C TYR I 95 -16.19 -18.35 -16.59
N TYR I 96 -16.34 -18.17 -15.28
CA TYR I 96 -17.45 -18.72 -14.52
C TYR I 96 -18.32 -17.59 -13.98
N CYS I 97 -19.62 -17.84 -13.92
CA CYS I 97 -20.54 -17.01 -13.13
C CYS I 97 -20.98 -17.81 -11.92
N ALA I 98 -21.01 -17.16 -10.76
CA ALA I 98 -21.21 -17.85 -9.50
C ALA I 98 -22.15 -17.04 -8.61
N ARG I 99 -22.69 -17.71 -7.61
CA ARG I 99 -23.63 -17.13 -6.66
C ARG I 99 -23.00 -16.99 -5.28
N GLN I 100 -23.43 -15.96 -4.56
CA GLN I 100 -23.02 -15.67 -3.19
C GLN I 100 -21.51 -15.56 -3.05
N PRO I 101 -20.96 -14.42 -3.45
CA PRO I 101 -19.51 -14.26 -3.59
C PRO I 101 -18.73 -14.88 -2.45
N PRO I 102 -18.98 -14.50 -1.19
CA PRO I 102 -18.08 -14.98 -0.13
C PRO I 102 -17.96 -16.49 -0.13
N ARG I 103 -19.07 -17.18 -0.45
CA ARG I 103 -19.13 -18.67 -0.39
C ARG I 103 -18.87 -19.31 -1.77
N PHE I 104 -19.23 -18.65 -2.87
CA PHE I 104 -19.06 -19.20 -4.22
C PHE I 104 -19.56 -20.64 -4.27
N ASP I 105 -20.81 -20.83 -3.90
CA ASP I 105 -21.36 -22.17 -3.68
C ASP I 105 -21.96 -22.79 -4.93
N VAL I 106 -22.47 -21.99 -5.86
CA VAL I 106 -23.06 -22.49 -7.10
C VAL I 106 -22.35 -21.84 -8.26
N TRP I 107 -21.88 -22.66 -9.20
CA TRP I 107 -21.16 -22.18 -10.38
C TRP I 107 -21.87 -22.65 -11.65
N GLY I 108 -21.62 -21.92 -12.72
CA GLY I 108 -21.93 -22.40 -14.05
C GLY I 108 -20.82 -23.27 -14.59
N PRO I 109 -21.13 -24.01 -15.66
CA PRO I 109 -20.13 -24.93 -16.22
C PRO I 109 -18.86 -24.23 -16.69
N GLY I 110 -18.94 -22.96 -17.06
CA GLY I 110 -17.78 -22.22 -17.52
C GLY I 110 -17.67 -22.23 -19.04
N VAL I 111 -17.18 -21.12 -19.60
CA VAL I 111 -16.95 -20.98 -21.03
C VAL I 111 -15.54 -20.48 -21.26
N LEU I 112 -14.82 -21.09 -22.20
CA LEU I 112 -13.48 -20.65 -22.54
C LEU I 112 -13.54 -19.51 -23.55
N VAL I 113 -12.88 -18.41 -23.23
CA VAL I 113 -12.74 -17.27 -24.14
C VAL I 113 -11.27 -17.10 -24.44
N THR I 114 -10.90 -17.20 -25.71
CA THR I 114 -9.54 -17.05 -26.16
C THR I 114 -9.39 -15.71 -26.86
N VAL I 115 -8.48 -14.90 -26.36
CA VAL I 115 -8.16 -13.62 -26.98
C VAL I 115 -7.06 -13.86 -27.99
N SER I 116 -7.33 -13.52 -29.25
CA SER I 116 -6.35 -13.72 -30.31
C SER I 116 -6.71 -12.86 -31.50
N THR I 117 -5.71 -12.62 -32.35
CA THR I 117 -5.91 -11.87 -33.58
C THR I 117 -6.51 -12.71 -34.70
N ALA I 118 -6.61 -14.03 -34.51
CA ALA I 118 -7.08 -14.90 -35.56
C ALA I 118 -8.60 -14.85 -35.67
N SER I 119 -9.11 -15.46 -36.74
CA SER I 119 -10.53 -15.62 -36.97
C SER I 119 -10.83 -17.09 -37.18
N THR I 120 -12.12 -17.42 -37.25
CA THR I 120 -12.54 -18.80 -37.41
C THR I 120 -11.87 -19.43 -38.62
N LYS I 121 -11.05 -20.45 -38.36
CA LYS I 121 -10.31 -21.13 -39.40
C LYS I 121 -10.28 -22.63 -39.10
N GLY I 122 -10.49 -23.43 -40.14
CA GLY I 122 -10.44 -24.88 -40.00
C GLY I 122 -9.02 -25.37 -39.86
N PRO I 123 -8.85 -26.59 -39.33
CA PRO I 123 -7.51 -27.13 -39.13
C PRO I 123 -6.94 -27.81 -40.36
N SER I 124 -5.62 -27.92 -40.36
CA SER I 124 -4.89 -28.76 -41.30
C SER I 124 -4.44 -30.01 -40.55
N VAL I 125 -4.84 -31.18 -41.03
CA VAL I 125 -4.53 -32.44 -40.37
C VAL I 125 -3.34 -33.06 -41.08
N PHE I 126 -2.23 -33.22 -40.38
CA PHE I 126 -1.05 -33.84 -40.93
C PHE I 126 -0.76 -35.16 -40.22
N PRO I 127 -0.27 -36.16 -40.93
CA PRO I 127 -0.01 -37.46 -40.30
C PRO I 127 1.25 -37.45 -39.47
N LEU I 128 1.23 -38.27 -38.43
CA LEU I 128 2.41 -38.57 -37.60
C LEU I 128 2.78 -40.00 -37.93
N ALA I 129 3.60 -40.16 -38.96
CA ALA I 129 3.83 -41.48 -39.54
C ALA I 129 4.59 -42.37 -38.57
N PRO I 130 4.17 -43.63 -38.38
CA PRO I 130 4.94 -44.61 -37.58
C PRO I 130 6.03 -45.29 -38.40
N SER I 131 7.19 -44.63 -38.51
CA SER I 131 8.25 -45.12 -39.38
C SER I 131 8.81 -46.50 -39.06
N SER I 132 8.56 -47.02 -37.87
CA SER I 132 9.03 -48.35 -37.45
C SER I 132 10.50 -48.34 -37.01
N ARG I 133 11.22 -47.29 -37.42
CA ARG I 133 12.57 -47.07 -36.91
C ARG I 133 12.64 -46.53 -35.50
N SER I 134 11.65 -45.73 -35.10
CA SER I 134 11.53 -45.21 -33.74
C SER I 134 10.32 -45.82 -33.03
N THR I 135 10.51 -47.03 -32.51
CA THR I 135 9.45 -47.74 -31.79
C THR I 135 9.98 -48.44 -30.55
N SER I 136 9.08 -48.63 -29.58
CA SER I 136 9.42 -49.27 -28.31
C SER I 136 8.70 -50.61 -28.21
N GLU I 137 9.46 -51.66 -27.98
CA GLU I 137 8.88 -53.00 -27.77
C GLU I 137 8.19 -53.40 -29.08
N SER I 138 7.07 -54.12 -29.00
CA SER I 138 6.20 -54.36 -30.13
C SER I 138 5.19 -53.23 -30.31
N THR I 139 5.30 -52.18 -29.51
CA THR I 139 4.39 -51.05 -29.56
C THR I 139 4.91 -50.00 -30.53
N ALA I 140 4.03 -49.54 -31.42
CA ALA I 140 4.35 -48.49 -32.38
C ALA I 140 3.39 -47.33 -32.18
N ALA I 141 3.88 -46.11 -32.39
CA ALA I 141 3.11 -44.90 -32.16
C ALA I 141 2.85 -44.17 -33.47
N LEU I 142 1.59 -43.82 -33.70
CA LEU I 142 1.19 -42.98 -34.83
C LEU I 142 0.18 -41.96 -34.33
N GLY I 143 -0.16 -41.00 -35.18
CA GLY I 143 -1.08 -39.97 -34.75
C GLY I 143 -1.41 -39.00 -35.86
N CYS I 144 -2.13 -37.94 -35.47
CA CYS I 144 -2.52 -36.85 -36.36
C CYS I 144 -2.15 -35.53 -35.71
N LEU I 145 -1.66 -34.59 -36.53
CA LEU I 145 -1.33 -33.26 -36.07
C LEU I 145 -2.41 -32.30 -36.56
N VAL I 146 -3.28 -31.88 -35.65
CA VAL I 146 -4.39 -30.97 -35.96
C VAL I 146 -3.87 -29.56 -35.71
N LYS I 147 -3.50 -28.88 -36.79
CA LYS I 147 -2.75 -27.63 -36.70
C LYS I 147 -3.53 -26.47 -37.30
N ASP I 148 -3.35 -25.28 -36.69
CA ASP I 148 -3.81 -24.01 -37.25
C ASP I 148 -5.34 -23.97 -37.41
N TYR I 149 -6.03 -24.06 -36.28
CA TYR I 149 -7.46 -23.82 -36.19
C TYR I 149 -7.71 -22.87 -35.03
N PHE I 150 -8.54 -21.85 -35.25
CA PHE I 150 -8.64 -20.83 -34.20
C PHE I 150 -9.59 -21.22 -33.06
N PRO I 151 -10.87 -21.48 -33.30
CA PRO I 151 -11.75 -21.81 -32.16
C PRO I 151 -11.39 -23.17 -31.57
N GLU I 152 -11.36 -23.21 -30.23
CA GLU I 152 -10.72 -24.33 -29.54
C GLU I 152 -11.35 -25.69 -29.82
N PRO I 153 -12.67 -25.84 -29.78
CA PRO I 153 -13.24 -27.21 -29.84
C PRO I 153 -12.97 -27.88 -31.18
N VAL I 154 -12.19 -28.96 -31.13
CA VAL I 154 -12.00 -29.83 -32.29
C VAL I 154 -12.03 -31.27 -31.77
N THR I 155 -13.03 -32.03 -32.17
CA THR I 155 -13.15 -33.42 -31.75
C THR I 155 -12.31 -34.30 -32.66
N VAL I 156 -11.56 -35.22 -32.06
CA VAL I 156 -10.71 -36.16 -32.78
C VAL I 156 -11.16 -37.56 -32.41
N SER I 157 -11.31 -38.42 -33.42
CA SER I 157 -11.68 -39.81 -33.24
C SER I 157 -10.76 -40.66 -34.11
N TRP I 158 -10.71 -41.95 -33.81
CA TRP I 158 -9.88 -42.89 -34.54
C TRP I 158 -10.73 -44.06 -35.03
N ASN I 159 -10.68 -44.31 -36.34
CA ASN I 159 -11.46 -45.39 -36.96
C ASN I 159 -12.94 -45.27 -36.58
N SER I 160 -13.44 -44.03 -36.64
CA SER I 160 -14.84 -43.74 -36.34
C SER I 160 -15.24 -44.22 -34.95
N GLY I 161 -14.33 -44.05 -33.99
CA GLY I 161 -14.60 -44.41 -32.63
C GLY I 161 -14.41 -45.88 -32.30
N SER I 162 -14.08 -46.72 -33.29
CA SER I 162 -13.84 -48.12 -33.03
C SER I 162 -12.46 -48.37 -32.43
N LEU I 163 -11.55 -47.41 -32.53
CA LEU I 163 -10.22 -47.49 -31.94
C LEU I 163 -10.16 -46.49 -30.79
N THR I 164 -10.19 -47.01 -29.55
CA THR I 164 -10.22 -46.18 -28.36
C THR I 164 -9.09 -46.45 -27.40
N SER I 165 -8.72 -47.71 -27.19
CA SER I 165 -7.67 -48.02 -26.23
C SER I 165 -6.31 -47.59 -26.78
N GLY I 166 -5.53 -46.95 -25.91
CA GLY I 166 -4.23 -46.43 -26.28
C GLY I 166 -4.25 -45.05 -26.90
N VAL I 167 -5.43 -44.48 -27.15
CA VAL I 167 -5.52 -43.16 -27.75
C VAL I 167 -5.20 -42.11 -26.71
N HIS I 168 -4.42 -41.10 -27.11
CA HIS I 168 -4.11 -39.95 -26.27
C HIS I 168 -4.35 -38.71 -27.12
N THR I 169 -5.42 -37.99 -26.84
CA THR I 169 -5.72 -36.73 -27.52
C THR I 169 -5.30 -35.60 -26.59
N PHE I 170 -4.31 -34.84 -27.02
CA PHE I 170 -3.65 -33.89 -26.13
C PHE I 170 -4.37 -32.55 -26.11
N PRO I 171 -4.26 -31.81 -25.01
CA PRO I 171 -4.83 -30.46 -24.99
C PRO I 171 -4.14 -29.56 -26.02
N ALA I 172 -4.93 -28.67 -26.61
CA ALA I 172 -4.39 -27.76 -27.61
C ALA I 172 -3.54 -26.68 -26.95
N VAL I 173 -2.51 -26.24 -27.69
CA VAL I 173 -1.68 -25.11 -27.30
C VAL I 173 -2.01 -23.95 -28.23
N LEU I 174 -1.87 -22.73 -27.71
CA LEU I 174 -2.13 -21.52 -28.48
C LEU I 174 -0.80 -21.01 -29.01
N GLN I 175 -0.59 -21.14 -30.31
CA GLN I 175 0.66 -20.70 -30.92
C GLN I 175 0.70 -19.19 -31.01
N SER I 176 1.92 -18.65 -31.17
CA SER I 176 2.08 -17.21 -31.24
C SER I 176 1.36 -16.62 -32.44
N SER I 177 1.00 -17.45 -33.41
CA SER I 177 0.20 -17.01 -34.55
C SER I 177 -1.24 -16.69 -34.16
N GLY I 178 -1.67 -17.05 -32.95
CA GLY I 178 -3.04 -16.87 -32.53
C GLY I 178 -3.96 -18.05 -32.82
N LEU I 179 -3.46 -19.09 -33.47
CA LEU I 179 -4.24 -20.28 -33.77
C LEU I 179 -3.89 -21.40 -32.79
N TYR I 180 -4.82 -22.35 -32.67
CA TYR I 180 -4.59 -23.51 -31.82
C TYR I 180 -3.98 -24.64 -32.64
N SER I 181 -3.32 -25.56 -31.92
CA SER I 181 -2.74 -26.74 -32.53
C SER I 181 -2.70 -27.84 -31.48
N LEU I 182 -3.12 -29.05 -31.87
CA LEU I 182 -3.04 -30.18 -30.96
C LEU I 182 -2.74 -31.44 -31.76
N SER I 183 -2.28 -32.46 -31.03
CA SER I 183 -1.93 -33.75 -31.60
C SER I 183 -2.74 -34.84 -30.91
N SER I 184 -3.20 -35.81 -31.70
CA SER I 184 -3.82 -37.01 -31.19
C SER I 184 -3.00 -38.21 -31.64
N VAL I 185 -2.65 -39.08 -30.70
CA VAL I 185 -1.82 -40.23 -30.99
C VAL I 185 -2.46 -41.47 -30.38
N VAL I 186 -2.04 -42.62 -30.89
CA VAL I 186 -2.47 -43.91 -30.36
C VAL I 186 -1.34 -44.90 -30.57
N THR I 187 -1.12 -45.76 -29.59
CA THR I 187 -0.11 -46.80 -29.66
C THR I 187 -0.77 -48.11 -30.03
N VAL I 188 -0.23 -48.78 -31.04
CA VAL I 188 -0.79 -50.02 -31.56
C VAL I 188 0.34 -51.03 -31.71
N PRO I 189 0.01 -52.32 -31.78
CA PRO I 189 1.05 -53.32 -32.05
C PRO I 189 1.76 -53.03 -33.36
N SER I 190 3.09 -53.17 -33.35
CA SER I 190 3.86 -52.92 -34.56
C SER I 190 3.55 -53.95 -35.64
N SER I 191 3.23 -55.18 -35.25
CA SER I 191 2.87 -56.21 -36.22
C SER I 191 1.59 -55.87 -36.97
N SER I 192 0.74 -55.01 -36.41
CA SER I 192 -0.52 -54.66 -37.05
C SER I 192 -0.36 -53.56 -38.09
N LEU I 193 0.84 -52.99 -38.26
CA LEU I 193 1.03 -51.90 -39.21
C LEU I 193 0.69 -52.35 -40.63
N GLY I 194 1.13 -53.53 -41.02
CA GLY I 194 0.84 -54.03 -42.35
C GLY I 194 -0.53 -54.64 -42.52
N THR I 195 -1.29 -54.77 -41.44
CA THR I 195 -2.60 -55.39 -41.46
C THR I 195 -3.73 -54.42 -41.22
N GLN I 196 -3.68 -53.66 -40.12
CA GLN I 196 -4.77 -52.78 -39.74
C GLN I 196 -4.54 -51.38 -40.31
N THR I 197 -5.63 -50.72 -40.65
CA THR I 197 -5.62 -49.38 -41.22
C THR I 197 -6.10 -48.38 -40.18
N TYR I 198 -5.41 -47.24 -40.11
CA TYR I 198 -5.66 -46.25 -39.07
C TYR I 198 -6.03 -44.92 -39.72
N VAL I 199 -7.26 -44.48 -39.47
CA VAL I 199 -7.76 -43.20 -39.97
C VAL I 199 -8.22 -42.38 -38.77
N CYS I 200 -7.76 -41.14 -38.69
CA CYS I 200 -8.17 -40.22 -37.64
C CYS I 200 -9.26 -39.29 -38.17
N ASN I 201 -10.34 -39.17 -37.41
CA ASN I 201 -11.49 -38.36 -37.80
C ASN I 201 -11.46 -37.06 -37.00
N VAL I 202 -11.36 -35.95 -37.71
CA VAL I 202 -11.23 -34.63 -37.10
C VAL I 202 -12.45 -33.81 -37.48
N ASN I 203 -13.13 -33.27 -36.47
CA ASN I 203 -14.31 -32.45 -36.64
C ASN I 203 -14.09 -31.11 -35.97
N HIS I 204 -14.28 -30.02 -36.72
CA HIS I 204 -14.14 -28.67 -36.21
C HIS I 204 -15.46 -27.94 -36.48
N LYS I 205 -16.36 -28.02 -35.50
CA LYS I 205 -17.71 -27.49 -35.70
C LYS I 205 -17.73 -26.00 -36.00
N PRO I 206 -16.97 -25.15 -35.32
CA PRO I 206 -17.06 -23.70 -35.58
C PRO I 206 -16.80 -23.32 -37.03
N SER I 207 -15.91 -24.04 -37.73
CA SER I 207 -15.67 -23.81 -39.15
C SER I 207 -16.33 -24.87 -40.03
N ASN I 208 -17.08 -25.81 -39.45
CA ASN I 208 -17.76 -26.85 -40.20
C ASN I 208 -16.78 -27.61 -41.09
N THR I 209 -15.70 -28.07 -40.48
CA THR I 209 -14.67 -28.84 -41.17
C THR I 209 -14.64 -30.26 -40.60
N LYS I 210 -14.77 -31.25 -41.48
CA LYS I 210 -14.68 -32.65 -41.11
C LYS I 210 -13.62 -33.29 -42.00
N VAL I 211 -12.51 -33.71 -41.39
CA VAL I 211 -11.39 -34.29 -42.13
C VAL I 211 -11.11 -35.67 -41.56
N ASP I 212 -11.05 -36.66 -42.44
CA ASP I 212 -10.66 -38.03 -42.10
C ASP I 212 -9.29 -38.26 -42.74
N LYS I 213 -8.27 -38.45 -41.92
CA LYS I 213 -6.89 -38.55 -42.39
C LYS I 213 -6.39 -39.97 -42.16
N ARG I 214 -5.93 -40.61 -43.25
CA ARG I 214 -5.34 -41.93 -43.19
C ARG I 214 -3.85 -41.79 -42.85
N VAL I 215 -3.42 -42.45 -41.78
CA VAL I 215 -2.04 -42.36 -41.31
C VAL I 215 -1.35 -43.65 -41.75
N GLU I 216 -0.73 -43.60 -42.92
CA GLU I 216 0.05 -44.71 -43.44
C GLU I 216 1.41 -44.76 -42.75
N ILE I 217 2.21 -45.76 -43.13
CA ILE I 217 3.56 -45.85 -42.59
C ILE I 217 4.45 -44.76 -43.16
N LYS I 218 4.29 -44.45 -44.45
CA LYS I 218 4.97 -43.33 -45.10
C LYS I 218 6.48 -43.41 -44.88
N THR I 219 7.03 -44.61 -45.07
CA THR I 219 8.45 -44.87 -44.87
C THR I 219 9.02 -45.45 -46.17
N CYS I 220 9.52 -44.56 -47.03
CA CYS I 220 10.13 -44.98 -48.28
C CYS I 220 11.50 -45.60 -48.03
C1 GOL J . 8.39 51.45 31.05
O1 GOL J . 8.50 51.48 29.65
C2 GOL J . 7.02 52.07 31.39
O2 GOL J . 6.94 53.41 31.01
C3 GOL J . 5.99 51.18 30.66
O3 GOL J . 6.13 49.90 31.16
C1 GOL K . 1.01 38.19 33.35
O1 GOL K . 1.87 37.29 32.72
C2 GOL K . -0.04 37.36 34.12
O2 GOL K . -0.85 38.17 34.92
C3 GOL K . -0.85 36.61 33.04
O3 GOL K . -1.09 35.32 33.52
C1 NAG L . 10.42 55.92 30.15
C2 NAG L . 9.21 56.78 30.45
C3 NAG L . 9.25 57.25 31.90
C4 NAG L . 9.36 56.03 32.82
C5 NAG L . 10.51 55.11 32.40
C6 NAG L . 10.52 53.80 33.15
C7 NAG L . 8.38 57.94 28.45
C8 NAG L . 8.42 59.20 27.63
N2 NAG L . 9.13 57.93 29.55
O3 NAG L . 8.08 57.98 32.21
O4 NAG L . 9.59 56.47 34.16
O5 NAG L . 10.42 54.78 31.00
O6 NAG L . 9.22 53.41 33.58
O7 NAG L . 7.68 56.97 28.14
C1 GOL M . -5.35 17.50 31.91
O1 GOL M . -4.12 17.03 32.46
C2 GOL M . -6.50 17.26 32.87
O2 GOL M . -7.64 17.98 32.42
C3 GOL M . -6.85 15.80 33.01
O3 GOL M . -5.80 14.95 32.54
C1 GOL N . -32.39 1.85 25.97
O1 GOL N . -33.25 0.80 26.32
C2 GOL N . -33.22 3.18 26.04
O2 GOL N . -32.38 4.31 26.18
C3 GOL N . -34.07 3.22 24.74
O3 GOL N . -35.28 2.58 25.02
C1 GOL O . -38.46 16.43 44.47
O1 GOL O . -39.69 17.16 44.54
C2 GOL O . -38.50 15.21 45.37
O2 GOL O . -39.01 14.09 44.65
C3 GOL O . -37.15 14.86 45.96
O3 GOL O . -36.07 15.42 45.22
C1 GOL P . 28.06 3.50 -25.42
O1 GOL P . 27.64 4.57 -26.21
C2 GOL P . 27.01 2.37 -25.58
O2 GOL P . 26.68 2.17 -26.91
C3 GOL P . 27.69 1.11 -24.95
O3 GOL P . 26.71 0.10 -24.92
C1 GOL Q . 24.81 1.60 -29.49
O1 GOL Q . 25.87 1.70 -30.38
C2 GOL Q . 24.05 0.29 -29.83
O2 GOL Q . 23.79 0.18 -31.18
C3 GOL Q . 24.95 -0.86 -29.30
O3 GOL Q . 24.94 -0.75 -27.91
C1 GOL R . 18.29 -20.04 -38.32
O1 GOL R . 18.43 -21.11 -39.19
C2 GOL R . 18.47 -20.61 -36.89
O2 GOL R . 19.80 -20.54 -36.47
C3 GOL R . 17.51 -19.81 -35.96
O3 GOL R . 16.96 -20.75 -35.08
C1 GOL S . 57.16 -31.30 -42.03
O1 GOL S . 58.06 -30.76 -42.95
C2 GOL S . 57.26 -32.83 -42.15
O2 GOL S . 56.83 -33.47 -41.01
C3 GOL S . 56.40 -33.19 -43.39
O3 GOL S . 56.64 -34.54 -43.66
C1 NAG T . 35.41 -14.29 -50.47
C2 NAG T . 34.94 -12.89 -50.09
C3 NAG T . 35.39 -11.87 -51.13
C4 NAG T . 36.88 -11.97 -51.38
C5 NAG T . 37.27 -13.40 -51.72
C6 NAG T . 38.76 -13.59 -51.87
C7 NAG T . 32.88 -12.49 -48.80
C8 NAG T . 31.39 -12.51 -48.83
N2 NAG T . 33.49 -12.86 -49.94
O3 NAG T . 35.05 -10.56 -50.69
O4 NAG T . 37.27 -11.10 -52.44
O5 NAG T . 36.83 -14.28 -50.67
O6 NAG T . 39.06 -14.64 -52.78
O7 NAG T . 33.51 -12.17 -47.81
C1 GOL U . 35.68 45.55 10.56
O1 GOL U . 36.32 45.43 11.82
C2 GOL U . 34.74 46.73 10.53
O2 GOL U . 35.29 47.74 9.69
C3 GOL U . 33.35 46.37 10.06
O3 GOL U . 32.59 47.53 9.72
C1 GOL V . 30.31 30.56 -1.12
O1 GOL V . 30.26 30.59 -2.52
C2 GOL V . 29.01 31.20 -0.55
O2 GOL V . 28.98 31.20 0.85
C3 GOL V . 28.97 32.64 -1.15
O3 GOL V . 27.77 33.23 -0.77
C1 GOL W . 42.21 48.08 -11.05
O1 GOL W . 42.14 46.89 -11.76
C2 GOL W . 42.06 47.71 -9.55
O2 GOL W . 42.95 48.43 -8.75
C3 GOL W . 40.58 48.02 -9.21
O3 GOL W . 40.31 47.46 -7.95
C1 GOL X . -37.15 -17.00 -12.50
O1 GOL X . -36.15 -17.02 -13.47
C2 GOL X . -37.19 -18.41 -11.84
O2 GOL X . -38.20 -18.49 -10.88
C3 GOL X . -37.42 -19.42 -13.00
O3 GOL X . -38.76 -19.32 -13.38
C1 MLI Y . -44.73 -15.47 -4.11
C2 MLI Y . -45.85 -16.12 -3.32
C3 MLI Y . -44.09 -14.29 -3.41
O6 MLI Y . -46.98 -16.22 -3.86
O7 MLI Y . -45.60 -16.52 -2.18
O8 MLI Y . -42.84 -14.19 -3.44
O9 MLI Y . -44.83 -13.47 -2.85
C1 GOL Z . -50.35 -32.40 7.10
O1 GOL Z . -50.98 -33.04 6.02
C2 GOL Z . -51.45 -31.79 8.00
O2 GOL Z . -50.92 -31.18 9.12
C3 GOL Z . -52.19 -30.78 7.09
O3 GOL Z . -53.26 -30.29 7.85
C1 GOL AA . -45.69 -15.06 11.02
O1 GOL AA . -45.30 -14.47 9.81
C2 GOL AA . -46.27 -16.45 10.66
O2 GOL AA . -46.53 -17.19 11.79
C3 GOL AA . -47.56 -16.16 9.84
O3 GOL AA . -48.46 -15.51 10.69
C1 GOL BA . -40.75 -41.68 17.88
O1 GOL BA . -40.05 -42.55 17.03
C2 GOL BA . -42.00 -42.43 18.37
O2 GOL BA . -42.43 -41.96 19.61
C3 GOL BA . -43.06 -42.18 17.26
O3 GOL BA . -44.11 -43.06 17.51
C1 NAG CA . -56.01 -30.22 11.13
C2 NAG CA . -56.22 -30.92 12.48
C3 NAG CA . -56.71 -32.35 12.26
C4 NAG CA . -57.94 -32.37 11.37
C5 NAG CA . -57.64 -31.64 10.07
C6 NAG CA . -58.86 -31.53 9.17
C7 NAG CA . -54.99 -30.85 14.60
C8 NAG CA . -53.63 -30.87 15.25
N2 NAG CA . -55.00 -30.91 13.26
O3 NAG CA . -57.02 -32.94 13.53
O4 NAG CA . -58.32 -33.71 11.08
O5 NAG CA . -57.22 -30.31 10.36
O6 NAG CA . -58.59 -30.67 8.06
O7 NAG CA . -56.03 -30.79 15.26
C1 GOL DA . -6.58 -38.71 -22.44
O1 GOL DA . -5.82 -39.37 -23.41
C2 GOL DA . -6.28 -39.41 -21.08
O2 GOL DA . -6.92 -38.77 -20.02
C3 GOL DA . -6.78 -40.86 -21.26
O3 GOL DA . -6.00 -41.64 -20.41
C1 GOL EA . -15.75 -35.84 -3.51
O1 GOL EA . -14.41 -35.88 -3.15
C2 GOL EA . -16.52 -35.20 -2.30
O2 GOL EA . -16.58 -33.82 -2.40
C3 GOL EA . -17.93 -35.84 -2.33
O3 GOL EA . -17.76 -37.22 -2.17
C1 GOL FA . 12.49 -38.33 -44.87
O1 GOL FA . 12.71 -39.67 -45.19
C2 GOL FA . 12.92 -38.12 -43.39
O2 GOL FA . 12.64 -36.84 -42.94
C3 GOL FA . 12.15 -39.19 -42.60
O3 GOL FA . 10.79 -38.99 -42.84
C1 GOL GA . 1.87 -30.62 -28.89
O1 GOL GA . 2.76 -29.68 -28.41
C2 GOL GA . 0.45 -30.10 -28.51
O2 GOL GA . -0.02 -29.15 -29.40
C3 GOL GA . -0.44 -31.35 -28.48
O3 GOL GA . -1.71 -30.91 -28.10
C1 GOL HA . -28.22 -24.83 -5.45
O1 GOL HA . -28.08 -26.15 -5.87
C2 GOL HA . -29.07 -24.85 -4.15
O2 GOL HA . -28.33 -25.21 -3.04
C3 GOL HA . -29.63 -23.41 -4.04
O3 GOL HA . -29.90 -23.17 -2.69
#